data_2BM6
# 
_entry.id   2BM6 
# 
_audit_conform.dict_name       mmcif_pdbx.dic 
_audit_conform.dict_version    5.391 
_audit_conform.dict_location   http://mmcif.pdb.org/dictionaries/ascii/mmcif_pdbx.dic 
# 
loop_
_database_2.database_id 
_database_2.database_code 
_database_2.pdbx_database_accession 
_database_2.pdbx_DOI 
PDB   2BM6         pdb_00002bm6 10.2210/pdb2bm6/pdb 
PDBE  EBI-23267    ?            ?                   
WWPDB D_1290023267 ?            ?                   
# 
loop_
_pdbx_audit_revision_history.ordinal 
_pdbx_audit_revision_history.data_content_type 
_pdbx_audit_revision_history.major_revision 
_pdbx_audit_revision_history.minor_revision 
_pdbx_audit_revision_history.revision_date 
1 'Structure model' 1 0 2005-06-07 
2 'Structure model' 1 1 2011-05-08 
3 'Structure model' 1 2 2011-07-13 
4 'Structure model' 1 3 2024-05-01 
# 
_pdbx_audit_revision_details.ordinal             1 
_pdbx_audit_revision_details.revision_ordinal    1 
_pdbx_audit_revision_details.data_content_type   'Structure model' 
_pdbx_audit_revision_details.provider            repository 
_pdbx_audit_revision_details.type                'Initial release' 
_pdbx_audit_revision_details.description         ? 
_pdbx_audit_revision_details.details             ? 
# 
loop_
_pdbx_audit_revision_group.ordinal 
_pdbx_audit_revision_group.revision_ordinal 
_pdbx_audit_revision_group.data_content_type 
_pdbx_audit_revision_group.group 
1 2 'Structure model' 'Version format compliance' 
2 3 'Structure model' 'Version format compliance' 
3 4 'Structure model' 'Data collection'           
4 4 'Structure model' 'Database references'       
5 4 'Structure model' 'Derived calculations'      
6 4 'Structure model' Other                       
7 4 'Structure model' 'Refinement description'    
# 
loop_
_pdbx_audit_revision_category.ordinal 
_pdbx_audit_revision_category.revision_ordinal 
_pdbx_audit_revision_category.data_content_type 
_pdbx_audit_revision_category.category 
1 4 'Structure model' chem_comp_atom                
2 4 'Structure model' chem_comp_bond                
3 4 'Structure model' database_2                    
4 4 'Structure model' pdbx_database_status          
5 4 'Structure model' pdbx_initial_refinement_model 
6 4 'Structure model' pdbx_struct_conn_angle        
7 4 'Structure model' struct_conn                   
# 
loop_
_pdbx_audit_revision_item.ordinal 
_pdbx_audit_revision_item.revision_ordinal 
_pdbx_audit_revision_item.data_content_type 
_pdbx_audit_revision_item.item 
1  4 'Structure model' '_database_2.pdbx_DOI'                        
2  4 'Structure model' '_database_2.pdbx_database_accession'         
3  4 'Structure model' '_pdbx_database_status.status_code_sf'        
4  4 'Structure model' '_pdbx_struct_conn_angle.ptnr1_auth_comp_id'  
5  4 'Structure model' '_pdbx_struct_conn_angle.ptnr1_auth_seq_id'   
6  4 'Structure model' '_pdbx_struct_conn_angle.ptnr1_label_asym_id' 
7  4 'Structure model' '_pdbx_struct_conn_angle.ptnr1_label_atom_id' 
8  4 'Structure model' '_pdbx_struct_conn_angle.ptnr1_label_comp_id' 
9  4 'Structure model' '_pdbx_struct_conn_angle.ptnr1_label_seq_id'  
10 4 'Structure model' '_pdbx_struct_conn_angle.ptnr1_symmetry'      
11 4 'Structure model' '_pdbx_struct_conn_angle.ptnr2_auth_seq_id'   
12 4 'Structure model' '_pdbx_struct_conn_angle.ptnr2_label_asym_id' 
13 4 'Structure model' '_pdbx_struct_conn_angle.ptnr3_auth_comp_id'  
14 4 'Structure model' '_pdbx_struct_conn_angle.ptnr3_auth_seq_id'   
15 4 'Structure model' '_pdbx_struct_conn_angle.ptnr3_label_asym_id' 
16 4 'Structure model' '_pdbx_struct_conn_angle.ptnr3_label_atom_id' 
17 4 'Structure model' '_pdbx_struct_conn_angle.ptnr3_label_comp_id' 
18 4 'Structure model' '_pdbx_struct_conn_angle.ptnr3_label_seq_id'  
19 4 'Structure model' '_pdbx_struct_conn_angle.ptnr3_symmetry'      
20 4 'Structure model' '_pdbx_struct_conn_angle.value'               
21 4 'Structure model' '_struct_conn.pdbx_dist_value'                
22 4 'Structure model' '_struct_conn.ptnr1_auth_comp_id'             
23 4 'Structure model' '_struct_conn.ptnr1_auth_seq_id'              
24 4 'Structure model' '_struct_conn.ptnr1_label_asym_id'            
25 4 'Structure model' '_struct_conn.ptnr1_label_atom_id'            
26 4 'Structure model' '_struct_conn.ptnr1_label_comp_id'            
27 4 'Structure model' '_struct_conn.ptnr1_label_seq_id'             
28 4 'Structure model' '_struct_conn.ptnr1_symmetry'                 
29 4 'Structure model' '_struct_conn.ptnr2_auth_comp_id'             
30 4 'Structure model' '_struct_conn.ptnr2_auth_seq_id'              
31 4 'Structure model' '_struct_conn.ptnr2_label_asym_id'            
32 4 'Structure model' '_struct_conn.ptnr2_label_atom_id'            
33 4 'Structure model' '_struct_conn.ptnr2_label_comp_id'            
34 4 'Structure model' '_struct_conn.ptnr2_label_seq_id'             
35 4 'Structure model' '_struct_conn.ptnr2_symmetry'                 
# 
_pdbx_database_status.status_code                     REL 
_pdbx_database_status.entry_id                        2BM6 
_pdbx_database_status.deposit_site                    PDBE 
_pdbx_database_status.process_site                    PDBE 
_pdbx_database_status.SG_entry                        . 
_pdbx_database_status.recvd_initial_deposition_date   2005-03-09 
_pdbx_database_status.pdb_format_compatible           Y 
_pdbx_database_status.status_code_sf                  REL 
_pdbx_database_status.status_code_mr                  ? 
_pdbx_database_status.status_code_cs                  ? 
_pdbx_database_status.methods_development_category    ? 
_pdbx_database_status.status_code_nmr_data            ? 
# 
loop_
_pdbx_database_related.db_name 
_pdbx_database_related.db_id 
_pdbx_database_related.content_type 
_pdbx_database_related.details 
PDB 2BM4 unspecified 
;THE STRUCTURE OF MFPA (RV3361C, C2 CRYSTAL FORM). THE PENTAPEPTIDE REPEAT PROTEIN FROM MYCOBACTERIUM TUBERCULOSIS FOLDS AS A RIGHT- HANDED QUADRILATERAL BETA-HELIX.
;
PDB 2BM5 unspecified 
;THE STRUCTURE OF MFPA (RV3361C, C2 CRYSTAL FORM). THE PENTAPEPTIDE REPEAT PROTEIN FROM MYCOBACTERIUM TUBERCULOSIS FOLDS AS A RIGHT- HANDED QUADRILATERAL BETA-HELIX.
;
PDB 2BM7 unspecified 
;THE STRUCTURE OF MFPA (RV3361C, C2 CRYSTAL FORM). THE PENTAPEPTIDE REPEAT PROTEIN FROM MYCOBACTERIUM TUBERCULOSIS FOLDS AS A RIGHT- HANDED QUADRILATERAL BETA-HELIX.
;
# 
loop_
_audit_author.name 
_audit_author.pdbx_ordinal 
'Hegde, S.S.'      1 
'Vetting, M.W.'    2 
'Roderick, S.L.'   3 
'Mitchenall, L.A.' 4 
'Maxwell, A.'      5 
'Takiff, H.E.'     6 
'Blanchard, J.S.'  7 
# 
_citation.id                        primary 
_citation.title                     'A Fluroquinolone Resistance Protein from Mycobacterium Tuberculosis that Mimics DNA' 
_citation.journal_abbrev            Science 
_citation.journal_volume            308 
_citation.page_first                1480 
_citation.page_last                 ? 
_citation.year                      2005 
_citation.journal_id_ASTM           SCIEAS 
_citation.country                   US 
_citation.journal_id_ISSN           0036-8075 
_citation.journal_id_CSD            0038 
_citation.book_publisher            ? 
_citation.pdbx_database_id_PubMed   15933203 
_citation.pdbx_database_id_DOI      10.1126/SCIENCE.1110699 
# 
loop_
_citation_author.citation_id 
_citation_author.name 
_citation_author.ordinal 
_citation_author.identifier_ORCID 
primary 'Hegde, S.S.'      1 ? 
primary 'Vetting, M.W.'    2 ? 
primary 'Roderick, S.L.'   3 ? 
primary 'Mitchenall, L.A.' 4 ? 
primary 'Maxwell, A.'      5 ? 
primary 'Takiff, H.E.'     6 ? 
primary 'Blanchard, J.S.'  7 ? 
# 
loop_
_entity.id 
_entity.type 
_entity.src_method 
_entity.pdbx_description 
_entity.formula_weight 
_entity.pdbx_number_of_molecules 
_entity.pdbx_ec 
_entity.pdbx_mutation 
_entity.pdbx_fragment 
_entity.details 
1 polymer     man 'PENTAPEPTIDE REPEAT FAMILY PROTEIN' 20325.859 1  ? ? ? ? 
2 non-polymer syn 'CESIUM ION'                         132.905   6  ? ? ? ? 
3 water       nat water                                18.015    75 ? ? ? ? 
# 
_entity_name_com.entity_id   1 
_entity_name_com.name        'MFPA, RV3361C' 
# 
_entity_poly.entity_id                      1 
_entity_poly.type                           'polypeptide(L)' 
_entity_poly.nstd_linkage                   no 
_entity_poly.nstd_monomer                   no 
_entity_poly.pdbx_seq_one_letter_code       
;GSHMQQWVDCEFTGRDFRDEDLSRLHTERAMFSECDFSGVNLAESQHRGSAFRNCTFERTTLWHSTFAQCSMLGSVFVAC
RLRPLTLDDVDFTLAVLGGNDLRGLNLTGCRLRETSLVDTDLRKCVLRGADLSGARTTGARLDDADLRGATVDPVLWRTA
SLVGARVDVDQAVAFAAAHGLCLAGG
;
_entity_poly.pdbx_seq_one_letter_code_can   
;GSHMQQWVDCEFTGRDFRDEDLSRLHTERAMFSECDFSGVNLAESQHRGSAFRNCTFERTTLWHSTFAQCSMLGSVFVAC
RLRPLTLDDVDFTLAVLGGNDLRGLNLTGCRLRETSLVDTDLRKCVLRGADLSGARTTGARLDDADLRGATVDPVLWRTA
SLVGARVDVDQAVAFAAAHGLCLAGG
;
_entity_poly.pdbx_strand_id                 A 
_entity_poly.pdbx_target_identifier         ? 
# 
loop_
_pdbx_entity_nonpoly.entity_id 
_pdbx_entity_nonpoly.name 
_pdbx_entity_nonpoly.comp_id 
2 'CESIUM ION' CS  
3 water        HOH 
# 
loop_
_entity_poly_seq.entity_id 
_entity_poly_seq.num 
_entity_poly_seq.mon_id 
_entity_poly_seq.hetero 
1 1   GLY n 
1 2   SER n 
1 3   HIS n 
1 4   MET n 
1 5   GLN n 
1 6   GLN n 
1 7   TRP n 
1 8   VAL n 
1 9   ASP n 
1 10  CYS n 
1 11  GLU n 
1 12  PHE n 
1 13  THR n 
1 14  GLY n 
1 15  ARG n 
1 16  ASP n 
1 17  PHE n 
1 18  ARG n 
1 19  ASP n 
1 20  GLU n 
1 21  ASP n 
1 22  LEU n 
1 23  SER n 
1 24  ARG n 
1 25  LEU n 
1 26  HIS n 
1 27  THR n 
1 28  GLU n 
1 29  ARG n 
1 30  ALA n 
1 31  MET n 
1 32  PHE n 
1 33  SER n 
1 34  GLU n 
1 35  CYS n 
1 36  ASP n 
1 37  PHE n 
1 38  SER n 
1 39  GLY n 
1 40  VAL n 
1 41  ASN n 
1 42  LEU n 
1 43  ALA n 
1 44  GLU n 
1 45  SER n 
1 46  GLN n 
1 47  HIS n 
1 48  ARG n 
1 49  GLY n 
1 50  SER n 
1 51  ALA n 
1 52  PHE n 
1 53  ARG n 
1 54  ASN n 
1 55  CYS n 
1 56  THR n 
1 57  PHE n 
1 58  GLU n 
1 59  ARG n 
1 60  THR n 
1 61  THR n 
1 62  LEU n 
1 63  TRP n 
1 64  HIS n 
1 65  SER n 
1 66  THR n 
1 67  PHE n 
1 68  ALA n 
1 69  GLN n 
1 70  CYS n 
1 71  SER n 
1 72  MET n 
1 73  LEU n 
1 74  GLY n 
1 75  SER n 
1 76  VAL n 
1 77  PHE n 
1 78  VAL n 
1 79  ALA n 
1 80  CYS n 
1 81  ARG n 
1 82  LEU n 
1 83  ARG n 
1 84  PRO n 
1 85  LEU n 
1 86  THR n 
1 87  LEU n 
1 88  ASP n 
1 89  ASP n 
1 90  VAL n 
1 91  ASP n 
1 92  PHE n 
1 93  THR n 
1 94  LEU n 
1 95  ALA n 
1 96  VAL n 
1 97  LEU n 
1 98  GLY n 
1 99  GLY n 
1 100 ASN n 
1 101 ASP n 
1 102 LEU n 
1 103 ARG n 
1 104 GLY n 
1 105 LEU n 
1 106 ASN n 
1 107 LEU n 
1 108 THR n 
1 109 GLY n 
1 110 CYS n 
1 111 ARG n 
1 112 LEU n 
1 113 ARG n 
1 114 GLU n 
1 115 THR n 
1 116 SER n 
1 117 LEU n 
1 118 VAL n 
1 119 ASP n 
1 120 THR n 
1 121 ASP n 
1 122 LEU n 
1 123 ARG n 
1 124 LYS n 
1 125 CYS n 
1 126 VAL n 
1 127 LEU n 
1 128 ARG n 
1 129 GLY n 
1 130 ALA n 
1 131 ASP n 
1 132 LEU n 
1 133 SER n 
1 134 GLY n 
1 135 ALA n 
1 136 ARG n 
1 137 THR n 
1 138 THR n 
1 139 GLY n 
1 140 ALA n 
1 141 ARG n 
1 142 LEU n 
1 143 ASP n 
1 144 ASP n 
1 145 ALA n 
1 146 ASP n 
1 147 LEU n 
1 148 ARG n 
1 149 GLY n 
1 150 ALA n 
1 151 THR n 
1 152 VAL n 
1 153 ASP n 
1 154 PRO n 
1 155 VAL n 
1 156 LEU n 
1 157 TRP n 
1 158 ARG n 
1 159 THR n 
1 160 ALA n 
1 161 SER n 
1 162 LEU n 
1 163 VAL n 
1 164 GLY n 
1 165 ALA n 
1 166 ARG n 
1 167 VAL n 
1 168 ASP n 
1 169 VAL n 
1 170 ASP n 
1 171 GLN n 
1 172 ALA n 
1 173 VAL n 
1 174 ALA n 
1 175 PHE n 
1 176 ALA n 
1 177 ALA n 
1 178 ALA n 
1 179 HIS n 
1 180 GLY n 
1 181 LEU n 
1 182 CYS n 
1 183 LEU n 
1 184 ALA n 
1 185 GLY n 
1 186 GLY n 
# 
_entity_src_gen.entity_id                          1 
_entity_src_gen.pdbx_src_id                        1 
_entity_src_gen.pdbx_alt_source_flag               sample 
_entity_src_gen.pdbx_seq_type                      ? 
_entity_src_gen.pdbx_beg_seq_num                   ? 
_entity_src_gen.pdbx_end_seq_num                   ? 
_entity_src_gen.gene_src_common_name               ? 
_entity_src_gen.gene_src_genus                     ? 
_entity_src_gen.pdbx_gene_src_gene                 ? 
_entity_src_gen.gene_src_species                   ? 
_entity_src_gen.gene_src_strain                    H37RV 
_entity_src_gen.gene_src_tissue                    ? 
_entity_src_gen.gene_src_tissue_fraction           ? 
_entity_src_gen.gene_src_details                   ? 
_entity_src_gen.pdbx_gene_src_fragment             ? 
_entity_src_gen.pdbx_gene_src_scientific_name      'MYCOBACTERIUM TUBERCULOSIS' 
_entity_src_gen.pdbx_gene_src_ncbi_taxonomy_id     83332 
_entity_src_gen.pdbx_gene_src_variant              ? 
_entity_src_gen.pdbx_gene_src_cell_line            ? 
_entity_src_gen.pdbx_gene_src_atcc                 ? 
_entity_src_gen.pdbx_gene_src_organ                ? 
_entity_src_gen.pdbx_gene_src_organelle            ? 
_entity_src_gen.pdbx_gene_src_cell                 ? 
_entity_src_gen.pdbx_gene_src_cellular_location    ? 
_entity_src_gen.host_org_common_name               ? 
_entity_src_gen.pdbx_host_org_scientific_name      'ESCHERICHIA COLI' 
_entity_src_gen.pdbx_host_org_ncbi_taxonomy_id     562 
_entity_src_gen.host_org_genus                     ? 
_entity_src_gen.pdbx_host_org_gene                 ? 
_entity_src_gen.pdbx_host_org_organ                ? 
_entity_src_gen.host_org_species                   ? 
_entity_src_gen.pdbx_host_org_tissue               ? 
_entity_src_gen.pdbx_host_org_tissue_fraction      ? 
_entity_src_gen.pdbx_host_org_strain               ? 
_entity_src_gen.pdbx_host_org_variant              ? 
_entity_src_gen.pdbx_host_org_cell_line            ? 
_entity_src_gen.pdbx_host_org_atcc                 ? 
_entity_src_gen.pdbx_host_org_culture_collection   ? 
_entity_src_gen.pdbx_host_org_cell                 ? 
_entity_src_gen.pdbx_host_org_organelle            ? 
_entity_src_gen.pdbx_host_org_cellular_location    ? 
_entity_src_gen.pdbx_host_org_vector_type          ? 
_entity_src_gen.pdbx_host_org_vector               ? 
_entity_src_gen.host_org_details                   ? 
_entity_src_gen.expression_system_id               ? 
_entity_src_gen.plasmid_name                       PET28A 
_entity_src_gen.plasmid_details                    ? 
_entity_src_gen.pdbx_description                   ? 
# 
loop_
_chem_comp.id 
_chem_comp.type 
_chem_comp.mon_nstd_flag 
_chem_comp.name 
_chem_comp.pdbx_synonyms 
_chem_comp.formula 
_chem_comp.formula_weight 
ALA 'L-peptide linking' y ALANINE         ? 'C3 H7 N O2'     89.093  
ARG 'L-peptide linking' y ARGININE        ? 'C6 H15 N4 O2 1' 175.209 
ASN 'L-peptide linking' y ASPARAGINE      ? 'C4 H8 N2 O3'    132.118 
ASP 'L-peptide linking' y 'ASPARTIC ACID' ? 'C4 H7 N O4'     133.103 
CS  non-polymer         . 'CESIUM ION'    ? 'Cs 1'           132.905 
CYS 'L-peptide linking' y CYSTEINE        ? 'C3 H7 N O2 S'   121.158 
GLN 'L-peptide linking' y GLUTAMINE       ? 'C5 H10 N2 O3'   146.144 
GLU 'L-peptide linking' y 'GLUTAMIC ACID' ? 'C5 H9 N O4'     147.129 
GLY 'peptide linking'   y GLYCINE         ? 'C2 H5 N O2'     75.067  
HIS 'L-peptide linking' y HISTIDINE       ? 'C6 H10 N3 O2 1' 156.162 
HOH non-polymer         . WATER           ? 'H2 O'           18.015  
LEU 'L-peptide linking' y LEUCINE         ? 'C6 H13 N O2'    131.173 
LYS 'L-peptide linking' y LYSINE          ? 'C6 H15 N2 O2 1' 147.195 
MET 'L-peptide linking' y METHIONINE      ? 'C5 H11 N O2 S'  149.211 
PHE 'L-peptide linking' y PHENYLALANINE   ? 'C9 H11 N O2'    165.189 
PRO 'L-peptide linking' y PROLINE         ? 'C5 H9 N O2'     115.130 
SER 'L-peptide linking' y SERINE          ? 'C3 H7 N O3'     105.093 
THR 'L-peptide linking' y THREONINE       ? 'C4 H9 N O3'     119.119 
TRP 'L-peptide linking' y TRYPTOPHAN      ? 'C11 H12 N2 O2'  204.225 
VAL 'L-peptide linking' y VALINE          ? 'C5 H11 N O2'    117.146 
# 
loop_
_pdbx_poly_seq_scheme.asym_id 
_pdbx_poly_seq_scheme.entity_id 
_pdbx_poly_seq_scheme.seq_id 
_pdbx_poly_seq_scheme.mon_id 
_pdbx_poly_seq_scheme.ndb_seq_num 
_pdbx_poly_seq_scheme.pdb_seq_num 
_pdbx_poly_seq_scheme.auth_seq_num 
_pdbx_poly_seq_scheme.pdb_mon_id 
_pdbx_poly_seq_scheme.auth_mon_id 
_pdbx_poly_seq_scheme.pdb_strand_id 
_pdbx_poly_seq_scheme.pdb_ins_code 
_pdbx_poly_seq_scheme.hetero 
A 1 1   GLY 1   -2  ?   ?   ?   A . n 
A 1 2   SER 2   -1  ?   ?   ?   A . n 
A 1 3   HIS 3   0   ?   ?   ?   A . n 
A 1 4   MET 4   1   ?   ?   ?   A . n 
A 1 5   GLN 5   2   ?   ?   ?   A . n 
A 1 6   GLN 6   3   3   GLN GLN A . n 
A 1 7   TRP 7   4   4   TRP TRP A . n 
A 1 8   VAL 8   5   5   VAL VAL A . n 
A 1 9   ASP 9   6   6   ASP ASP A . n 
A 1 10  CYS 10  7   7   CYS CYS A . n 
A 1 11  GLU 11  8   8   GLU GLU A . n 
A 1 12  PHE 12  9   9   PHE PHE A . n 
A 1 13  THR 13  10  10  THR THR A . n 
A 1 14  GLY 14  11  11  GLY GLY A . n 
A 1 15  ARG 15  12  12  ARG ARG A . n 
A 1 16  ASP 16  13  13  ASP ASP A . n 
A 1 17  PHE 17  14  14  PHE PHE A . n 
A 1 18  ARG 18  15  15  ARG ARG A . n 
A 1 19  ASP 19  16  16  ASP ASP A . n 
A 1 20  GLU 20  17  17  GLU GLU A . n 
A 1 21  ASP 21  18  18  ASP ASP A . n 
A 1 22  LEU 22  19  19  LEU LEU A . n 
A 1 23  SER 23  20  20  SER SER A . n 
A 1 24  ARG 24  21  21  ARG ARG A . n 
A 1 25  LEU 25  22  22  LEU LEU A . n 
A 1 26  HIS 26  23  23  HIS HIS A . n 
A 1 27  THR 27  24  24  THR THR A . n 
A 1 28  GLU 28  25  25  GLU GLU A . n 
A 1 29  ARG 29  26  26  ARG ARG A . n 
A 1 30  ALA 30  27  27  ALA ALA A . n 
A 1 31  MET 31  28  28  MET MET A . n 
A 1 32  PHE 32  29  29  PHE PHE A . n 
A 1 33  SER 33  30  30  SER SER A . n 
A 1 34  GLU 34  31  31  GLU GLU A . n 
A 1 35  CYS 35  32  32  CYS CYS A . n 
A 1 36  ASP 36  33  33  ASP ASP A . n 
A 1 37  PHE 37  34  34  PHE PHE A . n 
A 1 38  SER 38  35  35  SER SER A . n 
A 1 39  GLY 39  36  36  GLY GLY A . n 
A 1 40  VAL 40  37  37  VAL VAL A . n 
A 1 41  ASN 41  38  38  ASN ASN A . n 
A 1 42  LEU 42  39  39  LEU LEU A . n 
A 1 43  ALA 43  40  40  ALA ALA A . n 
A 1 44  GLU 44  41  41  GLU GLU A . n 
A 1 45  SER 45  42  42  SER SER A . n 
A 1 46  GLN 46  43  43  GLN GLN A . n 
A 1 47  HIS 47  44  44  HIS HIS A . n 
A 1 48  ARG 48  45  45  ARG ARG A . n 
A 1 49  GLY 49  46  46  GLY GLY A . n 
A 1 50  SER 50  47  47  SER SER A . n 
A 1 51  ALA 51  48  48  ALA ALA A . n 
A 1 52  PHE 52  49  49  PHE PHE A . n 
A 1 53  ARG 53  50  50  ARG ARG A . n 
A 1 54  ASN 54  51  51  ASN ASN A . n 
A 1 55  CYS 55  52  52  CYS CYS A . n 
A 1 56  THR 56  53  53  THR THR A . n 
A 1 57  PHE 57  54  54  PHE PHE A . n 
A 1 58  GLU 58  55  55  GLU GLU A . n 
A 1 59  ARG 59  56  56  ARG ARG A . n 
A 1 60  THR 60  57  57  THR THR A . n 
A 1 61  THR 61  58  58  THR THR A . n 
A 1 62  LEU 62  59  59  LEU LEU A . n 
A 1 63  TRP 63  60  60  TRP TRP A . n 
A 1 64  HIS 64  61  61  HIS HIS A . n 
A 1 65  SER 65  62  62  SER SER A . n 
A 1 66  THR 66  63  63  THR THR A . n 
A 1 67  PHE 67  64  64  PHE PHE A . n 
A 1 68  ALA 68  65  65  ALA ALA A . n 
A 1 69  GLN 69  66  66  GLN GLN A . n 
A 1 70  CYS 70  67  67  CYS CYS A . n 
A 1 71  SER 71  68  68  SER SER A . n 
A 1 72  MET 72  69  69  MET MET A . n 
A 1 73  LEU 73  70  70  LEU LEU A . n 
A 1 74  GLY 74  71  71  GLY GLY A . n 
A 1 75  SER 75  72  72  SER SER A . n 
A 1 76  VAL 76  73  73  VAL VAL A . n 
A 1 77  PHE 77  74  74  PHE PHE A . n 
A 1 78  VAL 78  75  75  VAL VAL A . n 
A 1 79  ALA 79  76  76  ALA ALA A . n 
A 1 80  CYS 80  77  77  CYS CYS A . n 
A 1 81  ARG 81  78  78  ARG ARG A . n 
A 1 82  LEU 82  79  79  LEU LEU A . n 
A 1 83  ARG 83  80  80  ARG ARG A . n 
A 1 84  PRO 84  81  81  PRO PRO A . n 
A 1 85  LEU 85  82  82  LEU LEU A . n 
A 1 86  THR 86  83  83  THR THR A . n 
A 1 87  LEU 87  84  84  LEU LEU A . n 
A 1 88  ASP 88  85  85  ASP ASP A . n 
A 1 89  ASP 89  86  86  ASP ASP A . n 
A 1 90  VAL 90  87  87  VAL VAL A . n 
A 1 91  ASP 91  88  88  ASP ASP A . n 
A 1 92  PHE 92  89  89  PHE PHE A . n 
A 1 93  THR 93  90  90  THR THR A . n 
A 1 94  LEU 94  91  91  LEU LEU A . n 
A 1 95  ALA 95  92  92  ALA ALA A . n 
A 1 96  VAL 96  93  93  VAL VAL A . n 
A 1 97  LEU 97  94  94  LEU LEU A . n 
A 1 98  GLY 98  95  95  GLY GLY A . n 
A 1 99  GLY 99  96  96  GLY GLY A . n 
A 1 100 ASN 100 97  97  ASN ASN A . n 
A 1 101 ASP 101 98  98  ASP ASP A . n 
A 1 102 LEU 102 99  99  LEU LEU A . n 
A 1 103 ARG 103 100 100 ARG ARG A . n 
A 1 104 GLY 104 101 101 GLY GLY A . n 
A 1 105 LEU 105 102 102 LEU LEU A . n 
A 1 106 ASN 106 103 103 ASN ASN A . n 
A 1 107 LEU 107 104 104 LEU LEU A . n 
A 1 108 THR 108 105 105 THR THR A . n 
A 1 109 GLY 109 106 106 GLY GLY A . n 
A 1 110 CYS 110 107 107 CYS CYS A . n 
A 1 111 ARG 111 108 108 ARG ARG A . n 
A 1 112 LEU 112 109 109 LEU LEU A . n 
A 1 113 ARG 113 110 110 ARG ARG A . n 
A 1 114 GLU 114 111 111 GLU GLU A . n 
A 1 115 THR 115 112 112 THR THR A . n 
A 1 116 SER 116 113 113 SER SER A . n 
A 1 117 LEU 117 114 114 LEU LEU A . n 
A 1 118 VAL 118 115 115 VAL VAL A . n 
A 1 119 ASP 119 116 116 ASP ASP A . n 
A 1 120 THR 120 117 117 THR THR A . n 
A 1 121 ASP 121 118 118 ASP ASP A . n 
A 1 122 LEU 122 119 119 LEU LEU A . n 
A 1 123 ARG 123 120 120 ARG ARG A . n 
A 1 124 LYS 124 121 121 LYS LYS A . n 
A 1 125 CYS 125 122 122 CYS CYS A . n 
A 1 126 VAL 126 123 123 VAL VAL A . n 
A 1 127 LEU 127 124 124 LEU LEU A . n 
A 1 128 ARG 128 125 125 ARG ARG A . n 
A 1 129 GLY 129 126 126 GLY GLY A . n 
A 1 130 ALA 130 127 127 ALA ALA A . n 
A 1 131 ASP 131 128 128 ASP ASP A . n 
A 1 132 LEU 132 129 129 LEU LEU A . n 
A 1 133 SER 133 130 130 SER SER A . n 
A 1 134 GLY 134 131 131 GLY GLY A . n 
A 1 135 ALA 135 132 132 ALA ALA A . n 
A 1 136 ARG 136 133 133 ARG ARG A . n 
A 1 137 THR 137 134 134 THR THR A . n 
A 1 138 THR 138 135 135 THR THR A . n 
A 1 139 GLY 139 136 136 GLY GLY A . n 
A 1 140 ALA 140 137 137 ALA ALA A . n 
A 1 141 ARG 141 138 138 ARG ARG A . n 
A 1 142 LEU 142 139 139 LEU LEU A . n 
A 1 143 ASP 143 140 140 ASP ASP A . n 
A 1 144 ASP 144 141 141 ASP ASP A . n 
A 1 145 ALA 145 142 142 ALA ALA A . n 
A 1 146 ASP 146 143 143 ASP ASP A . n 
A 1 147 LEU 147 144 144 LEU LEU A . n 
A 1 148 ARG 148 145 145 ARG ARG A . n 
A 1 149 GLY 149 146 146 GLY GLY A . n 
A 1 150 ALA 150 147 147 ALA ALA A . n 
A 1 151 THR 151 148 148 THR THR A . n 
A 1 152 VAL 152 149 149 VAL VAL A . n 
A 1 153 ASP 153 150 150 ASP ASP A . n 
A 1 154 PRO 154 151 151 PRO PRO A . n 
A 1 155 VAL 155 152 152 VAL VAL A . n 
A 1 156 LEU 156 153 153 LEU LEU A . n 
A 1 157 TRP 157 154 154 TRP TRP A . n 
A 1 158 ARG 158 155 155 ARG ARG A . n 
A 1 159 THR 159 156 156 THR THR A . n 
A 1 160 ALA 160 157 157 ALA ALA A . n 
A 1 161 SER 161 158 158 SER SER A . n 
A 1 162 LEU 162 159 159 LEU LEU A . n 
A 1 163 VAL 163 160 160 VAL VAL A . n 
A 1 164 GLY 164 161 161 GLY GLY A . n 
A 1 165 ALA 165 162 162 ALA ALA A . n 
A 1 166 ARG 166 163 163 ARG ARG A . n 
A 1 167 VAL 167 164 164 VAL VAL A . n 
A 1 168 ASP 168 165 165 ASP ASP A . n 
A 1 169 VAL 169 166 166 VAL VAL A . n 
A 1 170 ASP 170 167 167 ASP ASP A . n 
A 1 171 GLN 171 168 168 GLN GLN A . n 
A 1 172 ALA 172 169 169 ALA ALA A . n 
A 1 173 VAL 173 170 170 VAL VAL A . n 
A 1 174 ALA 174 171 171 ALA ALA A . n 
A 1 175 PHE 175 172 172 PHE PHE A . n 
A 1 176 ALA 176 173 173 ALA ALA A . n 
A 1 177 ALA 177 174 174 ALA ALA A . n 
A 1 178 ALA 178 175 175 ALA ALA A . n 
A 1 179 HIS 179 176 176 HIS HIS A . n 
A 1 180 GLY 180 177 177 GLY GLY A . n 
A 1 181 LEU 181 178 178 LEU LEU A . n 
A 1 182 CYS 182 179 179 CYS CYS A . n 
A 1 183 LEU 183 180 180 LEU LEU A . n 
A 1 184 ALA 184 181 181 ALA ALA A . n 
A 1 185 GLY 185 182 ?   ?   ?   A . n 
A 1 186 GLY 186 183 ?   ?   ?   A . n 
# 
loop_
_pdbx_nonpoly_scheme.asym_id 
_pdbx_nonpoly_scheme.entity_id 
_pdbx_nonpoly_scheme.mon_id 
_pdbx_nonpoly_scheme.ndb_seq_num 
_pdbx_nonpoly_scheme.pdb_seq_num 
_pdbx_nonpoly_scheme.auth_seq_num 
_pdbx_nonpoly_scheme.pdb_mon_id 
_pdbx_nonpoly_scheme.auth_mon_id 
_pdbx_nonpoly_scheme.pdb_strand_id 
_pdbx_nonpoly_scheme.pdb_ins_code 
B 2 CS  1  1181 1181 CS  CS  A . 
C 2 CS  1  1182 1182 CS  CS  A . 
D 2 CS  1  1183 1183 CS  CS  A . 
E 2 CS  1  1184 1184 CS  CS  A . 
F 2 CS  1  1185 1185 CS  CS  A . 
G 2 CS  1  1186 1186 CS  CS  A . 
H 3 HOH 1  2001 2001 HOH HOH A . 
H 3 HOH 2  2002 2002 HOH HOH A . 
H 3 HOH 3  2003 2003 HOH HOH A . 
H 3 HOH 4  2004 2004 HOH HOH A . 
H 3 HOH 5  2005 2005 HOH HOH A . 
H 3 HOH 6  2006 2006 HOH HOH A . 
H 3 HOH 7  2007 2007 HOH HOH A . 
H 3 HOH 8  2008 2008 HOH HOH A . 
H 3 HOH 9  2009 2009 HOH HOH A . 
H 3 HOH 10 2010 2010 HOH HOH A . 
H 3 HOH 11 2011 2011 HOH HOH A . 
H 3 HOH 12 2012 2012 HOH HOH A . 
H 3 HOH 13 2013 2013 HOH HOH A . 
H 3 HOH 14 2014 2014 HOH HOH A . 
H 3 HOH 15 2015 2015 HOH HOH A . 
H 3 HOH 16 2016 2016 HOH HOH A . 
H 3 HOH 17 2017 2017 HOH HOH A . 
H 3 HOH 18 2018 2018 HOH HOH A . 
H 3 HOH 19 2019 2019 HOH HOH A . 
H 3 HOH 20 2020 2020 HOH HOH A . 
H 3 HOH 21 2021 2021 HOH HOH A . 
H 3 HOH 22 2022 2022 HOH HOH A . 
H 3 HOH 23 2023 2023 HOH HOH A . 
H 3 HOH 24 2024 2024 HOH HOH A . 
H 3 HOH 25 2025 2025 HOH HOH A . 
H 3 HOH 26 2026 2026 HOH HOH A . 
H 3 HOH 27 2027 2027 HOH HOH A . 
H 3 HOH 28 2028 2028 HOH HOH A . 
H 3 HOH 29 2029 2029 HOH HOH A . 
H 3 HOH 30 2030 2030 HOH HOH A . 
H 3 HOH 31 2031 2031 HOH HOH A . 
H 3 HOH 32 2032 2032 HOH HOH A . 
H 3 HOH 33 2033 2033 HOH HOH A . 
H 3 HOH 34 2034 2034 HOH HOH A . 
H 3 HOH 35 2035 2035 HOH HOH A . 
H 3 HOH 36 2036 2036 HOH HOH A . 
H 3 HOH 37 2037 2037 HOH HOH A . 
H 3 HOH 38 2038 2038 HOH HOH A . 
H 3 HOH 39 2039 2039 HOH HOH A . 
H 3 HOH 40 2040 2040 HOH HOH A . 
H 3 HOH 41 2041 2041 HOH HOH A . 
H 3 HOH 42 2042 2042 HOH HOH A . 
H 3 HOH 43 2043 2043 HOH HOH A . 
H 3 HOH 44 2044 2044 HOH HOH A . 
H 3 HOH 45 2045 2045 HOH HOH A . 
H 3 HOH 46 2046 2046 HOH HOH A . 
H 3 HOH 47 2047 2047 HOH HOH A . 
H 3 HOH 48 2048 2048 HOH HOH A . 
H 3 HOH 49 2049 2049 HOH HOH A . 
H 3 HOH 50 2050 2050 HOH HOH A . 
H 3 HOH 51 2051 2051 HOH HOH A . 
H 3 HOH 52 2052 2052 HOH HOH A . 
H 3 HOH 53 2053 2053 HOH HOH A . 
H 3 HOH 54 2054 2054 HOH HOH A . 
H 3 HOH 55 2055 2055 HOH HOH A . 
H 3 HOH 56 2056 2056 HOH HOH A . 
H 3 HOH 57 2057 2057 HOH HOH A . 
H 3 HOH 58 2058 2058 HOH HOH A . 
H 3 HOH 59 2059 2059 HOH HOH A . 
H 3 HOH 60 2060 2060 HOH HOH A . 
H 3 HOH 61 2061 2061 HOH HOH A . 
H 3 HOH 62 2062 2062 HOH HOH A . 
H 3 HOH 63 2063 2063 HOH HOH A . 
H 3 HOH 64 2064 2064 HOH HOH A . 
H 3 HOH 65 2065 2065 HOH HOH A . 
H 3 HOH 66 2066 2066 HOH HOH A . 
H 3 HOH 67 2067 2067 HOH HOH A . 
H 3 HOH 68 2068 2068 HOH HOH A . 
H 3 HOH 69 2069 2069 HOH HOH A . 
H 3 HOH 70 2070 2070 HOH HOH A . 
H 3 HOH 71 2071 2071 HOH HOH A . 
H 3 HOH 72 2072 2072 HOH HOH A . 
H 3 HOH 73 2073 2073 HOH HOH A . 
H 3 HOH 74 2074 2074 HOH HOH A . 
H 3 HOH 75 2075 2075 HOH HOH A . 
# 
loop_
_pdbx_unobs_or_zero_occ_atoms.id 
_pdbx_unobs_or_zero_occ_atoms.PDB_model_num 
_pdbx_unobs_or_zero_occ_atoms.polymer_flag 
_pdbx_unobs_or_zero_occ_atoms.occupancy_flag 
_pdbx_unobs_or_zero_occ_atoms.auth_asym_id 
_pdbx_unobs_or_zero_occ_atoms.auth_comp_id 
_pdbx_unobs_or_zero_occ_atoms.auth_seq_id 
_pdbx_unobs_or_zero_occ_atoms.PDB_ins_code 
_pdbx_unobs_or_zero_occ_atoms.auth_atom_id 
_pdbx_unobs_or_zero_occ_atoms.label_alt_id 
_pdbx_unobs_or_zero_occ_atoms.label_asym_id 
_pdbx_unobs_or_zero_occ_atoms.label_comp_id 
_pdbx_unobs_or_zero_occ_atoms.label_seq_id 
_pdbx_unobs_or_zero_occ_atoms.label_atom_id 
1 1 Y 1 A ALA 181 ? CA ? A ALA 184 CA 
2 1 Y 1 A ALA 181 ? C  ? A ALA 184 C  
3 1 Y 1 A ALA 181 ? O  ? A ALA 184 O  
4 1 Y 1 A ALA 181 ? CB ? A ALA 184 CB 
# 
loop_
_software.name 
_software.classification 
_software.version 
_software.citation_id 
_software.pdbx_ordinal 
CNS       refinement       1.0 ? 1 
DENZO     'data reduction' .   ? 2 
SCALEPACK 'data scaling'   .   ? 3 
AMoRE     phasing          .   ? 4 
# 
_cell.entry_id           2BM6 
_cell.length_a           33.393 
_cell.length_b           48.573 
_cell.length_c           188.367 
_cell.angle_alpha        90.00 
_cell.angle_beta         90.00 
_cell.angle_gamma        90.00 
_cell.Z_PDB              8 
_cell.pdbx_unique_axis   ? 
# 
_symmetry.entry_id                         2BM6 
_symmetry.space_group_name_H-M             'C 2 2 21' 
_symmetry.pdbx_full_space_group_name_H-M   ? 
_symmetry.cell_setting                     ? 
_symmetry.Int_Tables_number                20 
# 
_exptl.entry_id          2BM6 
_exptl.method            'X-RAY DIFFRACTION' 
_exptl.crystals_number   1 
# 
_exptl_crystal.id                    1 
_exptl_crystal.density_meas          ? 
_exptl_crystal.density_Matthews      1.88 
_exptl_crystal.density_percent_sol   34.02 
_exptl_crystal.description           ? 
# 
_exptl_crystal_grow.crystal_id      1 
_exptl_crystal_grow.method          ? 
_exptl_crystal_grow.temp            ? 
_exptl_crystal_grow.temp_details    ? 
_exptl_crystal_grow.pH              5.50 
_exptl_crystal_grow.pdbx_pH_range   ? 
_exptl_crystal_grow.pdbx_details    
;PROTEIN (10 MG/ML, 10 MM AMMONIUM CITRATE PH 7.5, 30 MM BETA-MERCAPTOETHANOL) CRYSTALLIZED IN 35% 2-ETHOXYETHANOL, 100 MM CITRATE PH 5.5. CRYSTAL WAS SOAKED IN 100 MM MES PH 5.2, 30 % PEG400, 1 M CESIUM CHLORIDE PRIOR TO VITRIFICATION AND DATA COLLECTION.
;
# 
_diffrn.id                     1 
_diffrn.ambient_temp           93.0 
_diffrn.ambient_temp_details   ? 
_diffrn.crystal_id             1 
# 
_diffrn_detector.diffrn_id              1 
_diffrn_detector.detector               'IMAGE PLATE' 
_diffrn_detector.type                   'MSC RAXIS IV' 
_diffrn_detector.pdbx_collection_date   ? 
_diffrn_detector.details                ? 
# 
_diffrn_radiation.diffrn_id                        1 
_diffrn_radiation.wavelength_id                    1 
_diffrn_radiation.pdbx_monochromatic_or_laue_m_l   M 
_diffrn_radiation.monochromator                    ? 
_diffrn_radiation.pdbx_diffrn_protocol             'SINGLE WAVELENGTH' 
_diffrn_radiation.pdbx_scattering_type             x-ray 
# 
_diffrn_radiation_wavelength.id           1 
_diffrn_radiation_wavelength.wavelength   1.5418 
_diffrn_radiation_wavelength.wt           1.0 
# 
_diffrn_source.diffrn_id                   1 
_diffrn_source.source                      'ROTATING ANODE' 
_diffrn_source.type                        'RIGAKU RU300' 
_diffrn_source.pdbx_synchrotron_site       ? 
_diffrn_source.pdbx_synchrotron_beamline   ? 
_diffrn_source.pdbx_wavelength             1.5418 
_diffrn_source.pdbx_wavelength_list        ? 
# 
_reflns.pdbx_diffrn_id               1 
_reflns.pdbx_ordinal                 1 
_reflns.entry_id                     2BM6 
_reflns.observed_criterion_sigma_I   0.000 
_reflns.observed_criterion_sigma_F   ? 
_reflns.d_resolution_low             30.000 
_reflns.d_resolution_high            2.200 
_reflns.number_obs                   8004 
_reflns.number_all                   ? 
_reflns.percent_possible_obs         97.1 
_reflns.pdbx_Rmerge_I_obs            0.06000 
_reflns.pdbx_Rsym_value              ? 
_reflns.pdbx_netI_over_sigmaI        27.7000 
_reflns.B_iso_Wilson_estimate        24.7 
_reflns.pdbx_redundancy              6.400 
# 
_reflns_shell.pdbx_diffrn_id         1 
_reflns_shell.pdbx_ordinal           1 
_reflns_shell.d_res_high             2.20 
_reflns_shell.d_res_low              2.28 
_reflns_shell.percent_possible_all   92.3 
_reflns_shell.Rmerge_I_obs           0.14000 
_reflns_shell.pdbx_Rsym_value        ? 
_reflns_shell.meanI_over_sigI_obs    8.000 
_reflns_shell.pdbx_redundancy        4.00 
# 
_refine.pdbx_refine_id                           'X-RAY DIFFRACTION' 
_refine.entry_id                                 2BM6 
_refine.pdbx_diffrn_id                           1 
_refine.pdbx_TLS_residual_ADP_flag               ? 
_refine.ls_number_reflns_obs                     7575 
_refine.ls_number_reflns_all                     ? 
_refine.pdbx_ls_sigma_I                          ? 
_refine.pdbx_ls_sigma_F                          0.0 
_refine.pdbx_data_cutoff_high_absF               ? 
_refine.pdbx_data_cutoff_low_absF                ? 
_refine.pdbx_data_cutoff_high_rms_absF           ? 
_refine.ls_d_res_low                             30.0 
_refine.ls_d_res_high                            2.2 
_refine.ls_percent_reflns_obs                    97.1 
_refine.ls_R_factor_obs                          0.197 
_refine.ls_R_factor_all                          ? 
_refine.ls_R_factor_R_work                       0.197 
_refine.ls_R_factor_R_free                       0.256 
_refine.ls_R_factor_R_free_error                 ? 
_refine.ls_R_factor_R_free_error_details         ? 
_refine.ls_percent_reflns_R_free                 5.0 
_refine.ls_number_reflns_R_free                  424 
_refine.ls_number_parameters                     ? 
_refine.ls_number_restraints                     ? 
_refine.occupancy_min                            ? 
_refine.occupancy_max                            ? 
_refine.correlation_coeff_Fo_to_Fc               ? 
_refine.correlation_coeff_Fo_to_Fc_free          ? 
_refine.B_iso_mean                               20.5 
_refine.aniso_B[1][1]                            3.052 
_refine.aniso_B[2][2]                            -4.034 
_refine.aniso_B[3][3]                            0.982 
_refine.aniso_B[1][2]                            0.000 
_refine.aniso_B[1][3]                            0.000 
_refine.aniso_B[2][3]                            0.000 
_refine.solvent_model_details                    'SHELL MODEL' 
_refine.solvent_model_param_ksol                 0.325602 
_refine.solvent_model_param_bsol                 42.6576 
_refine.pdbx_solvent_vdw_probe_radii             ? 
_refine.pdbx_solvent_ion_probe_radii             ? 
_refine.pdbx_solvent_shrinkage_radii             ? 
_refine.pdbx_ls_cross_valid_method               THROUGHOUT 
_refine.details                                  
;MISSING RESIDUES FROM MISSING RESIDUES FROM THE N AND C-TERMINI OF THE SUBMITTED COORDINATES AS COMPARED TO THE SUBMITTED SEQUENCE ARE REGIONS WHICH EXHIBITED NO ELECTRON DENSITY AND THEREFORE WERE NOT MODELED.
;
_refine.pdbx_starting_model                      'PREVIOUS STRUCTURE DETERMINED BY SE-MET MAD' 
_refine.pdbx_method_to_determine_struct          'MOLECULAR REPLACEMENT' 
_refine.pdbx_isotropic_thermal_model             ? 
_refine.pdbx_stereochemistry_target_values       'MAXIMUM LIKELIHOOD' 
_refine.pdbx_stereochem_target_val_spec_case     ? 
_refine.pdbx_R_Free_selection_details            RANDOM 
_refine.pdbx_overall_ESU_R                       ? 
_refine.pdbx_overall_ESU_R_Free                  ? 
_refine.overall_SU_ML                            ? 
_refine.pdbx_overall_phase_error                 ? 
_refine.overall_SU_B                             ? 
_refine.overall_SU_R_Cruickshank_DPI             ? 
_refine.pdbx_overall_SU_R_free_Cruickshank_DPI   ? 
_refine.pdbx_overall_SU_R_Blow_DPI               ? 
_refine.pdbx_overall_SU_R_free_Blow_DPI          ? 
# 
_refine_hist.pdbx_refine_id                   'X-RAY DIFFRACTION' 
_refine_hist.cycle_id                         LAST 
_refine_hist.pdbx_number_atoms_protein        1371 
_refine_hist.pdbx_number_atoms_nucleic_acid   0 
_refine_hist.pdbx_number_atoms_ligand         6 
_refine_hist.number_atoms_solvent             75 
_refine_hist.number_atoms_total               1452 
_refine_hist.d_res_high                       2.2 
_refine_hist.d_res_low                        30.0 
# 
loop_
_refine_ls_restr.type 
_refine_ls_restr.dev_ideal 
_refine_ls_restr.dev_ideal_target 
_refine_ls_restr.weight 
_refine_ls_restr.number 
_refine_ls_restr.pdbx_refine_id 
_refine_ls_restr.pdbx_restraint_function 
c_bond_d                0.020 ? ? ? 'X-RAY DIFFRACTION' ? 
c_bond_d_na             ?     ? ? ? 'X-RAY DIFFRACTION' ? 
c_bond_d_prot           ?     ? ? ? 'X-RAY DIFFRACTION' ? 
c_angle_d               ?     ? ? ? 'X-RAY DIFFRACTION' ? 
c_angle_d_na            ?     ? ? ? 'X-RAY DIFFRACTION' ? 
c_angle_d_prot          ?     ? ? ? 'X-RAY DIFFRACTION' ? 
c_angle_deg             1.92  ? ? ? 'X-RAY DIFFRACTION' ? 
c_angle_deg_na          ?     ? ? ? 'X-RAY DIFFRACTION' ? 
c_angle_deg_prot        ?     ? ? ? 'X-RAY DIFFRACTION' ? 
c_dihedral_angle_d      ?     ? ? ? 'X-RAY DIFFRACTION' ? 
c_dihedral_angle_d_na   ?     ? ? ? 'X-RAY DIFFRACTION' ? 
c_dihedral_angle_d_prot ?     ? ? ? 'X-RAY DIFFRACTION' ? 
c_improper_angle_d      ?     ? ? ? 'X-RAY DIFFRACTION' ? 
c_improper_angle_d_na   ?     ? ? ? 'X-RAY DIFFRACTION' ? 
c_improper_angle_d_prot ?     ? ? ? 'X-RAY DIFFRACTION' ? 
c_mcbond_it             ?     ? ? ? 'X-RAY DIFFRACTION' ? 
c_mcangle_it            ?     ? ? ? 'X-RAY DIFFRACTION' ? 
c_scbond_it             ?     ? ? ? 'X-RAY DIFFRACTION' ? 
c_scangle_it            ?     ? ? ? 'X-RAY DIFFRACTION' ? 
# 
_refine_ls_shell.pdbx_refine_id                   'X-RAY DIFFRACTION' 
_refine_ls_shell.pdbx_total_number_of_bins_used   10 
_refine_ls_shell.d_res_high                       2.2 
_refine_ls_shell.d_res_low                        2.3 
_refine_ls_shell.number_reflns_R_work             ? 
_refine_ls_shell.R_factor_R_work                  0.212 
_refine_ls_shell.percent_reflns_obs               ? 
_refine_ls_shell.R_factor_R_free                  0.276 
_refine_ls_shell.R_factor_R_free_error            ? 
_refine_ls_shell.percent_reflns_R_free            5 
_refine_ls_shell.number_reflns_R_free             ? 
_refine_ls_shell.number_reflns_all                ? 
_refine_ls_shell.R_factor_all                     ? 
# 
_struct.entry_id                  2BM6 
_struct.title                     
;The Structure of MfpA (Rv3361c, C2221 Crystal form). The Pentapeptide Repeat Protein from Mycobacterium tuberculosis Folds as A Right- handed Quadrilateral Beta-helix.
;
_struct.pdbx_model_details        ? 
_struct.pdbx_CASP_flag            ? 
_struct.pdbx_model_type_details   ? 
# 
_struct_keywords.entry_id        2BM6 
_struct_keywords.pdbx_keywords   'PENTAPEPTIDE REPEAT PROTEIN' 
_struct_keywords.text            
'PENTAPEPTIDE REPEAT PROTEIN, FLUROQUINOLONE RESISTANCE, DNA GYRASE, DNA MIMICRY, RIGHT-HANDED QUADRILATERAL BETA-HELIX' 
# 
loop_
_struct_asym.id 
_struct_asym.pdbx_blank_PDB_chainid_flag 
_struct_asym.pdbx_modified 
_struct_asym.entity_id 
_struct_asym.details 
A N N 1 ? 
B N N 2 ? 
C N N 2 ? 
D N N 2 ? 
E N N 2 ? 
F N N 2 ? 
G N N 2 ? 
H N N 3 ? 
# 
loop_
_struct_ref.id 
_struct_ref.db_name 
_struct_ref.db_code 
_struct_ref.entity_id 
_struct_ref.pdbx_seq_one_letter_code 
_struct_ref.pdbx_align_begin 
_struct_ref.pdbx_db_accession 
_struct_ref.pdbx_db_isoform 
1 PDB 2BM6         1 ? ? 2BM6   ? 
2 UNP O50390_MYCTU 1 ? ? O50390 ? 
# 
loop_
_struct_ref_seq.align_id 
_struct_ref_seq.ref_id 
_struct_ref_seq.pdbx_PDB_id_code 
_struct_ref_seq.pdbx_strand_id 
_struct_ref_seq.seq_align_beg 
_struct_ref_seq.pdbx_seq_align_beg_ins_code 
_struct_ref_seq.seq_align_end 
_struct_ref_seq.pdbx_seq_align_end_ins_code 
_struct_ref_seq.pdbx_db_accession 
_struct_ref_seq.db_align_beg 
_struct_ref_seq.pdbx_db_align_beg_ins_code 
_struct_ref_seq.db_align_end 
_struct_ref_seq.pdbx_db_align_end_ins_code 
_struct_ref_seq.pdbx_auth_seq_align_beg 
_struct_ref_seq.pdbx_auth_seq_align_end 
1 1 2BM6 A 1 ? 3   ? 2BM6   -2 ? 0   ? -2 0   
2 2 2BM6 A 4 ? 186 ? O50390 1  ? 183 ? 1  183 
# 
_pdbx_struct_assembly.id                   1 
_pdbx_struct_assembly.details              author_and_software_defined_assembly 
_pdbx_struct_assembly.method_details       PQS 
_pdbx_struct_assembly.oligomeric_details   dimeric 
_pdbx_struct_assembly.oligomeric_count     2 
# 
_pdbx_struct_assembly_gen.assembly_id       1 
_pdbx_struct_assembly_gen.oper_expression   1,2 
_pdbx_struct_assembly_gen.asym_id_list      A,B,C,D,E,F,G,H 
# 
loop_
_pdbx_struct_oper_list.id 
_pdbx_struct_oper_list.type 
_pdbx_struct_oper_list.name 
_pdbx_struct_oper_list.symmetry_operation 
_pdbx_struct_oper_list.matrix[1][1] 
_pdbx_struct_oper_list.matrix[1][2] 
_pdbx_struct_oper_list.matrix[1][3] 
_pdbx_struct_oper_list.vector[1] 
_pdbx_struct_oper_list.matrix[2][1] 
_pdbx_struct_oper_list.matrix[2][2] 
_pdbx_struct_oper_list.matrix[2][3] 
_pdbx_struct_oper_list.vector[2] 
_pdbx_struct_oper_list.matrix[3][1] 
_pdbx_struct_oper_list.matrix[3][2] 
_pdbx_struct_oper_list.matrix[3][3] 
_pdbx_struct_oper_list.vector[3] 
1 'identity operation'         1_555 x,y,z         1.0000000000  0.0000000000  0.0000000000  0.0000000000  0.0000000000  1.0000000000  0.0000000000 0.0000000000  0.0000000000  0.0000000000 1.0000000000  0.0000000000  
2 'crystal symmetry operation' 3_755 -x+2,y,-z+1/2 -0.1093169095 -0.9389133351 -0.3263304498 32.8513233925 -0.9389133351 -0.0102447658 0.3440011540 18.4572934636 -0.3263304498 0.3440011540 -0.8804383247 36.5590133812 
# 
_struct_biol.id   1 
# 
loop_
_struct_conf.conf_type_id 
_struct_conf.id 
_struct_conf.pdbx_PDB_helix_id 
_struct_conf.beg_label_comp_id 
_struct_conf.beg_label_asym_id 
_struct_conf.beg_label_seq_id 
_struct_conf.pdbx_beg_PDB_ins_code 
_struct_conf.end_label_comp_id 
_struct_conf.end_label_asym_id 
_struct_conf.end_label_seq_id 
_struct_conf.pdbx_end_PDB_ins_code 
_struct_conf.beg_auth_comp_id 
_struct_conf.beg_auth_asym_id 
_struct_conf.beg_auth_seq_id 
_struct_conf.end_auth_comp_id 
_struct_conf.end_auth_asym_id 
_struct_conf.end_auth_seq_id 
_struct_conf.pdbx_PDB_helix_class 
_struct_conf.details 
_struct_conf.pdbx_PDB_helix_length 
HELX_P HELX_P1 1 ASP A 153 ? THR A 159 ? ASP A 150 THR A 156 5 ? 7  
HELX_P HELX_P2 2 ASP A 168 ? HIS A 179 ? ASP A 165 HIS A 176 1 ? 12 
# 
_struct_conf_type.id          HELX_P 
_struct_conf_type.criteria    ? 
_struct_conf_type.reference   ? 
# 
loop_
_struct_conn.id 
_struct_conn.conn_type_id 
_struct_conn.pdbx_leaving_atom_flag 
_struct_conn.pdbx_PDB_id 
_struct_conn.ptnr1_label_asym_id 
_struct_conn.ptnr1_label_comp_id 
_struct_conn.ptnr1_label_seq_id 
_struct_conn.ptnr1_label_atom_id 
_struct_conn.pdbx_ptnr1_label_alt_id 
_struct_conn.pdbx_ptnr1_PDB_ins_code 
_struct_conn.pdbx_ptnr1_standard_comp_id 
_struct_conn.ptnr1_symmetry 
_struct_conn.ptnr2_label_asym_id 
_struct_conn.ptnr2_label_comp_id 
_struct_conn.ptnr2_label_seq_id 
_struct_conn.ptnr2_label_atom_id 
_struct_conn.pdbx_ptnr2_label_alt_id 
_struct_conn.pdbx_ptnr2_PDB_ins_code 
_struct_conn.ptnr1_auth_asym_id 
_struct_conn.ptnr1_auth_comp_id 
_struct_conn.ptnr1_auth_seq_id 
_struct_conn.ptnr2_auth_asym_id 
_struct_conn.ptnr2_auth_comp_id 
_struct_conn.ptnr2_auth_seq_id 
_struct_conn.ptnr2_symmetry 
_struct_conn.pdbx_ptnr3_label_atom_id 
_struct_conn.pdbx_ptnr3_label_seq_id 
_struct_conn.pdbx_ptnr3_label_comp_id 
_struct_conn.pdbx_ptnr3_label_asym_id 
_struct_conn.pdbx_ptnr3_label_alt_id 
_struct_conn.pdbx_ptnr3_PDB_ins_code 
_struct_conn.details 
_struct_conn.pdbx_dist_value 
_struct_conn.pdbx_value_order 
_struct_conn.pdbx_role 
metalc1  metalc ? ? A ASP 19  O   ? ? ? 5_545 F CS  . CS ? ? A ASP 16   A CS  1185 1_555 ? ? ? ? ? ? ? 3.444 ? ? 
metalc2  metalc ? ? A SER 23  O   ? ? ? 1_555 D CS  . CS ? ? A SER 20   A CS  1183 1_555 ? ? ? ? ? ? ? 3.101 ? ? 
metalc3  metalc ? ? A SER 23  OG  ? ? ? 1_555 D CS  . CS ? ? A SER 20   A CS  1183 1_555 ? ? ? ? ? ? ? 3.658 ? ? 
metalc4  metalc ? ? A SER 23  N   ? ? ? 1_555 D CS  . CS ? ? A SER 20   A CS  1183 1_555 ? ? ? ? ? ? ? 3.875 ? ? 
metalc5  metalc ? ? A HIS 64  O   ? ? ? 1_655 C CS  . CS ? ? A HIS 61   A CS  1182 1_555 ? ? ? ? ? ? ? 3.587 ? ? 
metalc6  metalc ? ? A THR 66  OG1 ? ? ? 1_655 C CS  . CS ? ? A THR 63   A CS  1182 1_555 ? ? ? ? ? ? ? 3.501 ? ? 
metalc7  metalc ? ? A LEU 87  O   ? ? ? 1_555 B CS  . CS ? ? A LEU 84   A CS  1181 1_555 ? ? ? ? ? ? ? 2.921 ? ? 
metalc8  metalc ? ? A LEU 87  O   ? ? ? 1_555 G CS  . CS ? ? A LEU 84   A CS  1186 1_555 ? ? ? ? ? ? ? 3.448 ? ? 
metalc9  metalc ? ? A ASN 106 O   ? ? ? 1_555 B CS  . CS ? ? A ASN 103  A CS  1181 1_555 ? ? ? ? ? ? ? 3.238 ? ? 
metalc10 metalc ? ? A ASN 106 OD1 ? ? ? 1_555 B CS  . CS ? ? A ASN 103  A CS  1181 1_555 ? ? ? ? ? ? ? 3.310 ? ? 
metalc11 metalc ? ? A THR 108 N   ? ? ? 1_555 B CS  . CS ? ? A THR 105  A CS  1181 1_555 ? ? ? ? ? ? ? 3.703 ? ? 
metalc12 metalc ? ? A GLU 114 OE2 ? ? ? 1_555 C CS  . CS ? ? A GLU 111  A CS  1182 1_555 ? ? ? ? ? ? ? 3.444 ? ? 
metalc13 metalc ? ? A ASP 119 OD2 ? ? ? 5_445 G CS  . CS ? ? A ASP 116  A CS  1186 1_555 ? ? ? ? ? ? ? 3.398 ? ? 
metalc14 metalc ? ? A SER 133 OG  ? ? ? 1_555 E CS  . CS ? ? A SER 130  A CS  1184 1_555 ? ? ? ? ? ? ? 3.198 ? ? 
metalc15 metalc ? ? B CS  .   CS  ? ? ? 1_555 H HOH . O  ? ? A CS  1181 A HOH 2009 5_445 ? ? ? ? ? ? ? 2.996 ? ? 
metalc16 metalc ? ? B CS  .   CS  ? ? ? 1_555 H HOH . O  ? ? A CS  1181 A HOH 2033 1_555 ? ? ? ? ? ? ? 3.672 ? ? 
metalc17 metalc ? ? C CS  .   CS  ? ? ? 1_555 H HOH . O  ? ? A CS  1182 A HOH 2012 1_655 ? ? ? ? ? ? ? 3.644 ? ? 
metalc18 metalc ? ? C CS  .   CS  ? ? ? 1_555 H HOH . O  ? ? A CS  1182 A HOH 2041 1_555 ? ? ? ? ? ? ? 3.283 ? ? 
metalc19 metalc ? ? E CS  .   CS  ? ? ? 1_555 H HOH . O  ? ? A CS  1184 A HOH 2042 1_555 ? ? ? ? ? ? ? 3.246 ? ? 
metalc20 metalc ? ? G CS  .   CS  ? ? ? 1_555 H HOH . O  ? ? A CS  1186 A HOH 2009 5_445 ? ? ? ? ? ? ? 3.745 ? ? 
metalc21 metalc ? ? G CS  .   CS  ? ? ? 1_555 H HOH . O  ? ? A CS  1186 A HOH 2030 1_555 ? ? ? ? ? ? ? 3.517 ? ? 
# 
_struct_conn_type.id          metalc 
_struct_conn_type.criteria    ? 
_struct_conn_type.reference   ? 
# 
loop_
_pdbx_struct_conn_angle.id 
_pdbx_struct_conn_angle.ptnr1_label_atom_id 
_pdbx_struct_conn_angle.ptnr1_label_alt_id 
_pdbx_struct_conn_angle.ptnr1_label_asym_id 
_pdbx_struct_conn_angle.ptnr1_label_comp_id 
_pdbx_struct_conn_angle.ptnr1_label_seq_id 
_pdbx_struct_conn_angle.ptnr1_auth_atom_id 
_pdbx_struct_conn_angle.ptnr1_auth_asym_id 
_pdbx_struct_conn_angle.ptnr1_auth_comp_id 
_pdbx_struct_conn_angle.ptnr1_auth_seq_id 
_pdbx_struct_conn_angle.ptnr1_PDB_ins_code 
_pdbx_struct_conn_angle.ptnr1_symmetry 
_pdbx_struct_conn_angle.ptnr2_label_atom_id 
_pdbx_struct_conn_angle.ptnr2_label_alt_id 
_pdbx_struct_conn_angle.ptnr2_label_asym_id 
_pdbx_struct_conn_angle.ptnr2_label_comp_id 
_pdbx_struct_conn_angle.ptnr2_label_seq_id 
_pdbx_struct_conn_angle.ptnr2_auth_atom_id 
_pdbx_struct_conn_angle.ptnr2_auth_asym_id 
_pdbx_struct_conn_angle.ptnr2_auth_comp_id 
_pdbx_struct_conn_angle.ptnr2_auth_seq_id 
_pdbx_struct_conn_angle.ptnr2_PDB_ins_code 
_pdbx_struct_conn_angle.ptnr2_symmetry 
_pdbx_struct_conn_angle.ptnr3_label_atom_id 
_pdbx_struct_conn_angle.ptnr3_label_alt_id 
_pdbx_struct_conn_angle.ptnr3_label_asym_id 
_pdbx_struct_conn_angle.ptnr3_label_comp_id 
_pdbx_struct_conn_angle.ptnr3_label_seq_id 
_pdbx_struct_conn_angle.ptnr3_auth_atom_id 
_pdbx_struct_conn_angle.ptnr3_auth_asym_id 
_pdbx_struct_conn_angle.ptnr3_auth_comp_id 
_pdbx_struct_conn_angle.ptnr3_auth_seq_id 
_pdbx_struct_conn_angle.ptnr3_PDB_ins_code 
_pdbx_struct_conn_angle.ptnr3_symmetry 
_pdbx_struct_conn_angle.value 
_pdbx_struct_conn_angle.value_esd 
1  O   ? A SER 23  ? A SER 20   ? 1_555 CS ? D CS . ? A CS 1183 ? 1_555 OG  ? A SER 23  ? A SER 20   ? 1_555 57.4  ? 
2  O   ? A SER 23  ? A SER 20   ? 1_555 CS ? D CS . ? A CS 1183 ? 1_555 N   ? A SER 23  ? A SER 20   ? 1_555 46.5  ? 
3  OG  ? A SER 23  ? A SER 20   ? 1_555 CS ? D CS . ? A CS 1183 ? 1_555 N   ? A SER 23  ? A SER 20   ? 1_555 45.3  ? 
4  O   ? A HIS 64  ? A HIS 61   ? 1_655 CS ? C CS . ? A CS 1182 ? 1_555 OG1 ? A THR 66  ? A THR 63   ? 1_655 95.7  ? 
5  O   ? A HIS 64  ? A HIS 61   ? 1_655 CS ? C CS . ? A CS 1182 ? 1_555 OE2 ? A GLU 114 ? A GLU 111  ? 1_555 99.2  ? 
6  OG1 ? A THR 66  ? A THR 63   ? 1_655 CS ? C CS . ? A CS 1182 ? 1_555 OE2 ? A GLU 114 ? A GLU 111  ? 1_555 160.5 ? 
7  O   ? A HIS 64  ? A HIS 61   ? 1_655 CS ? C CS . ? A CS 1182 ? 1_555 O   ? H HOH .   ? A HOH 2012 ? 1_655 148.4 ? 
8  OG1 ? A THR 66  ? A THR 63   ? 1_655 CS ? C CS . ? A CS 1182 ? 1_555 O   ? H HOH .   ? A HOH 2012 ? 1_655 74.6  ? 
9  OE2 ? A GLU 114 ? A GLU 111  ? 1_555 CS ? C CS . ? A CS 1182 ? 1_555 O   ? H HOH .   ? A HOH 2012 ? 1_655 98.4  ? 
10 O   ? A HIS 64  ? A HIS 61   ? 1_655 CS ? C CS . ? A CS 1182 ? 1_555 O   ? H HOH .   ? A HOH 2041 ? 1_555 140.2 ? 
11 OG1 ? A THR 66  ? A THR 63   ? 1_655 CS ? C CS . ? A CS 1182 ? 1_555 O   ? H HOH .   ? A HOH 2041 ? 1_555 120.2 ? 
12 OE2 ? A GLU 114 ? A GLU 111  ? 1_555 CS ? C CS . ? A CS 1182 ? 1_555 O   ? H HOH .   ? A HOH 2041 ? 1_555 51.3  ? 
13 O   ? H HOH .   ? A HOH 2012 ? 1_655 CS ? C CS . ? A CS 1182 ? 1_555 O   ? H HOH .   ? A HOH 2041 ? 1_555 47.3  ? 
14 O   ? A LEU 87  ? A LEU 84   ? 1_555 CS ? B CS . ? A CS 1181 ? 1_555 O   ? A ASN 106 ? A ASN 103  ? 1_555 97.5  ? 
15 O   ? A LEU 87  ? A LEU 84   ? 1_555 CS ? B CS . ? A CS 1181 ? 1_555 OD1 ? A ASN 106 ? A ASN 103  ? 1_555 148.5 ? 
16 O   ? A ASN 106 ? A ASN 103  ? 1_555 CS ? B CS . ? A CS 1181 ? 1_555 OD1 ? A ASN 106 ? A ASN 103  ? 1_555 65.7  ? 
17 O   ? A LEU 87  ? A LEU 84   ? 1_555 CS ? B CS . ? A CS 1181 ? 1_555 N   ? A THR 108 ? A THR 105  ? 1_555 151.9 ? 
18 O   ? A ASN 106 ? A ASN 103  ? 1_555 CS ? B CS . ? A CS 1181 ? 1_555 N   ? A THR 108 ? A THR 105  ? 1_555 72.6  ? 
19 OD1 ? A ASN 106 ? A ASN 103  ? 1_555 CS ? B CS . ? A CS 1181 ? 1_555 N   ? A THR 108 ? A THR 105  ? 1_555 51.4  ? 
20 O   ? A LEU 87  ? A LEU 84   ? 1_555 CS ? B CS . ? A CS 1181 ? 1_555 O   ? H HOH .   ? A HOH 2009 ? 5_445 101.6 ? 
21 O   ? A ASN 106 ? A ASN 103  ? 1_555 CS ? B CS . ? A CS 1181 ? 1_555 O   ? H HOH .   ? A HOH 2009 ? 5_445 137.1 ? 
22 OD1 ? A ASN 106 ? A ASN 103  ? 1_555 CS ? B CS . ? A CS 1181 ? 1_555 O   ? H HOH .   ? A HOH 2009 ? 5_445 78.4  ? 
23 N   ? A THR 108 ? A THR 105  ? 1_555 CS ? B CS . ? A CS 1181 ? 1_555 O   ? H HOH .   ? A HOH 2009 ? 5_445 103.3 ? 
24 O   ? A LEU 87  ? A LEU 84   ? 1_555 CS ? B CS . ? A CS 1181 ? 1_555 O   ? H HOH .   ? A HOH 2033 ? 1_555 83.9  ? 
25 O   ? A ASN 106 ? A ASN 103  ? 1_555 CS ? B CS . ? A CS 1181 ? 1_555 O   ? H HOH .   ? A HOH 2033 ? 1_555 134.4 ? 
26 OD1 ? A ASN 106 ? A ASN 103  ? 1_555 CS ? B CS . ? A CS 1181 ? 1_555 O   ? H HOH .   ? A HOH 2033 ? 1_555 127.2 ? 
27 N   ? A THR 108 ? A THR 105  ? 1_555 CS ? B CS . ? A CS 1181 ? 1_555 O   ? H HOH .   ? A HOH 2033 ? 1_555 85.1  ? 
28 O   ? H HOH .   ? A HOH 2009 ? 5_445 CS ? B CS . ? A CS 1181 ? 1_555 O   ? H HOH .   ? A HOH 2033 ? 1_555 85.9  ? 
29 O   ? A LEU 87  ? A LEU 84   ? 1_555 CS ? G CS . ? A CS 1186 ? 1_555 OD2 ? A ASP 119 ? A ASP 116  ? 5_445 132.3 ? 
30 O   ? A LEU 87  ? A LEU 84   ? 1_555 CS ? G CS . ? A CS 1186 ? 1_555 O   ? H HOH .   ? A HOH 2009 ? 5_445 79.1  ? 
31 OD2 ? A ASP 119 ? A ASP 116  ? 5_445 CS ? G CS . ? A CS 1186 ? 1_555 O   ? H HOH .   ? A HOH 2009 ? 5_445 62.8  ? 
32 O   ? A LEU 87  ? A LEU 84   ? 1_555 CS ? G CS . ? A CS 1186 ? 1_555 O   ? H HOH .   ? A HOH 2030 ? 1_555 66.3  ? 
33 OD2 ? A ASP 119 ? A ASP 116  ? 5_445 CS ? G CS . ? A CS 1186 ? 1_555 O   ? H HOH .   ? A HOH 2030 ? 1_555 82.2  ? 
34 O   ? H HOH .   ? A HOH 2009 ? 5_445 CS ? G CS . ? A CS 1186 ? 1_555 O   ? H HOH .   ? A HOH 2030 ? 1_555 85.1  ? 
35 OG  ? A SER 133 ? A SER 130  ? 1_555 CS ? E CS . ? A CS 1184 ? 1_555 O   ? H HOH .   ? A HOH 2042 ? 1_555 85.7  ? 
# 
_struct_mon_prot_cis.pdbx_id                1 
_struct_mon_prot_cis.label_comp_id          ARG 
_struct_mon_prot_cis.label_seq_id           83 
_struct_mon_prot_cis.label_asym_id          A 
_struct_mon_prot_cis.label_alt_id           . 
_struct_mon_prot_cis.pdbx_PDB_ins_code      ? 
_struct_mon_prot_cis.auth_comp_id           ARG 
_struct_mon_prot_cis.auth_seq_id            80 
_struct_mon_prot_cis.auth_asym_id           A 
_struct_mon_prot_cis.pdbx_label_comp_id_2   PRO 
_struct_mon_prot_cis.pdbx_label_seq_id_2    84 
_struct_mon_prot_cis.pdbx_label_asym_id_2   A 
_struct_mon_prot_cis.pdbx_PDB_ins_code_2    ? 
_struct_mon_prot_cis.pdbx_auth_comp_id_2    PRO 
_struct_mon_prot_cis.pdbx_auth_seq_id_2     81 
_struct_mon_prot_cis.pdbx_auth_asym_id_2    A 
_struct_mon_prot_cis.pdbx_PDB_model_num     1 
_struct_mon_prot_cis.pdbx_omega_angle       -0.36 
# 
loop_
_struct_sheet.id 
_struct_sheet.type 
_struct_sheet.number_strands 
_struct_sheet.details 
AA ? 5 ? 
AB ? 3 ? 
AC ? 2 ? 
# 
loop_
_struct_sheet_order.sheet_id 
_struct_sheet_order.range_id_1 
_struct_sheet_order.range_id_2 
_struct_sheet_order.offset 
_struct_sheet_order.sense 
AA 1 2 ? parallel 
AA 2 3 ? parallel 
AA 3 4 ? parallel 
AA 4 5 ? parallel 
AB 1 2 ? parallel 
AB 2 3 ? parallel 
AC 1 2 ? parallel 
# 
loop_
_struct_sheet_range.sheet_id 
_struct_sheet_range.id 
_struct_sheet_range.beg_label_comp_id 
_struct_sheet_range.beg_label_asym_id 
_struct_sheet_range.beg_label_seq_id 
_struct_sheet_range.pdbx_beg_PDB_ins_code 
_struct_sheet_range.end_label_comp_id 
_struct_sheet_range.end_label_asym_id 
_struct_sheet_range.end_label_seq_id 
_struct_sheet_range.pdbx_end_PDB_ins_code 
_struct_sheet_range.beg_auth_comp_id 
_struct_sheet_range.beg_auth_asym_id 
_struct_sheet_range.beg_auth_seq_id 
_struct_sheet_range.end_auth_comp_id 
_struct_sheet_range.end_auth_asym_id 
_struct_sheet_range.end_auth_seq_id 
AA 1 TRP A 7  ? THR A 13 ? TRP A 4  THR A 10 
AA 2 HIS A 26 ? SER A 33 ? HIS A 23 SER A 30 
AA 3 GLN A 46 ? ARG A 48 ? GLN A 43 ARG A 45 
AA 4 SER A 65 ? ALA A 68 ? SER A 62 ALA A 65 
AA 5 LEU A 85 ? ASP A 88 ? LEU A 82 ASP A 85 
AB 1 TRP A 7  ? THR A 13 ? TRP A 4  THR A 10 
AB 2 HIS A 26 ? SER A 33 ? HIS A 23 SER A 30 
AB 3 ALA A 51 ? ARG A 53 ? ALA A 48 ARG A 50 
AC 1 THR A 56 ? GLU A 58 ? THR A 53 GLU A 55 
AC 2 VAL A 76 ? VAL A 78 ? VAL A 73 VAL A 75 
# 
loop_
_pdbx_struct_sheet_hbond.sheet_id 
_pdbx_struct_sheet_hbond.range_id_1 
_pdbx_struct_sheet_hbond.range_id_2 
_pdbx_struct_sheet_hbond.range_1_label_atom_id 
_pdbx_struct_sheet_hbond.range_1_label_comp_id 
_pdbx_struct_sheet_hbond.range_1_label_asym_id 
_pdbx_struct_sheet_hbond.range_1_label_seq_id 
_pdbx_struct_sheet_hbond.range_1_PDB_ins_code 
_pdbx_struct_sheet_hbond.range_1_auth_atom_id 
_pdbx_struct_sheet_hbond.range_1_auth_comp_id 
_pdbx_struct_sheet_hbond.range_1_auth_asym_id 
_pdbx_struct_sheet_hbond.range_1_auth_seq_id 
_pdbx_struct_sheet_hbond.range_2_label_atom_id 
_pdbx_struct_sheet_hbond.range_2_label_comp_id 
_pdbx_struct_sheet_hbond.range_2_label_asym_id 
_pdbx_struct_sheet_hbond.range_2_label_seq_id 
_pdbx_struct_sheet_hbond.range_2_PDB_ins_code 
_pdbx_struct_sheet_hbond.range_2_auth_atom_id 
_pdbx_struct_sheet_hbond.range_2_auth_comp_id 
_pdbx_struct_sheet_hbond.range_2_auth_asym_id 
_pdbx_struct_sheet_hbond.range_2_auth_seq_id 
AA 1 2 N TRP A 7  ? N TRP A 4  O HIS A 26 ? O HIS A 23 
AA 2 3 N THR A 27 ? N THR A 24 O GLN A 46 ? O GLN A 43 
AA 3 4 N HIS A 47 ? N HIS A 44 O THR A 66 ? O THR A 63 
AA 4 5 N PHE A 67 ? N PHE A 64 O THR A 86 ? O THR A 83 
AB 1 2 N TRP A 7  ? N TRP A 4  O HIS A 26 ? O HIS A 23 
AB 2 3 N PHE A 32 ? N PHE A 29 O ALA A 51 ? O ALA A 48 
AC 1 2 N PHE A 57 ? N PHE A 54 O VAL A 76 ? O VAL A 73 
# 
loop_
_struct_site.id 
_struct_site.pdbx_evidence_code 
_struct_site.pdbx_auth_asym_id 
_struct_site.pdbx_auth_comp_id 
_struct_site.pdbx_auth_seq_id 
_struct_site.pdbx_auth_ins_code 
_struct_site.pdbx_num_residues 
_struct_site.details 
AC1 Software ? ? ? ? 3 'BINDING SITE FOR RESIDUE CS A1181' 
AC2 Software ? ? ? ? 3 'BINDING SITE FOR RESIDUE CS A1182' 
AC3 Software ? ? ? ? 1 'BINDING SITE FOR RESIDUE CS A1183' 
AC4 Software ? ? ? ? 1 'BINDING SITE FOR RESIDUE CS A1184' 
AC5 Software ? ? ? ? 2 'BINDING SITE FOR RESIDUE CS A1185' 
AC6 Software ? ? ? ? 2 'BINDING SITE FOR RESIDUE CS A1186' 
# 
loop_
_struct_site_gen.id 
_struct_site_gen.site_id 
_struct_site_gen.pdbx_num_res 
_struct_site_gen.label_comp_id 
_struct_site_gen.label_asym_id 
_struct_site_gen.label_seq_id 
_struct_site_gen.pdbx_auth_ins_code 
_struct_site_gen.auth_comp_id 
_struct_site_gen.auth_asym_id 
_struct_site_gen.auth_seq_id 
_struct_site_gen.label_atom_id 
_struct_site_gen.label_alt_id 
_struct_site_gen.symmetry 
_struct_site_gen.details 
1  AC1 3 LEU A 87  ? LEU A 84   . ? 1_555 ? 
2  AC1 3 ASN A 106 ? ASN A 103  . ? 1_555 ? 
3  AC1 3 HOH H .   ? HOH A 2009 . ? 1_555 ? 
4  AC2 3 HIS A 64  ? HIS A 61   . ? 1_555 ? 
5  AC2 3 THR A 66  ? THR A 63   . ? 1_555 ? 
6  AC2 3 GLU A 114 ? GLU A 111  . ? 1_555 ? 
7  AC3 1 SER A 23  ? SER A 20   . ? 1_555 ? 
8  AC4 1 SER A 133 ? SER A 130  . ? 1_555 ? 
9  AC5 2 ASP A 19  ? ASP A 16   . ? 1_555 ? 
10 AC5 2 MET A 31  ? MET A 28   . ? 1_555 ? 
11 AC6 2 LEU A 87  ? LEU A 84   . ? 1_555 ? 
12 AC6 2 ASP A 119 ? ASP A 116  . ? 1_555 ? 
# 
_pdbx_validate_symm_contact.id                1 
_pdbx_validate_symm_contact.PDB_model_num     1 
_pdbx_validate_symm_contact.auth_atom_id_1    NH1 
_pdbx_validate_symm_contact.auth_asym_id_1    A 
_pdbx_validate_symm_contact.auth_comp_id_1    ARG 
_pdbx_validate_symm_contact.auth_seq_id_1     120 
_pdbx_validate_symm_contact.PDB_ins_code_1    ? 
_pdbx_validate_symm_contact.label_alt_id_1    ? 
_pdbx_validate_symm_contact.site_symmetry_1   1_555 
_pdbx_validate_symm_contact.auth_atom_id_2    OD2 
_pdbx_validate_symm_contact.auth_asym_id_2    A 
_pdbx_validate_symm_contact.auth_comp_id_2    ASP 
_pdbx_validate_symm_contact.auth_seq_id_2     167 
_pdbx_validate_symm_contact.PDB_ins_code_2    ? 
_pdbx_validate_symm_contact.label_alt_id_2    ? 
_pdbx_validate_symm_contact.site_symmetry_2   5_455 
_pdbx_validate_symm_contact.dist              2.07 
# 
_pdbx_validate_rmsd_angle.id                         1 
_pdbx_validate_rmsd_angle.PDB_model_num              1 
_pdbx_validate_rmsd_angle.auth_atom_id_1             NE 
_pdbx_validate_rmsd_angle.auth_asym_id_1             A 
_pdbx_validate_rmsd_angle.auth_comp_id_1             ARG 
_pdbx_validate_rmsd_angle.auth_seq_id_1              78 
_pdbx_validate_rmsd_angle.PDB_ins_code_1             ? 
_pdbx_validate_rmsd_angle.label_alt_id_1             ? 
_pdbx_validate_rmsd_angle.auth_atom_id_2             CZ 
_pdbx_validate_rmsd_angle.auth_asym_id_2             A 
_pdbx_validate_rmsd_angle.auth_comp_id_2             ARG 
_pdbx_validate_rmsd_angle.auth_seq_id_2              78 
_pdbx_validate_rmsd_angle.PDB_ins_code_2             ? 
_pdbx_validate_rmsd_angle.label_alt_id_2             ? 
_pdbx_validate_rmsd_angle.auth_atom_id_3             NH2 
_pdbx_validate_rmsd_angle.auth_asym_id_3             A 
_pdbx_validate_rmsd_angle.auth_comp_id_3             ARG 
_pdbx_validate_rmsd_angle.auth_seq_id_3              78 
_pdbx_validate_rmsd_angle.PDB_ins_code_3             ? 
_pdbx_validate_rmsd_angle.label_alt_id_3             ? 
_pdbx_validate_rmsd_angle.angle_value                117.28 
_pdbx_validate_rmsd_angle.angle_target_value         120.30 
_pdbx_validate_rmsd_angle.angle_deviation            -3.02 
_pdbx_validate_rmsd_angle.angle_standard_deviation   0.50 
_pdbx_validate_rmsd_angle.linker_flag                N 
# 
_pdbx_struct_special_symmetry.id              1 
_pdbx_struct_special_symmetry.PDB_model_num   1 
_pdbx_struct_special_symmetry.auth_asym_id    A 
_pdbx_struct_special_symmetry.auth_comp_id    HOH 
_pdbx_struct_special_symmetry.auth_seq_id     2015 
_pdbx_struct_special_symmetry.PDB_ins_code    ? 
_pdbx_struct_special_symmetry.label_asym_id   H 
_pdbx_struct_special_symmetry.label_comp_id   HOH 
_pdbx_struct_special_symmetry.label_seq_id    . 
# 
_pdbx_database_remark.id     700 
_pdbx_database_remark.text   
;
SHEET
THE SHEET STRUCTURE OF THIS MOLECULE IS BIFURCATED. IN
ORDER TO REPRESENT THIS FEATURE IN THE SHEET RECORDS BELOW,
TWO SHEETS ARE DEFINED.
;
# 
_pdbx_entry_details.entry_id                 2BM6 
_pdbx_entry_details.compound_details         ? 
_pdbx_entry_details.source_details           ? 
_pdbx_entry_details.nonpolymer_details       ? 
_pdbx_entry_details.sequence_details         
;THREE RESIDUES FROM N-TERMINAL HIS-TAG REMAIN AFTER
THROMBIN CLEAVAGE OF THE TAG.
;
_pdbx_entry_details.has_ligand_of_interest   ? 
# 
loop_
_pdbx_unobs_or_zero_occ_residues.id 
_pdbx_unobs_or_zero_occ_residues.PDB_model_num 
_pdbx_unobs_or_zero_occ_residues.polymer_flag 
_pdbx_unobs_or_zero_occ_residues.occupancy_flag 
_pdbx_unobs_or_zero_occ_residues.auth_asym_id 
_pdbx_unobs_or_zero_occ_residues.auth_comp_id 
_pdbx_unobs_or_zero_occ_residues.auth_seq_id 
_pdbx_unobs_or_zero_occ_residues.PDB_ins_code 
_pdbx_unobs_or_zero_occ_residues.label_asym_id 
_pdbx_unobs_or_zero_occ_residues.label_comp_id 
_pdbx_unobs_or_zero_occ_residues.label_seq_id 
1 1 Y 1 A GLY -2  ? A GLY 1   
2 1 Y 1 A SER -1  ? A SER 2   
3 1 Y 1 A HIS 0   ? A HIS 3   
4 1 Y 1 A MET 1   ? A MET 4   
5 1 Y 1 A GLN 2   ? A GLN 5   
6 1 Y 1 A GLY 182 ? A GLY 185 
7 1 Y 1 A GLY 183 ? A GLY 186 
# 
loop_
_chem_comp_atom.comp_id 
_chem_comp_atom.atom_id 
_chem_comp_atom.type_symbol 
_chem_comp_atom.pdbx_aromatic_flag 
_chem_comp_atom.pdbx_stereo_config 
_chem_comp_atom.pdbx_ordinal 
ALA N    N  N N 1   
ALA CA   C  N S 2   
ALA C    C  N N 3   
ALA O    O  N N 4   
ALA CB   C  N N 5   
ALA OXT  O  N N 6   
ALA H    H  N N 7   
ALA H2   H  N N 8   
ALA HA   H  N N 9   
ALA HB1  H  N N 10  
ALA HB2  H  N N 11  
ALA HB3  H  N N 12  
ALA HXT  H  N N 13  
ARG N    N  N N 14  
ARG CA   C  N S 15  
ARG C    C  N N 16  
ARG O    O  N N 17  
ARG CB   C  N N 18  
ARG CG   C  N N 19  
ARG CD   C  N N 20  
ARG NE   N  N N 21  
ARG CZ   C  N N 22  
ARG NH1  N  N N 23  
ARG NH2  N  N N 24  
ARG OXT  O  N N 25  
ARG H    H  N N 26  
ARG H2   H  N N 27  
ARG HA   H  N N 28  
ARG HB2  H  N N 29  
ARG HB3  H  N N 30  
ARG HG2  H  N N 31  
ARG HG3  H  N N 32  
ARG HD2  H  N N 33  
ARG HD3  H  N N 34  
ARG HE   H  N N 35  
ARG HH11 H  N N 36  
ARG HH12 H  N N 37  
ARG HH21 H  N N 38  
ARG HH22 H  N N 39  
ARG HXT  H  N N 40  
ASN N    N  N N 41  
ASN CA   C  N S 42  
ASN C    C  N N 43  
ASN O    O  N N 44  
ASN CB   C  N N 45  
ASN CG   C  N N 46  
ASN OD1  O  N N 47  
ASN ND2  N  N N 48  
ASN OXT  O  N N 49  
ASN H    H  N N 50  
ASN H2   H  N N 51  
ASN HA   H  N N 52  
ASN HB2  H  N N 53  
ASN HB3  H  N N 54  
ASN HD21 H  N N 55  
ASN HD22 H  N N 56  
ASN HXT  H  N N 57  
ASP N    N  N N 58  
ASP CA   C  N S 59  
ASP C    C  N N 60  
ASP O    O  N N 61  
ASP CB   C  N N 62  
ASP CG   C  N N 63  
ASP OD1  O  N N 64  
ASP OD2  O  N N 65  
ASP OXT  O  N N 66  
ASP H    H  N N 67  
ASP H2   H  N N 68  
ASP HA   H  N N 69  
ASP HB2  H  N N 70  
ASP HB3  H  N N 71  
ASP HD2  H  N N 72  
ASP HXT  H  N N 73  
CS  CS   CS N N 74  
CYS N    N  N N 75  
CYS CA   C  N R 76  
CYS C    C  N N 77  
CYS O    O  N N 78  
CYS CB   C  N N 79  
CYS SG   S  N N 80  
CYS OXT  O  N N 81  
CYS H    H  N N 82  
CYS H2   H  N N 83  
CYS HA   H  N N 84  
CYS HB2  H  N N 85  
CYS HB3  H  N N 86  
CYS HG   H  N N 87  
CYS HXT  H  N N 88  
GLN N    N  N N 89  
GLN CA   C  N S 90  
GLN C    C  N N 91  
GLN O    O  N N 92  
GLN CB   C  N N 93  
GLN CG   C  N N 94  
GLN CD   C  N N 95  
GLN OE1  O  N N 96  
GLN NE2  N  N N 97  
GLN OXT  O  N N 98  
GLN H    H  N N 99  
GLN H2   H  N N 100 
GLN HA   H  N N 101 
GLN HB2  H  N N 102 
GLN HB3  H  N N 103 
GLN HG2  H  N N 104 
GLN HG3  H  N N 105 
GLN HE21 H  N N 106 
GLN HE22 H  N N 107 
GLN HXT  H  N N 108 
GLU N    N  N N 109 
GLU CA   C  N S 110 
GLU C    C  N N 111 
GLU O    O  N N 112 
GLU CB   C  N N 113 
GLU CG   C  N N 114 
GLU CD   C  N N 115 
GLU OE1  O  N N 116 
GLU OE2  O  N N 117 
GLU OXT  O  N N 118 
GLU H    H  N N 119 
GLU H2   H  N N 120 
GLU HA   H  N N 121 
GLU HB2  H  N N 122 
GLU HB3  H  N N 123 
GLU HG2  H  N N 124 
GLU HG3  H  N N 125 
GLU HE2  H  N N 126 
GLU HXT  H  N N 127 
GLY N    N  N N 128 
GLY CA   C  N N 129 
GLY C    C  N N 130 
GLY O    O  N N 131 
GLY OXT  O  N N 132 
GLY H    H  N N 133 
GLY H2   H  N N 134 
GLY HA2  H  N N 135 
GLY HA3  H  N N 136 
GLY HXT  H  N N 137 
HIS N    N  N N 138 
HIS CA   C  N S 139 
HIS C    C  N N 140 
HIS O    O  N N 141 
HIS CB   C  N N 142 
HIS CG   C  Y N 143 
HIS ND1  N  Y N 144 
HIS CD2  C  Y N 145 
HIS CE1  C  Y N 146 
HIS NE2  N  Y N 147 
HIS OXT  O  N N 148 
HIS H    H  N N 149 
HIS H2   H  N N 150 
HIS HA   H  N N 151 
HIS HB2  H  N N 152 
HIS HB3  H  N N 153 
HIS HD1  H  N N 154 
HIS HD2  H  N N 155 
HIS HE1  H  N N 156 
HIS HE2  H  N N 157 
HIS HXT  H  N N 158 
HOH O    O  N N 159 
HOH H1   H  N N 160 
HOH H2   H  N N 161 
LEU N    N  N N 162 
LEU CA   C  N S 163 
LEU C    C  N N 164 
LEU O    O  N N 165 
LEU CB   C  N N 166 
LEU CG   C  N N 167 
LEU CD1  C  N N 168 
LEU CD2  C  N N 169 
LEU OXT  O  N N 170 
LEU H    H  N N 171 
LEU H2   H  N N 172 
LEU HA   H  N N 173 
LEU HB2  H  N N 174 
LEU HB3  H  N N 175 
LEU HG   H  N N 176 
LEU HD11 H  N N 177 
LEU HD12 H  N N 178 
LEU HD13 H  N N 179 
LEU HD21 H  N N 180 
LEU HD22 H  N N 181 
LEU HD23 H  N N 182 
LEU HXT  H  N N 183 
LYS N    N  N N 184 
LYS CA   C  N S 185 
LYS C    C  N N 186 
LYS O    O  N N 187 
LYS CB   C  N N 188 
LYS CG   C  N N 189 
LYS CD   C  N N 190 
LYS CE   C  N N 191 
LYS NZ   N  N N 192 
LYS OXT  O  N N 193 
LYS H    H  N N 194 
LYS H2   H  N N 195 
LYS HA   H  N N 196 
LYS HB2  H  N N 197 
LYS HB3  H  N N 198 
LYS HG2  H  N N 199 
LYS HG3  H  N N 200 
LYS HD2  H  N N 201 
LYS HD3  H  N N 202 
LYS HE2  H  N N 203 
LYS HE3  H  N N 204 
LYS HZ1  H  N N 205 
LYS HZ2  H  N N 206 
LYS HZ3  H  N N 207 
LYS HXT  H  N N 208 
MET N    N  N N 209 
MET CA   C  N S 210 
MET C    C  N N 211 
MET O    O  N N 212 
MET CB   C  N N 213 
MET CG   C  N N 214 
MET SD   S  N N 215 
MET CE   C  N N 216 
MET OXT  O  N N 217 
MET H    H  N N 218 
MET H2   H  N N 219 
MET HA   H  N N 220 
MET HB2  H  N N 221 
MET HB3  H  N N 222 
MET HG2  H  N N 223 
MET HG3  H  N N 224 
MET HE1  H  N N 225 
MET HE2  H  N N 226 
MET HE3  H  N N 227 
MET HXT  H  N N 228 
PHE N    N  N N 229 
PHE CA   C  N S 230 
PHE C    C  N N 231 
PHE O    O  N N 232 
PHE CB   C  N N 233 
PHE CG   C  Y N 234 
PHE CD1  C  Y N 235 
PHE CD2  C  Y N 236 
PHE CE1  C  Y N 237 
PHE CE2  C  Y N 238 
PHE CZ   C  Y N 239 
PHE OXT  O  N N 240 
PHE H    H  N N 241 
PHE H2   H  N N 242 
PHE HA   H  N N 243 
PHE HB2  H  N N 244 
PHE HB3  H  N N 245 
PHE HD1  H  N N 246 
PHE HD2  H  N N 247 
PHE HE1  H  N N 248 
PHE HE2  H  N N 249 
PHE HZ   H  N N 250 
PHE HXT  H  N N 251 
PRO N    N  N N 252 
PRO CA   C  N S 253 
PRO C    C  N N 254 
PRO O    O  N N 255 
PRO CB   C  N N 256 
PRO CG   C  N N 257 
PRO CD   C  N N 258 
PRO OXT  O  N N 259 
PRO H    H  N N 260 
PRO HA   H  N N 261 
PRO HB2  H  N N 262 
PRO HB3  H  N N 263 
PRO HG2  H  N N 264 
PRO HG3  H  N N 265 
PRO HD2  H  N N 266 
PRO HD3  H  N N 267 
PRO HXT  H  N N 268 
SER N    N  N N 269 
SER CA   C  N S 270 
SER C    C  N N 271 
SER O    O  N N 272 
SER CB   C  N N 273 
SER OG   O  N N 274 
SER OXT  O  N N 275 
SER H    H  N N 276 
SER H2   H  N N 277 
SER HA   H  N N 278 
SER HB2  H  N N 279 
SER HB3  H  N N 280 
SER HG   H  N N 281 
SER HXT  H  N N 282 
THR N    N  N N 283 
THR CA   C  N S 284 
THR C    C  N N 285 
THR O    O  N N 286 
THR CB   C  N R 287 
THR OG1  O  N N 288 
THR CG2  C  N N 289 
THR OXT  O  N N 290 
THR H    H  N N 291 
THR H2   H  N N 292 
THR HA   H  N N 293 
THR HB   H  N N 294 
THR HG1  H  N N 295 
THR HG21 H  N N 296 
THR HG22 H  N N 297 
THR HG23 H  N N 298 
THR HXT  H  N N 299 
TRP N    N  N N 300 
TRP CA   C  N S 301 
TRP C    C  N N 302 
TRP O    O  N N 303 
TRP CB   C  N N 304 
TRP CG   C  Y N 305 
TRP CD1  C  Y N 306 
TRP CD2  C  Y N 307 
TRP NE1  N  Y N 308 
TRP CE2  C  Y N 309 
TRP CE3  C  Y N 310 
TRP CZ2  C  Y N 311 
TRP CZ3  C  Y N 312 
TRP CH2  C  Y N 313 
TRP OXT  O  N N 314 
TRP H    H  N N 315 
TRP H2   H  N N 316 
TRP HA   H  N N 317 
TRP HB2  H  N N 318 
TRP HB3  H  N N 319 
TRP HD1  H  N N 320 
TRP HE1  H  N N 321 
TRP HE3  H  N N 322 
TRP HZ2  H  N N 323 
TRP HZ3  H  N N 324 
TRP HH2  H  N N 325 
TRP HXT  H  N N 326 
VAL N    N  N N 327 
VAL CA   C  N S 328 
VAL C    C  N N 329 
VAL O    O  N N 330 
VAL CB   C  N N 331 
VAL CG1  C  N N 332 
VAL CG2  C  N N 333 
VAL OXT  O  N N 334 
VAL H    H  N N 335 
VAL H2   H  N N 336 
VAL HA   H  N N 337 
VAL HB   H  N N 338 
VAL HG11 H  N N 339 
VAL HG12 H  N N 340 
VAL HG13 H  N N 341 
VAL HG21 H  N N 342 
VAL HG22 H  N N 343 
VAL HG23 H  N N 344 
VAL HXT  H  N N 345 
# 
loop_
_chem_comp_bond.comp_id 
_chem_comp_bond.atom_id_1 
_chem_comp_bond.atom_id_2 
_chem_comp_bond.value_order 
_chem_comp_bond.pdbx_aromatic_flag 
_chem_comp_bond.pdbx_stereo_config 
_chem_comp_bond.pdbx_ordinal 
ALA N   CA   sing N N 1   
ALA N   H    sing N N 2   
ALA N   H2   sing N N 3   
ALA CA  C    sing N N 4   
ALA CA  CB   sing N N 5   
ALA CA  HA   sing N N 6   
ALA C   O    doub N N 7   
ALA C   OXT  sing N N 8   
ALA CB  HB1  sing N N 9   
ALA CB  HB2  sing N N 10  
ALA CB  HB3  sing N N 11  
ALA OXT HXT  sing N N 12  
ARG N   CA   sing N N 13  
ARG N   H    sing N N 14  
ARG N   H2   sing N N 15  
ARG CA  C    sing N N 16  
ARG CA  CB   sing N N 17  
ARG CA  HA   sing N N 18  
ARG C   O    doub N N 19  
ARG C   OXT  sing N N 20  
ARG CB  CG   sing N N 21  
ARG CB  HB2  sing N N 22  
ARG CB  HB3  sing N N 23  
ARG CG  CD   sing N N 24  
ARG CG  HG2  sing N N 25  
ARG CG  HG3  sing N N 26  
ARG CD  NE   sing N N 27  
ARG CD  HD2  sing N N 28  
ARG CD  HD3  sing N N 29  
ARG NE  CZ   sing N N 30  
ARG NE  HE   sing N N 31  
ARG CZ  NH1  sing N N 32  
ARG CZ  NH2  doub N N 33  
ARG NH1 HH11 sing N N 34  
ARG NH1 HH12 sing N N 35  
ARG NH2 HH21 sing N N 36  
ARG NH2 HH22 sing N N 37  
ARG OXT HXT  sing N N 38  
ASN N   CA   sing N N 39  
ASN N   H    sing N N 40  
ASN N   H2   sing N N 41  
ASN CA  C    sing N N 42  
ASN CA  CB   sing N N 43  
ASN CA  HA   sing N N 44  
ASN C   O    doub N N 45  
ASN C   OXT  sing N N 46  
ASN CB  CG   sing N N 47  
ASN CB  HB2  sing N N 48  
ASN CB  HB3  sing N N 49  
ASN CG  OD1  doub N N 50  
ASN CG  ND2  sing N N 51  
ASN ND2 HD21 sing N N 52  
ASN ND2 HD22 sing N N 53  
ASN OXT HXT  sing N N 54  
ASP N   CA   sing N N 55  
ASP N   H    sing N N 56  
ASP N   H2   sing N N 57  
ASP CA  C    sing N N 58  
ASP CA  CB   sing N N 59  
ASP CA  HA   sing N N 60  
ASP C   O    doub N N 61  
ASP C   OXT  sing N N 62  
ASP CB  CG   sing N N 63  
ASP CB  HB2  sing N N 64  
ASP CB  HB3  sing N N 65  
ASP CG  OD1  doub N N 66  
ASP CG  OD2  sing N N 67  
ASP OD2 HD2  sing N N 68  
ASP OXT HXT  sing N N 69  
CYS N   CA   sing N N 70  
CYS N   H    sing N N 71  
CYS N   H2   sing N N 72  
CYS CA  C    sing N N 73  
CYS CA  CB   sing N N 74  
CYS CA  HA   sing N N 75  
CYS C   O    doub N N 76  
CYS C   OXT  sing N N 77  
CYS CB  SG   sing N N 78  
CYS CB  HB2  sing N N 79  
CYS CB  HB3  sing N N 80  
CYS SG  HG   sing N N 81  
CYS OXT HXT  sing N N 82  
GLN N   CA   sing N N 83  
GLN N   H    sing N N 84  
GLN N   H2   sing N N 85  
GLN CA  C    sing N N 86  
GLN CA  CB   sing N N 87  
GLN CA  HA   sing N N 88  
GLN C   O    doub N N 89  
GLN C   OXT  sing N N 90  
GLN CB  CG   sing N N 91  
GLN CB  HB2  sing N N 92  
GLN CB  HB3  sing N N 93  
GLN CG  CD   sing N N 94  
GLN CG  HG2  sing N N 95  
GLN CG  HG3  sing N N 96  
GLN CD  OE1  doub N N 97  
GLN CD  NE2  sing N N 98  
GLN NE2 HE21 sing N N 99  
GLN NE2 HE22 sing N N 100 
GLN OXT HXT  sing N N 101 
GLU N   CA   sing N N 102 
GLU N   H    sing N N 103 
GLU N   H2   sing N N 104 
GLU CA  C    sing N N 105 
GLU CA  CB   sing N N 106 
GLU CA  HA   sing N N 107 
GLU C   O    doub N N 108 
GLU C   OXT  sing N N 109 
GLU CB  CG   sing N N 110 
GLU CB  HB2  sing N N 111 
GLU CB  HB3  sing N N 112 
GLU CG  CD   sing N N 113 
GLU CG  HG2  sing N N 114 
GLU CG  HG3  sing N N 115 
GLU CD  OE1  doub N N 116 
GLU CD  OE2  sing N N 117 
GLU OE2 HE2  sing N N 118 
GLU OXT HXT  sing N N 119 
GLY N   CA   sing N N 120 
GLY N   H    sing N N 121 
GLY N   H2   sing N N 122 
GLY CA  C    sing N N 123 
GLY CA  HA2  sing N N 124 
GLY CA  HA3  sing N N 125 
GLY C   O    doub N N 126 
GLY C   OXT  sing N N 127 
GLY OXT HXT  sing N N 128 
HIS N   CA   sing N N 129 
HIS N   H    sing N N 130 
HIS N   H2   sing N N 131 
HIS CA  C    sing N N 132 
HIS CA  CB   sing N N 133 
HIS CA  HA   sing N N 134 
HIS C   O    doub N N 135 
HIS C   OXT  sing N N 136 
HIS CB  CG   sing N N 137 
HIS CB  HB2  sing N N 138 
HIS CB  HB3  sing N N 139 
HIS CG  ND1  sing Y N 140 
HIS CG  CD2  doub Y N 141 
HIS ND1 CE1  doub Y N 142 
HIS ND1 HD1  sing N N 143 
HIS CD2 NE2  sing Y N 144 
HIS CD2 HD2  sing N N 145 
HIS CE1 NE2  sing Y N 146 
HIS CE1 HE1  sing N N 147 
HIS NE2 HE2  sing N N 148 
HIS OXT HXT  sing N N 149 
HOH O   H1   sing N N 150 
HOH O   H2   sing N N 151 
LEU N   CA   sing N N 152 
LEU N   H    sing N N 153 
LEU N   H2   sing N N 154 
LEU CA  C    sing N N 155 
LEU CA  CB   sing N N 156 
LEU CA  HA   sing N N 157 
LEU C   O    doub N N 158 
LEU C   OXT  sing N N 159 
LEU CB  CG   sing N N 160 
LEU CB  HB2  sing N N 161 
LEU CB  HB3  sing N N 162 
LEU CG  CD1  sing N N 163 
LEU CG  CD2  sing N N 164 
LEU CG  HG   sing N N 165 
LEU CD1 HD11 sing N N 166 
LEU CD1 HD12 sing N N 167 
LEU CD1 HD13 sing N N 168 
LEU CD2 HD21 sing N N 169 
LEU CD2 HD22 sing N N 170 
LEU CD2 HD23 sing N N 171 
LEU OXT HXT  sing N N 172 
LYS N   CA   sing N N 173 
LYS N   H    sing N N 174 
LYS N   H2   sing N N 175 
LYS CA  C    sing N N 176 
LYS CA  CB   sing N N 177 
LYS CA  HA   sing N N 178 
LYS C   O    doub N N 179 
LYS C   OXT  sing N N 180 
LYS CB  CG   sing N N 181 
LYS CB  HB2  sing N N 182 
LYS CB  HB3  sing N N 183 
LYS CG  CD   sing N N 184 
LYS CG  HG2  sing N N 185 
LYS CG  HG3  sing N N 186 
LYS CD  CE   sing N N 187 
LYS CD  HD2  sing N N 188 
LYS CD  HD3  sing N N 189 
LYS CE  NZ   sing N N 190 
LYS CE  HE2  sing N N 191 
LYS CE  HE3  sing N N 192 
LYS NZ  HZ1  sing N N 193 
LYS NZ  HZ2  sing N N 194 
LYS NZ  HZ3  sing N N 195 
LYS OXT HXT  sing N N 196 
MET N   CA   sing N N 197 
MET N   H    sing N N 198 
MET N   H2   sing N N 199 
MET CA  C    sing N N 200 
MET CA  CB   sing N N 201 
MET CA  HA   sing N N 202 
MET C   O    doub N N 203 
MET C   OXT  sing N N 204 
MET CB  CG   sing N N 205 
MET CB  HB2  sing N N 206 
MET CB  HB3  sing N N 207 
MET CG  SD   sing N N 208 
MET CG  HG2  sing N N 209 
MET CG  HG3  sing N N 210 
MET SD  CE   sing N N 211 
MET CE  HE1  sing N N 212 
MET CE  HE2  sing N N 213 
MET CE  HE3  sing N N 214 
MET OXT HXT  sing N N 215 
PHE N   CA   sing N N 216 
PHE N   H    sing N N 217 
PHE N   H2   sing N N 218 
PHE CA  C    sing N N 219 
PHE CA  CB   sing N N 220 
PHE CA  HA   sing N N 221 
PHE C   O    doub N N 222 
PHE C   OXT  sing N N 223 
PHE CB  CG   sing N N 224 
PHE CB  HB2  sing N N 225 
PHE CB  HB3  sing N N 226 
PHE CG  CD1  doub Y N 227 
PHE CG  CD2  sing Y N 228 
PHE CD1 CE1  sing Y N 229 
PHE CD1 HD1  sing N N 230 
PHE CD2 CE2  doub Y N 231 
PHE CD2 HD2  sing N N 232 
PHE CE1 CZ   doub Y N 233 
PHE CE1 HE1  sing N N 234 
PHE CE2 CZ   sing Y N 235 
PHE CE2 HE2  sing N N 236 
PHE CZ  HZ   sing N N 237 
PHE OXT HXT  sing N N 238 
PRO N   CA   sing N N 239 
PRO N   CD   sing N N 240 
PRO N   H    sing N N 241 
PRO CA  C    sing N N 242 
PRO CA  CB   sing N N 243 
PRO CA  HA   sing N N 244 
PRO C   O    doub N N 245 
PRO C   OXT  sing N N 246 
PRO CB  CG   sing N N 247 
PRO CB  HB2  sing N N 248 
PRO CB  HB3  sing N N 249 
PRO CG  CD   sing N N 250 
PRO CG  HG2  sing N N 251 
PRO CG  HG3  sing N N 252 
PRO CD  HD2  sing N N 253 
PRO CD  HD3  sing N N 254 
PRO OXT HXT  sing N N 255 
SER N   CA   sing N N 256 
SER N   H    sing N N 257 
SER N   H2   sing N N 258 
SER CA  C    sing N N 259 
SER CA  CB   sing N N 260 
SER CA  HA   sing N N 261 
SER C   O    doub N N 262 
SER C   OXT  sing N N 263 
SER CB  OG   sing N N 264 
SER CB  HB2  sing N N 265 
SER CB  HB3  sing N N 266 
SER OG  HG   sing N N 267 
SER OXT HXT  sing N N 268 
THR N   CA   sing N N 269 
THR N   H    sing N N 270 
THR N   H2   sing N N 271 
THR CA  C    sing N N 272 
THR CA  CB   sing N N 273 
THR CA  HA   sing N N 274 
THR C   O    doub N N 275 
THR C   OXT  sing N N 276 
THR CB  OG1  sing N N 277 
THR CB  CG2  sing N N 278 
THR CB  HB   sing N N 279 
THR OG1 HG1  sing N N 280 
THR CG2 HG21 sing N N 281 
THR CG2 HG22 sing N N 282 
THR CG2 HG23 sing N N 283 
THR OXT HXT  sing N N 284 
TRP N   CA   sing N N 285 
TRP N   H    sing N N 286 
TRP N   H2   sing N N 287 
TRP CA  C    sing N N 288 
TRP CA  CB   sing N N 289 
TRP CA  HA   sing N N 290 
TRP C   O    doub N N 291 
TRP C   OXT  sing N N 292 
TRP CB  CG   sing N N 293 
TRP CB  HB2  sing N N 294 
TRP CB  HB3  sing N N 295 
TRP CG  CD1  doub Y N 296 
TRP CG  CD2  sing Y N 297 
TRP CD1 NE1  sing Y N 298 
TRP CD1 HD1  sing N N 299 
TRP CD2 CE2  doub Y N 300 
TRP CD2 CE3  sing Y N 301 
TRP NE1 CE2  sing Y N 302 
TRP NE1 HE1  sing N N 303 
TRP CE2 CZ2  sing Y N 304 
TRP CE3 CZ3  doub Y N 305 
TRP CE3 HE3  sing N N 306 
TRP CZ2 CH2  doub Y N 307 
TRP CZ2 HZ2  sing N N 308 
TRP CZ3 CH2  sing Y N 309 
TRP CZ3 HZ3  sing N N 310 
TRP CH2 HH2  sing N N 311 
TRP OXT HXT  sing N N 312 
VAL N   CA   sing N N 313 
VAL N   H    sing N N 314 
VAL N   H2   sing N N 315 
VAL CA  C    sing N N 316 
VAL CA  CB   sing N N 317 
VAL CA  HA   sing N N 318 
VAL C   O    doub N N 319 
VAL C   OXT  sing N N 320 
VAL CB  CG1  sing N N 321 
VAL CB  CG2  sing N N 322 
VAL CB  HB   sing N N 323 
VAL CG1 HG11 sing N N 324 
VAL CG1 HG12 sing N N 325 
VAL CG1 HG13 sing N N 326 
VAL CG2 HG21 sing N N 327 
VAL CG2 HG22 sing N N 328 
VAL CG2 HG23 sing N N 329 
VAL OXT HXT  sing N N 330 
# 
_pdbx_initial_refinement_model.accession_code   ? 
_pdbx_initial_refinement_model.id               1 
_pdbx_initial_refinement_model.entity_id_list   ? 
_pdbx_initial_refinement_model.type             'experimental model' 
_pdbx_initial_refinement_model.source_name      Other 
_pdbx_initial_refinement_model.details          'PREVIOUS STRUCTURE DETERMINED BY SE-MET MAD' 
# 
_atom_sites.entry_id                    2BM6 
_atom_sites.fract_transf_matrix[1][1]   0.01970333 
_atom_sites.fract_transf_matrix[1][2]   0.02128262 
_atom_sites.fract_transf_matrix[1][3]   -0.00745598 
_atom_sites.fract_transf_matrix[2][1]   -0.01373918 
_atom_sites.fract_transf_matrix[2][2]   0.01448315 
_atom_sites.fract_transf_matrix[2][3]   0.00503379 
_atom_sites.fract_transf_matrix[3][1]   0.00185241 
_atom_sites.fract_transf_matrix[3][2]   0.00002804 
_atom_sites.fract_transf_matrix[3][3]   0.00497527 
_atom_sites.fract_transf_vector[1]      0.616228 
_atom_sites.fract_transf_vector[2]      0.590674 
_atom_sites.fract_transf_vector[3]      0.128379 
# 
loop_
_atom_type.symbol 
C  
CS 
N  
O  
S  
# 
loop_
_atom_site.group_PDB 
_atom_site.id 
_atom_site.type_symbol 
_atom_site.label_atom_id 
_atom_site.label_alt_id 
_atom_site.label_comp_id 
_atom_site.label_asym_id 
_atom_site.label_entity_id 
_atom_site.label_seq_id 
_atom_site.pdbx_PDB_ins_code 
_atom_site.Cartn_x 
_atom_site.Cartn_y 
_atom_site.Cartn_z 
_atom_site.occupancy 
_atom_site.B_iso_or_equiv 
_atom_site.pdbx_formal_charge 
_atom_site.auth_seq_id 
_atom_site.auth_comp_id 
_atom_site.auth_asym_id 
_atom_site.auth_atom_id 
_atom_site.pdbx_PDB_model_num 
ATOM   1    N  N   . GLN A 1 6   ? -14.087 -14.780 -14.196 1.00 41.56 ? 3    GLN A N   1 
ATOM   2    C  CA  . GLN A 1 6   ? -12.605 -14.738 -14.381 1.00 40.69 ? 3    GLN A CA  1 
ATOM   3    C  C   . GLN A 1 6   ? -12.193 -13.889 -15.549 1.00 38.78 ? 3    GLN A C   1 
ATOM   4    O  O   . GLN A 1 6   ? -12.607 -14.140 -16.661 1.00 38.45 ? 3    GLN A O   1 
ATOM   5    C  CB  . GLN A 1 6   ? -12.034 -16.105 -14.693 1.00 43.37 ? 3    GLN A CB  1 
ATOM   6    C  CG  . GLN A 1 6   ? -12.129 -17.121 -13.632 1.00 48.20 ? 3    GLN A CG  1 
ATOM   7    C  CD  . GLN A 1 6   ? -11.093 -18.195 -13.853 1.00 50.06 ? 3    GLN A CD  1 
ATOM   8    O  OE1 . GLN A 1 6   ? -10.856 -18.600 -14.995 1.00 52.06 ? 3    GLN A OE1 1 
ATOM   9    N  NE2 . GLN A 1 6   ? -10.472 -18.669 -12.774 1.00 51.10 ? 3    GLN A NE2 1 
ATOM   10   N  N   . TRP A 1 7   ? -11.343 -12.911 -15.305 1.00 36.73 ? 4    TRP A N   1 
ATOM   11   C  CA  . TRP A 1 7   ? -10.832 -12.086 -16.374 1.00 34.19 ? 4    TRP A CA  1 
ATOM   12   C  C   . TRP A 1 7   ? -9.391  -12.497 -16.490 1.00 33.62 ? 4    TRP A C   1 
ATOM   13   O  O   . TRP A 1 7   ? -8.589  -12.166 -15.622 1.00 32.84 ? 4    TRP A O   1 
ATOM   14   C  CB  . TRP A 1 7   ? -10.947 -10.637 -15.995 1.00 33.73 ? 4    TRP A CB  1 
ATOM   15   C  CG  . TRP A 1 7   ? -12.338 -10.251 -15.966 1.00 34.00 ? 4    TRP A CG  1 
ATOM   16   C  CD1 . TRP A 1 7   ? -13.392 -11.014 -16.373 1.00 35.44 ? 4    TRP A CD1 1 
ATOM   17   C  CD2 . TRP A 1 7   ? -12.884 -9.013  -15.519 1.00 33.53 ? 4    TRP A CD2 1 
ATOM   18   N  NE1 . TRP A 1 7   ? -14.573 -10.329 -16.196 1.00 36.92 ? 4    TRP A NE1 1 
ATOM   19   C  CE2 . TRP A 1 7   ? -14.288 -9.096  -15.673 1.00 36.15 ? 4    TRP A CE2 1 
ATOM   20   C  CE3 . TRP A 1 7   ? -12.336 -7.851  -14.997 1.00 33.69 ? 4    TRP A CE3 1 
ATOM   21   C  CZ2 . TRP A 1 7   ? -15.145 -8.046  -15.323 1.00 36.00 ? 4    TRP A CZ2 1 
ATOM   22   C  CZ3 . TRP A 1 7   ? -13.185 -6.810  -14.644 1.00 33.26 ? 4    TRP A CZ3 1 
ATOM   23   C  CH2 . TRP A 1 7   ? -14.570 -6.914  -14.805 1.00 34.19 ? 4    TRP A CH2 1 
ATOM   24   N  N   . VAL A 1 8   ? -9.082  -13.235 -17.551 1.00 32.50 ? 5    VAL A N   1 
ATOM   25   C  CA  . VAL A 1 8   ? -7.747  -13.752 -17.800 1.00 32.61 ? 5    VAL A CA  1 
ATOM   26   C  C   . VAL A 1 8   ? -7.102  -13.272 -19.101 1.00 32.40 ? 5    VAL A C   1 
ATOM   27   O  O   . VAL A 1 8   ? -7.756  -13.182 -20.137 1.00 33.82 ? 5    VAL A O   1 
ATOM   28   C  CB  . VAL A 1 8   ? -7.800  -15.256 -17.776 1.00 33.19 ? 5    VAL A CB  1 
ATOM   29   C  CG1 . VAL A 1 8   ? -6.410  -15.854 -17.985 1.00 34.27 ? 5    VAL A CG1 1 
ATOM   30   C  CG2 . VAL A 1 8   ? -8.361  -15.679 -16.452 1.00 33.85 ? 5    VAL A CG2 1 
ATOM   31   N  N   . ASP A 1 9   ? -5.815  -12.954 -19.021 1.00 31.41 ? 6    ASP A N   1 
ATOM   32   C  CA  . ASP A 1 9   ? -5.025  -12.454 -20.149 1.00 30.52 ? 6    ASP A CA  1 
ATOM   33   C  C   . ASP A 1 9   ? -5.721  -11.460 -21.069 1.00 30.72 ? 6    ASP A C   1 
ATOM   34   O  O   . ASP A 1 9   ? -5.874  -11.707 -22.274 1.00 30.60 ? 6    ASP A O   1 
ATOM   35   C  CB  . ASP A 1 9   ? -4.476  -13.607 -20.995 1.00 30.43 ? 6    ASP A CB  1 
ATOM   36   C  CG  . ASP A 1 9   ? -3.306  -14.322 -20.330 1.00 31.67 ? 6    ASP A CG  1 
ATOM   37   O  OD1 . ASP A 1 9   ? -2.348  -13.658 -19.863 1.00 31.43 ? 6    ASP A OD1 1 
ATOM   38   O  OD2 . ASP A 1 9   ? -3.336  -15.573 -20.287 1.00 34.28 ? 6    ASP A OD2 1 
ATOM   39   N  N   . CYS A 1 10  ? -6.140  -10.333 -20.501 1.00 30.08 ? 7    CYS A N   1 
ATOM   40   C  CA  . CYS A 1 10  ? -6.796  -9.275  -21.256 1.00 29.47 ? 7    CYS A CA  1 
ATOM   41   C  C   . CYS A 1 10  ? -6.521  -7.948  -20.563 1.00 27.51 ? 7    CYS A C   1 
ATOM   42   O  O   . CYS A 1 10  ? -6.013  -7.939  -19.432 1.00 26.95 ? 7    CYS A O   1 
ATOM   43   C  CB  . CYS A 1 10  ? -8.287  -9.532  -21.321 1.00 29.47 ? 7    CYS A CB  1 
ATOM   44   S  SG  . CYS A 1 10  ? -8.941  -9.747  -19.706 1.00 39.04 ? 7    CYS A SG  1 
ATOM   45   N  N   . GLU A 1 11  ? -6.853  -6.843  -21.234 1.00 25.65 ? 8    GLU A N   1 
ATOM   46   C  CA  . GLU A 1 11  ? -6.655  -5.502  -20.691 1.00 24.62 ? 8    GLU A CA  1 
ATOM   47   C  C   . GLU A 1 11  ? -7.945  -4.694  -20.645 1.00 23.63 ? 8    GLU A C   1 
ATOM   48   O  O   . GLU A 1 11  ? -8.937  -4.955  -21.360 1.00 22.85 ? 8    GLU A O   1 
ATOM   49   C  CB  . GLU A 1 11  ? -5.647  -4.689  -21.514 1.00 24.96 ? 8    GLU A CB  1 
ATOM   50   C  CG  . GLU A 1 11  ? -4.309  -5.375  -21.778 1.00 29.99 ? 8    GLU A CG  1 
ATOM   51   C  CD  . GLU A 1 11  ? -4.043  -5.599  -23.280 1.00 30.64 ? 8    GLU A CD  1 
ATOM   52   O  OE1 . GLU A 1 11  ? -3.619  -6.712  -23.650 1.00 30.87 ? 8    GLU A OE1 1 
ATOM   53   O  OE2 . GLU A 1 11  ? -4.256  -4.663  -24.089 1.00 31.96 ? 8    GLU A OE2 1 
ATOM   54   N  N   . PHE A 1 12  ? -7.884  -3.636  -19.862 1.00 21.15 ? 9    PHE A N   1 
ATOM   55   C  CA  . PHE A 1 12  ? -9.016  -2.773  -19.712 1.00 21.89 ? 9    PHE A CA  1 
ATOM   56   C  C   . PHE A 1 12  ? -8.404  -1.427  -19.518 1.00 21.48 ? 9    PHE A C   1 
ATOM   57   O  O   . PHE A 1 12  ? -7.666  -1.223  -18.559 1.00 20.84 ? 9    PHE A O   1 
ATOM   58   C  CB  . PHE A 1 12  ? -9.833  -3.166  -18.475 1.00 22.55 ? 9    PHE A CB  1 
ATOM   59   C  CG  . PHE A 1 12  ? -10.532 -4.519  -18.584 1.00 24.27 ? 9    PHE A CG  1 
ATOM   60   C  CD1 . PHE A 1 12  ? -11.865 -4.605  -19.049 1.00 24.92 ? 9    PHE A CD1 1 
ATOM   61   C  CD2 . PHE A 1 12  ? -9.898  -5.683  -18.162 1.00 23.19 ? 9    PHE A CD2 1 
ATOM   62   C  CE1 . PHE A 1 12  ? -12.546 -5.826  -19.076 1.00 24.09 ? 9    PHE A CE1 1 
ATOM   63   C  CE2 . PHE A 1 12  ? -10.566 -6.911  -18.189 1.00 25.28 ? 9    PHE A CE2 1 
ATOM   64   C  CZ  . PHE A 1 12  ? -11.892 -6.984  -18.642 1.00 25.71 ? 9    PHE A CZ  1 
ATOM   65   N  N   . THR A 1 13  ? -8.734  -0.504  -20.418 1.00 20.65 ? 10   THR A N   1 
ATOM   66   C  CA  . THR A 1 13  ? -8.216  0.844   -20.368 1.00 20.24 ? 10   THR A CA  1 
ATOM   67   C  C   . THR A 1 13  ? -9.346  1.875   -20.282 1.00 21.61 ? 10   THR A C   1 
ATOM   68   O  O   . THR A 1 13  ? -10.314 1.776   -21.023 1.00 22.57 ? 10   THR A O   1 
ATOM   69   C  CB  . THR A 1 13  ? -7.407  1.162   -21.642 1.00 18.79 ? 10   THR A CB  1 
ATOM   70   O  OG1 . THR A 1 13  ? -6.410  0.151   -21.837 1.00 18.85 ? 10   THR A OG1 1 
ATOM   71   C  CG2 . THR A 1 13  ? -6.724  2.586   -21.519 1.00 17.52 ? 10   THR A CG2 1 
ATOM   72   N  N   . GLY A 1 14  ? -9.194  2.867   -19.409 1.00 21.17 ? 11   GLY A N   1 
ATOM   73   C  CA  . GLY A 1 14  ? -10.180 3.915   -19.244 1.00 22.85 ? 11   GLY A CA  1 
ATOM   74   C  C   . GLY A 1 14  ? -11.593 3.422   -19.047 1.00 25.47 ? 11   GLY A C   1 
ATOM   75   O  O   . GLY A 1 14  ? -12.547 4.120   -19.385 1.00 26.26 ? 11   GLY A O   1 
ATOM   76   N  N   . ARG A 1 15  ? -11.734 2.220   -18.505 1.00 26.97 ? 12   ARG A N   1 
ATOM   77   C  CA  . ARG A 1 15  ? -13.056 1.646   -18.261 1.00 28.27 ? 12   ARG A CA  1 
ATOM   78   C  C   . ARG A 1 15  ? -13.658 2.183   -16.983 1.00 26.85 ? 12   ARG A C   1 
ATOM   79   O  O   . ARG A 1 15  ? -12.952 2.427   -16.009 1.00 26.94 ? 12   ARG A O   1 
ATOM   80   C  CB  . ARG A 1 15  ? -12.951 0.119   -18.198 1.00 31.14 ? 12   ARG A CB  1 
ATOM   81   C  CG  . ARG A 1 15  ? -13.294 -0.546  -19.500 1.00 37.30 ? 12   ARG A CG  1 
ATOM   82   C  CD  . ARG A 1 15  ? -14.760 -0.971  -19.488 1.00 40.19 ? 12   ARG A CD  1 
ATOM   83   N  NE  . ARG A 1 15  ? -14.883 -2.420  -19.415 1.00 43.90 ? 12   ARG A NE  1 
ATOM   84   C  CZ  . ARG A 1 15  ? -16.033 -3.066  -19.258 1.00 44.52 ? 12   ARG A CZ  1 
ATOM   85   N  NH1 . ARG A 1 15  ? -16.066 -4.395  -19.212 1.00 43.43 ? 12   ARG A NH1 1 
ATOM   86   N  NH2 . ARG A 1 15  ? -17.151 -2.371  -19.137 1.00 47.02 ? 12   ARG A NH2 1 
ATOM   87   N  N   . ASP A 1 16  ? -14.969 2.369   -17.002 1.00 26.50 ? 13   ASP A N   1 
ATOM   88   C  CA  . ASP A 1 16  ? -15.707 2.885   -15.861 1.00 27.64 ? 13   ASP A CA  1 
ATOM   89   C  C   . ASP A 1 16  ? -16.455 1.743   -15.214 1.00 27.29 ? 13   ASP A C   1 
ATOM   90   O  O   . ASP A 1 16  ? -17.426 1.247   -15.754 1.00 27.42 ? 13   ASP A O   1 
ATOM   91   C  CB  . ASP A 1 16  ? -16.696 3.937   -16.318 1.00 30.02 ? 13   ASP A CB  1 
ATOM   92   C  CG  . ASP A 1 16  ? -17.506 4.514   -15.187 1.00 32.12 ? 13   ASP A CG  1 
ATOM   93   O  OD1 . ASP A 1 16  ? -17.464 3.984   -14.066 1.00 33.10 ? 13   ASP A OD1 1 
ATOM   94   O  OD2 . ASP A 1 16  ? -18.211 5.521   -15.428 1.00 36.61 ? 13   ASP A OD2 1 
ATOM   95   N  N   . PHE A 1 17  ? -16.001 1.341   -14.039 1.00 26.56 ? 14   PHE A N   1 
ATOM   96   C  CA  . PHE A 1 17  ? -16.593 0.220   -13.321 1.00 25.71 ? 14   PHE A CA  1 
ATOM   97   C  C   . PHE A 1 17  ? -17.403 0.689   -12.133 1.00 26.49 ? 14   PHE A C   1 
ATOM   98   O  O   . PHE A 1 17  ? -17.749 -0.117  -11.304 1.00 26.47 ? 14   PHE A O   1 
ATOM   99   C  CB  . PHE A 1 17  ? -15.474 -0.655  -12.791 1.00 24.11 ? 14   PHE A CB  1 
ATOM   100  C  CG  . PHE A 1 17  ? -14.726 -1.393  -13.842 1.00 23.61 ? 14   PHE A CG  1 
ATOM   101  C  CD1 . PHE A 1 17  ? -15.290 -2.522  -14.446 1.00 21.96 ? 14   PHE A CD1 1 
ATOM   102  C  CD2 . PHE A 1 17  ? -13.471 -0.963  -14.241 1.00 23.56 ? 14   PHE A CD2 1 
ATOM   103  C  CE1 . PHE A 1 17  ? -14.637 -3.216  -15.426 1.00 22.51 ? 14   PHE A CE1 1 
ATOM   104  C  CE2 . PHE A 1 17  ? -12.772 -1.650  -15.252 1.00 24.62 ? 14   PHE A CE2 1 
ATOM   105  C  CZ  . PHE A 1 17  ? -13.360 -2.790  -15.853 1.00 23.88 ? 14   PHE A CZ  1 
ATOM   106  N  N   . ARG A 1 18  ? -17.720 1.975   -12.073 1.00 27.59 ? 15   ARG A N   1 
ATOM   107  C  CA  . ARG A 1 18  ? -18.356 2.541   -10.901 1.00 30.41 ? 15   ARG A CA  1 
ATOM   108  C  C   . ARG A 1 18  ? -19.615 1.945   -10.268 1.00 30.42 ? 15   ARG A C   1 
ATOM   109  O  O   . ARG A 1 18  ? -20.613 1.612   -10.929 1.00 30.18 ? 15   ARG A O   1 
ATOM   110  C  CB  . ARG A 1 18  ? -18.502 4.054   -11.080 1.00 32.31 ? 15   ARG A CB  1 
ATOM   111  C  CG  . ARG A 1 18  ? -17.182 4.846   -10.932 1.00 34.69 ? 15   ARG A CG  1 
ATOM   112  C  CD  . ARG A 1 18  ? -17.429 6.364   -11.169 1.00 37.92 ? 15   ARG A CD  1 
ATOM   113  N  NE  . ARG A 1 18  ? -18.057 6.639   -12.473 1.00 41.37 ? 15   ARG A NE  1 
ATOM   114  C  CZ  . ARG A 1 18  ? -18.753 7.743   -12.780 1.00 42.98 ? 15   ARG A CZ  1 
ATOM   115  N  NH1 . ARG A 1 18  ? -18.932 8.709   -11.884 1.00 43.73 ? 15   ARG A NH1 1 
ATOM   116  N  NH2 . ARG A 1 18  ? -19.288 7.888   -13.987 1.00 42.48 ? 15   ARG A NH2 1 
ATOM   117  N  N   . ASP A 1 19  ? -19.501 1.802   -8.948  1.00 29.54 ? 16   ASP A N   1 
ATOM   118  C  CA  . ASP A 1 19  ? -20.540 1.276   -8.101  1.00 30.13 ? 16   ASP A CA  1 
ATOM   119  C  C   . ASP A 1 19  ? -21.001 -0.100  -8.554  1.00 29.22 ? 16   ASP A C   1 
ATOM   120  O  O   . ASP A 1 19  ? -22.121 -0.492  -8.315  1.00 28.46 ? 16   ASP A O   1 
ATOM   121  C  CB  . ASP A 1 19  ? -21.722 2.271   -8.037  1.00 32.74 ? 16   ASP A CB  1 
ATOM   122  C  CG  . ASP A 1 19  ? -21.298 3.672   -7.559  1.00 33.64 ? 16   ASP A CG  1 
ATOM   123  O  OD1 . ASP A 1 19  ? -20.755 3.824   -6.439  1.00 35.63 ? 16   ASP A OD1 1 
ATOM   124  O  OD2 . ASP A 1 19  ? -21.498 4.644   -8.305  1.00 35.99 ? 16   ASP A OD2 1 
ATOM   125  N  N   . GLU A 1 20  ? -20.132 -0.845  -9.209  1.00 28.39 ? 17   GLU A N   1 
ATOM   126  C  CA  . GLU A 1 20  ? -20.533 -2.174  -9.624  1.00 28.72 ? 17   GLU A CA  1 
ATOM   127  C  C   . GLU A 1 20  ? -20.279 -3.201  -8.520  1.00 27.96 ? 17   GLU A C   1 
ATOM   128  O  O   . GLU A 1 20  ? -19.450 -2.979  -7.632  1.00 26.30 ? 17   GLU A O   1 
ATOM   129  C  CB  . GLU A 1 20  ? -19.778 -2.578  -10.890 1.00 29.60 ? 17   GLU A CB  1 
ATOM   130  C  CG  . GLU A 1 20  ? -20.326 -1.887  -12.133 1.00 32.56 ? 17   GLU A CG  1 
ATOM   131  C  CD  . GLU A 1 20  ? -19.564 -2.230  -13.396 1.00 34.29 ? 17   GLU A CD  1 
ATOM   132  O  OE1 . GLU A 1 20  ? -18.945 -3.311  -13.452 1.00 35.21 ? 17   GLU A OE1 1 
ATOM   133  O  OE2 . GLU A 1 20  ? -19.598 -1.421  -14.348 1.00 35.94 ? 17   GLU A OE2 1 
ATOM   134  N  N   . ASP A 1 21  ? -21.018 -4.302  -8.531  1.00 27.73 ? 18   ASP A N   1 
ATOM   135  C  CA  . ASP A 1 21  ? -20.696 -5.329  -7.558  1.00 28.20 ? 18   ASP A CA  1 
ATOM   136  C  C   . ASP A 1 21  ? -19.732 -6.234  -8.310  1.00 26.85 ? 18   ASP A C   1 
ATOM   137  O  O   . ASP A 1 21  ? -20.144 -6.884  -9.268  1.00 26.68 ? 18   ASP A O   1 
ATOM   138  C  CB  . ASP A 1 21  ? -21.912 -6.151  -7.116  1.00 30.26 ? 18   ASP A CB  1 
ATOM   139  C  CG  . ASP A 1 21  ? -21.543 -7.233  -6.078  1.00 35.16 ? 18   ASP A CG  1 
ATOM   140  O  OD1 . ASP A 1 21  ? -20.329 -7.376  -5.759  1.00 36.81 ? 18   ASP A OD1 1 
ATOM   141  O  OD2 . ASP A 1 21  ? -22.451 -7.943  -5.573  1.00 35.47 ? 18   ASP A OD2 1 
ATOM   142  N  N   . LEU A 1 22  ? -18.446 -6.230  -7.938  1.00 24.11 ? 19   LEU A N   1 
ATOM   143  C  CA  . LEU A 1 22  ? -17.480 -7.132  -8.577  1.00 21.86 ? 19   LEU A CA  1 
ATOM   144  C  C   . LEU A 1 22  ? -16.959 -8.105  -7.513  1.00 21.08 ? 19   LEU A C   1 
ATOM   145  O  O   . LEU A 1 22  ? -15.820 -8.641  -7.624  1.00 20.73 ? 19   LEU A O   1 
ATOM   146  C  CB  . LEU A 1 22  ? -16.291 -6.366  -9.178  1.00 21.04 ? 19   LEU A CB  1 
ATOM   147  C  CG  . LEU A 1 22  ? -16.560 -5.422  -10.351 1.00 23.51 ? 19   LEU A CG  1 
ATOM   148  C  CD1 . LEU A 1 22  ? -15.252 -4.806  -10.868 1.00 20.54 ? 19   LEU A CD1 1 
ATOM   149  C  CD2 . LEU A 1 22  ? -17.241 -6.166  -11.453 1.00 23.14 ? 19   LEU A CD2 1 
ATOM   150  N  N   . SER A 1 23  ? -17.755 -8.336  -6.460  1.00 19.30 ? 20   SER A N   1 
ATOM   151  C  CA  . SER A 1 23  ? -17.280 -9.248  -5.420  1.00 19.08 ? 20   SER A CA  1 
ATOM   152  C  C   . SER A 1 23  ? -16.937 -10.643 -5.953  1.00 18.36 ? 20   SER A C   1 
ATOM   153  O  O   . SER A 1 23  ? -17.553 -11.142 -6.859  1.00 17.98 ? 20   SER A O   1 
ATOM   154  C  CB  . SER A 1 23  ? -18.272 -9.329  -4.255  1.00 21.66 ? 20   SER A CB  1 
ATOM   155  O  OG  . SER A 1 23  ? -19.558 -9.746  -4.669  1.00 25.96 ? 20   SER A OG  1 
ATOM   156  N  N   . ARG A 1 24  ? -15.894 -11.246 -5.401  1.00 18.20 ? 21   ARG A N   1 
ATOM   157  C  CA  . ARG A 1 24  ? -15.420 -12.577 -5.783  1.00 19.12 ? 21   ARG A CA  1 
ATOM   158  C  C   . ARG A 1 24  ? -14.798 -12.649 -7.157  1.00 18.52 ? 21   ARG A C   1 
ATOM   159  O  O   . ARG A 1 24  ? -14.549 -13.732 -7.659  1.00 18.77 ? 21   ARG A O   1 
ATOM   160  C  CB  . ARG A 1 24  ? -16.524 -13.625 -5.670  1.00 20.53 ? 21   ARG A CB  1 
ATOM   161  C  CG  . ARG A 1 24  ? -17.187 -13.590 -4.341  1.00 23.93 ? 21   ARG A CG  1 
ATOM   162  C  CD  . ARG A 1 24  ? -17.371 -14.957 -3.793  1.00 28.88 ? 21   ARG A CD  1 
ATOM   163  N  NE  . ARG A 1 24  ? -18.374 -15.759 -4.493  1.00 32.83 ? 21   ARG A NE  1 
ATOM   164  C  CZ  . ARG A 1 24  ? -19.650 -15.920 -4.118  1.00 33.60 ? 21   ARG A CZ  1 
ATOM   165  N  NH1 . ARG A 1 24  ? -20.148 -15.321 -3.042  1.00 34.71 ? 21   ARG A NH1 1 
ATOM   166  N  NH2 . ARG A 1 24  ? -20.410 -16.766 -4.779  1.00 32.08 ? 21   ARG A NH2 1 
ATOM   167  N  N   . LEU A 1 25  ? -14.532 -11.497 -7.759  1.00 17.89 ? 22   LEU A N   1 
ATOM   168  C  CA  . LEU A 1 25  ? -13.890 -11.496 -9.045  1.00 17.54 ? 22   LEU A CA  1 
ATOM   169  C  C   . LEU A 1 25  ? -12.506 -12.177 -8.968  1.00 17.28 ? 22   LEU A C   1 
ATOM   170  O  O   . LEU A 1 25  ? -11.749 -11.987 -8.008  1.00 16.67 ? 22   LEU A O   1 
ATOM   171  C  CB  . LEU A 1 25  ? -13.728 -10.044 -9.566  1.00 18.31 ? 22   LEU A CB  1 
ATOM   172  C  CG  . LEU A 1 25  ? -12.848 -9.882  -10.841 1.00 17.83 ? 22   LEU A CG  1 
ATOM   173  C  CD1 . LEU A 1 25  ? -13.547 -10.490 -12.022 1.00 20.53 ? 22   LEU A CD1 1 
ATOM   174  C  CD2 . LEU A 1 25  ? -12.539 -8.443  -11.131 1.00 18.25 ? 22   LEU A CD2 1 
ATOM   175  N  N   . HIS A 1 26  ? -12.171 -12.934 -10.011 1.00 17.69 ? 23   HIS A N   1 
ATOM   176  C  CA  . HIS A 1 26  ? -10.872 -13.594 -10.116 1.00 17.90 ? 23   HIS A CA  1 
ATOM   177  C  C   . HIS A 1 26  ? -10.205 -13.071 -11.376 1.00 19.69 ? 23   HIS A C   1 
ATOM   178  O  O   . HIS A 1 26  ? -10.819 -12.994 -12.445 1.00 19.93 ? 23   HIS A O   1 
ATOM   179  C  CB  . HIS A 1 26  ? -11.012 -15.119 -10.226 1.00 19.55 ? 23   HIS A CB  1 
ATOM   180  C  CG  . HIS A 1 26  ? -11.172 -15.825 -8.907  1.00 20.37 ? 23   HIS A CG  1 
ATOM   181  N  ND1 . HIS A 1 26  ? -12.107 -15.459 -7.950  1.00 23.22 ? 23   HIS A ND1 1 
ATOM   182  C  CD2 . HIS A 1 26  ? -10.524 -16.906 -8.398  1.00 21.24 ? 23   HIS A CD2 1 
ATOM   183  C  CE1 . HIS A 1 26  ? -12.030 -16.282 -6.917  1.00 22.07 ? 23   HIS A CE1 1 
ATOM   184  N  NE2 . HIS A 1 26  ? -11.075 -17.168 -7.163  1.00 21.47 ? 23   HIS A NE2 1 
ATOM   185  N  N   . THR A 1 27  ? -8.961  -12.641 -11.249 1.00 20.26 ? 24   THR A N   1 
ATOM   186  C  CA  . THR A 1 27  ? -8.258  -12.174 -12.426 1.00 19.45 ? 24   THR A CA  1 
ATOM   187  C  C   . THR A 1 27  ? -6.889  -12.787 -12.435 1.00 20.78 ? 24   THR A C   1 
ATOM   188  O  O   . THR A 1 27  ? -6.288  -13.043 -11.378 1.00 21.57 ? 24   THR A O   1 
ATOM   189  C  CB  . THR A 1 27  ? -8.067  -10.647 -12.446 1.00 17.73 ? 24   THR A CB  1 
ATOM   190  O  OG1 . THR A 1 27  ? -7.198  -10.247 -11.364 1.00 12.09 ? 24   THR A OG1 1 
ATOM   191  C  CG2 . THR A 1 27  ? -9.424  -9.945  -12.384 1.00 14.78 ? 24   THR A CG2 1 
ATOM   192  N  N   . GLU A 1 28  ? -6.387  -12.988 -13.639 1.00 22.24 ? 25   GLU A N   1 
ATOM   193  C  CA  . GLU A 1 28  ? -5.085  -13.556 -13.845 1.00 24.06 ? 25   GLU A CA  1 
ATOM   194  C  C   . GLU A 1 28  ? -4.479  -12.818 -15.015 1.00 23.23 ? 25   GLU A C   1 
ATOM   195  O  O   . GLU A 1 28  ? -4.935  -12.959 -16.152 1.00 21.81 ? 25   GLU A O   1 
ATOM   196  C  CB  . GLU A 1 28  ? -5.205  -15.020 -14.188 1.00 26.39 ? 25   GLU A CB  1 
ATOM   197  C  CG  . GLU A 1 28  ? -3.893  -15.754 -14.216 1.00 32.23 ? 25   GLU A CG  1 
ATOM   198  C  CD  . GLU A 1 28  ? -3.828  -16.736 -13.070 1.00 36.39 ? 25   GLU A CD  1 
ATOM   199  O  OE1 . GLU A 1 28  ? -4.872  -17.400 -12.842 1.00 40.04 ? 25   GLU A OE1 1 
ATOM   200  O  OE2 . GLU A 1 28  ? -2.774  -16.849 -12.401 1.00 37.61 ? 25   GLU A OE2 1 
ATOM   201  N  N   . ARG A 1 29  ? -3.451  -12.024 -14.750 1.00 21.96 ? 26   ARG A N   1 
ATOM   202  C  CA  . ARG A 1 29  ? -2.821  -11.288 -15.843 1.00 22.66 ? 26   ARG A CA  1 
ATOM   203  C  C   . ARG A 1 29  ? -3.803  -10.370 -16.532 1.00 20.45 ? 26   ARG A C   1 
ATOM   204  O  O   . ARG A 1 29  ? -3.849  -10.309 -17.758 1.00 19.53 ? 26   ARG A O   1 
ATOM   205  C  CB  . ARG A 1 29  ? -2.209  -12.248 -16.890 1.00 24.28 ? 26   ARG A CB  1 
ATOM   206  C  CG  . ARG A 1 29  ? -1.106  -13.113 -16.333 1.00 27.23 ? 26   ARG A CG  1 
ATOM   207  C  CD  . ARG A 1 29  ? -0.667  -14.179 -17.340 1.00 30.03 ? 26   ARG A CD  1 
ATOM   208  N  NE  . ARG A 1 29  ? -0.685  -15.459 -16.663 1.00 34.00 ? 26   ARG A NE  1 
ATOM   209  C  CZ  . ARG A 1 29  ? -1.525  -16.456 -16.919 1.00 35.52 ? 26   ARG A CZ  1 
ATOM   210  N  NH1 . ARG A 1 29  ? -2.426  -16.359 -17.883 1.00 35.23 ? 26   ARG A NH1 1 
ATOM   211  N  NH2 . ARG A 1 29  ? -1.522  -17.527 -16.120 1.00 38.05 ? 26   ARG A NH2 1 
ATOM   212  N  N   . ALA A 1 30  ? -4.609  -9.681  -15.732 1.00 19.59 ? 27   ALA A N   1 
ATOM   213  C  CA  . ALA A 1 30  ? -5.530  -8.683  -16.262 1.00 17.55 ? 27   ALA A CA  1 
ATOM   214  C  C   . ALA A 1 30  ? -4.806  -7.356  -16.043 1.00 17.90 ? 27   ALA A C   1 
ATOM   215  O  O   . ALA A 1 30  ? -4.290  -7.068  -14.953 1.00 19.28 ? 27   ALA A O   1 
ATOM   216  C  CB  . ALA A 1 30  ? -6.827  -8.724  -15.509 1.00 17.38 ? 27   ALA A CB  1 
ATOM   217  N  N   . MET A 1 31  ? -4.714  -6.558  -17.086 1.00 18.32 ? 28   MET A N   1 
ATOM   218  C  CA  . MET A 1 31  ? -4.025  -5.299  -16.986 1.00 18.19 ? 28   MET A CA  1 
ATOM   219  C  C   . MET A 1 31  ? -5.038  -4.196  -17.057 1.00 17.61 ? 28   MET A C   1 
ATOM   220  O  O   . MET A 1 31  ? -5.649  -3.993  -18.078 1.00 19.15 ? 28   MET A O   1 
ATOM   221  C  CB  . MET A 1 31  ? -3.020  -5.136  -18.129 1.00 21.85 ? 28   MET A CB  1 
ATOM   222  C  CG  . MET A 1 31  ? -1.917  -6.198  -18.251 1.00 27.00 ? 28   MET A CG  1 
ATOM   223  S  SD  . MET A 1 31  ? -1.363  -7.162  -16.714 1.00 38.43 ? 28   MET A SD  1 
ATOM   224  C  CE  . MET A 1 31  ? 0.164   -6.363  -16.267 1.00 35.05 ? 28   MET A CE  1 
ATOM   225  N  N   . PHE A 1 32  ? -5.266  -3.509  -15.962 1.00 15.90 ? 29   PHE A N   1 
ATOM   226  C  CA  . PHE A 1 32  ? -6.208  -2.379  -15.970 1.00 16.15 ? 29   PHE A CA  1 
ATOM   227  C  C   . PHE A 1 32  ? -5.425  -1.048  -15.961 1.00 15.64 ? 29   PHE A C   1 
ATOM   228  O  O   . PHE A 1 32  ? -4.564  -0.812  -15.061 1.00 15.95 ? 29   PHE A O   1 
ATOM   229  C  CB  . PHE A 1 32  ? -7.085  -2.346  -14.711 1.00 15.24 ? 29   PHE A CB  1 
ATOM   230  C  CG  . PHE A 1 32  ? -7.868  -3.564  -14.485 1.00 15.64 ? 29   PHE A CG  1 
ATOM   231  C  CD1 . PHE A 1 32  ? -9.215  -3.606  -14.838 1.00 18.80 ? 29   PHE A CD1 1 
ATOM   232  C  CD2 . PHE A 1 32  ? -7.281  -4.672  -13.920 1.00 14.08 ? 29   PHE A CD2 1 
ATOM   233  C  CE1 . PHE A 1 32  ? -9.986  -4.786  -14.622 1.00 17.59 ? 29   PHE A CE1 1 
ATOM   234  C  CE2 . PHE A 1 32  ? -8.009  -5.820  -13.708 1.00 17.12 ? 29   PHE A CE2 1 
ATOM   235  C  CZ  . PHE A 1 32  ? -9.364  -5.881  -14.058 1.00 18.62 ? 29   PHE A CZ  1 
ATOM   236  N  N   . SER A 1 33  ? -5.744  -0.162  -16.895 1.00 13.87 ? 30   SER A N   1 
ATOM   237  C  CA  . SER A 1 33  ? -5.087  1.134   -16.894 1.00 15.62 ? 30   SER A CA  1 
ATOM   238  C  C   . SER A 1 33  ? -6.105  2.234   -16.902 1.00 15.27 ? 30   SER A C   1 
ATOM   239  O  O   . SER A 1 33  ? -6.928  2.281   -17.786 1.00 15.41 ? 30   SER A O   1 
ATOM   240  C  CB  . SER A 1 33  ? -4.151  1.310   -18.086 1.00 15.72 ? 30   SER A CB  1 
ATOM   241  O  OG  . SER A 1 33  ? -3.407  0.132   -18.262 1.00 21.80 ? 30   SER A OG  1 
ATOM   242  N  N   . GLU A 1 34  ? -6.030  3.125   -15.911 1.00 16.69 ? 31   GLU A N   1 
ATOM   243  C  CA  . GLU A 1 34  ? -6.957  4.247   -15.813 1.00 19.46 ? 31   GLU A CA  1 
ATOM   244  C  C   . GLU A 1 34  ? -8.422  3.800   -15.694 1.00 17.93 ? 31   GLU A C   1 
ATOM   245  O  O   . GLU A 1 34  ? -9.311  4.412   -16.243 1.00 16.55 ? 31   GLU A O   1 
ATOM   246  C  CB  . GLU A 1 34  ? -6.766  5.209   -17.020 1.00 23.46 ? 31   GLU A CB  1 
ATOM   247  C  CG  . GLU A 1 34  ? -5.394  6.002   -17.032 1.00 30.29 ? 31   GLU A CG  1 
ATOM   248  C  CD  . GLU A 1 34  ? -4.223  5.216   -17.707 1.00 37.54 ? 31   GLU A CD  1 
ATOM   249  O  OE1 . GLU A 1 34  ? -4.380  4.848   -18.927 1.00 37.91 ? 31   GLU A OE1 1 
ATOM   250  O  OE2 . GLU A 1 34  ? -3.150  4.958   -17.028 1.00 39.67 ? 31   GLU A OE2 1 
ATOM   251  N  N   . CYS A 1 35  ? -8.667  2.724   -14.959 1.00 17.93 ? 32   CYS A N   1 
ATOM   252  C  CA  . CYS A 1 35  ? -10.035 2.274   -14.782 1.00 16.74 ? 32   CYS A CA  1 
ATOM   253  C  C   . CYS A 1 35  ? -10.576 2.874   -13.545 1.00 16.28 ? 32   CYS A C   1 
ATOM   254  O  O   . CYS A 1 35  ? -9.829  3.104   -12.601 1.00 16.86 ? 32   CYS A O   1 
ATOM   255  C  CB  . CYS A 1 35  ? -10.100 0.769   -14.738 1.00 15.82 ? 32   CYS A CB  1 
ATOM   256  S  SG  . CYS A 1 35  ? -9.712  0.205   -16.413 1.00 14.59 ? 32   CYS A SG  1 
ATOM   257  N  N   . ASP A 1 36  ? -11.864 3.197   -13.573 1.00 16.28 ? 33   ASP A N   1 
ATOM   258  C  CA  . ASP A 1 36  ? -12.493 3.800   -12.415 1.00 18.03 ? 33   ASP A CA  1 
ATOM   259  C  C   . ASP A 1 36  ? -13.242 2.802   -11.543 1.00 16.21 ? 33   ASP A C   1 
ATOM   260  O  O   . ASP A 1 36  ? -14.242 2.288   -11.959 1.00 15.62 ? 33   ASP A O   1 
ATOM   261  C  CB  . ASP A 1 36  ? -13.455 4.878   -12.862 1.00 20.31 ? 33   ASP A CB  1 
ATOM   262  C  CG  . ASP A 1 36  ? -13.814 5.779   -11.740 1.00 22.82 ? 33   ASP A CG  1 
ATOM   263  O  OD1 . ASP A 1 36  ? -13.628 5.319   -10.576 1.00 24.91 ? 33   ASP A OD1 1 
ATOM   264  O  OD2 . ASP A 1 36  ? -14.247 6.926   -12.004 1.00 23.29 ? 33   ASP A OD2 1 
ATOM   265  N  N   . PHE A 1 37  ? -12.764 2.533   -10.339 1.00 17.72 ? 34   PHE A N   1 
ATOM   266  C  CA  . PHE A 1 37  ? -13.435 1.574   -9.457  1.00 17.40 ? 34   PHE A CA  1 
ATOM   267  C  C   . PHE A 1 37  ? -14.121 2.238   -8.234  1.00 18.93 ? 34   PHE A C   1 
ATOM   268  O  O   . PHE A 1 37  ? -14.239 1.670   -7.132  1.00 17.92 ? 34   PHE A O   1 
ATOM   269  C  CB  . PHE A 1 37  ? -12.432 0.504   -8.984  1.00 18.86 ? 34   PHE A CB  1 
ATOM   270  C  CG  . PHE A 1 37  ? -11.794 -0.324  -10.110 1.00 18.18 ? 34   PHE A CG  1 
ATOM   271  C  CD1 . PHE A 1 37  ? -12.408 -1.476  -10.598 1.00 19.42 ? 34   PHE A CD1 1 
ATOM   272  C  CD2 . PHE A 1 37  ? -10.518 -0.041  -10.555 1.00 20.50 ? 34   PHE A CD2 1 
ATOM   273  C  CE1 . PHE A 1 37  ? -11.743 -2.357  -11.514 1.00 19.72 ? 34   PHE A CE1 1 
ATOM   274  C  CE2 . PHE A 1 37  ? -9.836  -0.924  -11.474 1.00 21.44 ? 34   PHE A CE2 1 
ATOM   275  C  CZ  . PHE A 1 37  ? -10.454 -2.070  -11.941 1.00 19.28 ? 34   PHE A CZ  1 
ATOM   276  N  N   . SER A 1 38  ? -14.626 3.441   -8.439  1.00 19.61 ? 35   SER A N   1 
ATOM   277  C  CA  . SER A 1 38  ? -15.289 4.123   -7.352  1.00 20.35 ? 35   SER A CA  1 
ATOM   278  C  C   . SER A 1 38  ? -16.576 3.423   -6.929  1.00 20.46 ? 35   SER A C   1 
ATOM   279  O  O   . SER A 1 38  ? -17.389 2.958   -7.761  1.00 19.50 ? 35   SER A O   1 
ATOM   280  C  CB  . SER A 1 38  ? -15.586 5.562   -7.748  1.00 20.34 ? 35   SER A CB  1 
ATOM   281  O  OG  . SER A 1 38  ? -14.369 6.276   -7.939  1.00 23.18 ? 35   SER A OG  1 
ATOM   282  N  N   . GLY A 1 39  ? -16.734 3.338   -5.617  1.00 20.27 ? 36   GLY A N   1 
ATOM   283  C  CA  . GLY A 1 39  ? -17.923 2.727   -5.046  1.00 19.92 ? 36   GLY A CA  1 
ATOM   284  C  C   . GLY A 1 39  ? -18.068 1.267   -5.384  1.00 18.12 ? 36   GLY A C   1 
ATOM   285  O  O   . GLY A 1 39  ? -19.079 0.669   -5.073  1.00 17.91 ? 36   GLY A O   1 
ATOM   286  N  N   . VAL A 1 40  ? -17.060 0.689   -6.024  1.00 16.47 ? 37   VAL A N   1 
ATOM   287  C  CA  . VAL A 1 40  ? -17.134 -0.711  -6.382  1.00 16.11 ? 37   VAL A CA  1 
ATOM   288  C  C   . VAL A 1 40  ? -16.958 -1.637  -5.194  1.00 16.83 ? 37   VAL A C   1 
ATOM   289  O  O   . VAL A 1 40  ? -16.173 -1.391  -4.280  1.00 14.20 ? 37   VAL A O   1 
ATOM   290  C  CB  . VAL A 1 40  ? -16.067 -1.093  -7.389  1.00 16.58 ? 37   VAL A CB  1 
ATOM   291  C  CG1 . VAL A 1 40  ? -15.935 -2.673  -7.455  1.00 17.12 ? 37   VAL A CG1 1 
ATOM   292  C  CG2 . VAL A 1 40  ? -16.435 -0.517  -8.750  1.00 16.88 ? 37   VAL A CG2 1 
ATOM   293  N  N   . ASN A 1 41  ? -17.734 -2.696  -5.199  1.00 18.04 ? 38   ASN A N   1 
ATOM   294  C  CA  . ASN A 1 41  ? -17.605 -3.683  -4.166  1.00 19.35 ? 38   ASN A CA  1 
ATOM   295  C  C   . ASN A 1 41  ? -16.735 -4.782  -4.793  1.00 18.80 ? 38   ASN A C   1 
ATOM   296  O  O   . ASN A 1 41  ? -17.171 -5.440  -5.751  1.00 18.66 ? 38   ASN A O   1 
ATOM   297  C  CB  . ASN A 1 41  ? -18.974 -4.217  -3.791  1.00 21.13 ? 38   ASN A CB  1 
ATOM   298  C  CG  . ASN A 1 41  ? -18.905 -5.522  -3.086  1.00 24.12 ? 38   ASN A CG  1 
ATOM   299  O  OD1 . ASN A 1 41  ? -17.959 -5.803  -2.351  1.00 27.97 ? 38   ASN A OD1 1 
ATOM   300  N  ND2 . ASN A 1 41  ? -19.898 -6.357  -3.310  1.00 29.29 ? 38   ASN A ND2 1 
ATOM   301  N  N   . LEU A 1 42  ? -15.515 -4.955  -4.272  1.00 17.51 ? 39   LEU A N   1 
ATOM   302  C  CA  . LEU A 1 42  ? -14.551 -5.976  -4.763  1.00 16.95 ? 39   LEU A CA  1 
ATOM   303  C  C   . LEU A 1 42  ? -14.095 -6.954  -3.676  1.00 17.25 ? 39   LEU A C   1 
ATOM   304  O  O   . LEU A 1 42  ? -12.987 -7.544  -3.755  1.00 17.95 ? 39   LEU A O   1 
ATOM   305  C  CB  . LEU A 1 42  ? -13.289 -5.295  -5.339  1.00 15.38 ? 39   LEU A CB  1 
ATOM   306  C  CG  . LEU A 1 42  ? -13.168 -5.087  -6.857  1.00 13.51 ? 39   LEU A CG  1 
ATOM   307  C  CD1 . LEU A 1 42  ? -12.214 -3.949  -7.224  1.00 10.16 ? 39   LEU A CD1 1 
ATOM   308  C  CD2 . LEU A 1 42  ? -12.704 -6.450  -7.467  1.00 13.30 ? 39   LEU A CD2 1 
ATOM   309  N  N   . ALA A 1 43  ? -14.933 -7.142  -2.668  1.00 16.20 ? 40   ALA A N   1 
ATOM   310  C  CA  . ALA A 1 43  ? -14.616 -8.040  -1.557  1.00 16.48 ? 40   ALA A CA  1 
ATOM   311  C  C   . ALA A 1 43  ? -14.419 -9.461  -2.037  1.00 17.15 ? 40   ALA A C   1 
ATOM   312  O  O   . ALA A 1 43  ? -15.086 -9.883  -2.996  1.00 19.02 ? 40   ALA A O   1 
ATOM   313  C  CB  . ALA A 1 43  ? -15.775 -8.023  -0.509  1.00 19.66 ? 40   ALA A CB  1 
ATOM   314  N  N   . GLU A 1 44  ? -13.545 -10.202 -1.361  1.00 16.13 ? 41   GLU A N   1 
ATOM   315  C  CA  . GLU A 1 44  ? -13.272 -11.607 -1.677  1.00 18.83 ? 41   GLU A CA  1 
ATOM   316  C  C   . GLU A 1 44  ? -12.789 -11.819 -3.079  1.00 18.05 ? 41   GLU A C   1 
ATOM   317  O  O   . GLU A 1 44  ? -13.009 -12.886 -3.630  1.00 19.98 ? 41   GLU A O   1 
ATOM   318  C  CB  . GLU A 1 44  ? -14.524 -12.488 -1.508  1.00 17.43 ? 41   GLU A CB  1 
ATOM   319  C  CG  . GLU A 1 44  ? -15.305 -12.179 -0.274  1.00 22.05 ? 41   GLU A CG  1 
ATOM   320  C  CD  . GLU A 1 44  ? -14.667 -12.731 0.961   1.00 26.80 ? 41   GLU A CD  1 
ATOM   321  O  OE1 . GLU A 1 44  ? -15.108 -12.310 2.043   1.00 28.78 ? 41   GLU A OE1 1 
ATOM   322  O  OE2 . GLU A 1 44  ? -13.739 -13.597 0.864   1.00 29.90 ? 41   GLU A OE2 1 
ATOM   323  N  N   . SER A 1 45  ? -12.192 -10.814 -3.688  1.00 16.72 ? 42   SER A N   1 
ATOM   324  C  CA  . SER A 1 45  ? -11.674 -11.022 -5.033  1.00 15.84 ? 42   SER A CA  1 
ATOM   325  C  C   . SER A 1 45  ? -10.247 -11.647 -4.943  1.00 15.71 ? 42   SER A C   1 
ATOM   326  O  O   . SER A 1 45  ? -9.627  -11.681 -3.868  1.00 15.25 ? 42   SER A O   1 
ATOM   327  C  CB  . SER A 1 45  ? -11.658 -9.718  -5.824  1.00 13.93 ? 42   SER A CB  1 
ATOM   328  O  OG  . SER A 1 45  ? -10.898 -8.705  -5.242  1.00 11.69 ? 42   SER A OG  1 
ATOM   329  N  N   . GLN A 1 46  ? -9.779  -12.174 -6.054  1.00 15.13 ? 43   GLN A N   1 
ATOM   330  C  CA  . GLN A 1 46  ? -8.478  -12.815 -6.104  1.00 17.56 ? 43   GLN A CA  1 
ATOM   331  C  C   . GLN A 1 46  ? -7.729  -12.429 -7.372  1.00 14.88 ? 43   GLN A C   1 
ATOM   332  O  O   . GLN A 1 46  ? -8.222  -12.548 -8.506  1.00 15.16 ? 43   GLN A O   1 
ATOM   333  C  CB  . GLN A 1 46  ? -8.648  -14.354 -5.925  1.00 21.60 ? 43   GLN A CB  1 
ATOM   334  C  CG  . GLN A 1 46  ? -9.257  -14.635 -4.536  1.00 28.05 ? 43   GLN A CG  1 
ATOM   335  C  CD  . GLN A 1 46  ? -9.377  -16.109 -4.125  1.00 33.19 ? 43   GLN A CD  1 
ATOM   336  O  OE1 . GLN A 1 46  ? -10.028 -16.918 -4.800  1.00 35.77 ? 43   GLN A OE1 1 
ATOM   337  N  NE2 . GLN A 1 46  ? -8.770  -16.450 -2.984  1.00 34.86 ? 43   GLN A NE2 1 
ATOM   338  N  N   . HIS A 1 47  ? -6.511  -11.966 -7.154  1.00 14.47 ? 44   HIS A N   1 
ATOM   339  C  CA  . HIS A 1 47  ? -5.689  -11.454 -8.230  1.00 14.73 ? 44   HIS A CA  1 
ATOM   340  C  C   . HIS A 1 47  ? -4.355  -11.981 -8.172  1.00 13.75 ? 44   HIS A C   1 
ATOM   341  O  O   . HIS A 1 47  ? -3.738  -11.959 -7.141  1.00 14.42 ? 44   HIS A O   1 
ATOM   342  C  CB  . HIS A 1 47  ? -5.595  -9.923  -8.108  1.00 14.10 ? 44   HIS A CB  1 
ATOM   343  C  CG  . HIS A 1 47  ? -6.929  -9.301  -7.923  1.00 14.86 ? 44   HIS A CG  1 
ATOM   344  N  ND1 . HIS A 1 47  ? -7.771  -9.050  -8.980  1.00 14.02 ? 44   HIS A ND1 1 
ATOM   345  C  CD2 . HIS A 1 47  ? -7.651  -9.071  -6.802  1.00 14.97 ? 44   HIS A CD2 1 
ATOM   346  C  CE1 . HIS A 1 47  ? -8.957  -8.696  -8.520  1.00 15.34 ? 44   HIS A CE1 1 
ATOM   347  N  NE2 . HIS A 1 47  ? -8.915  -8.699  -7.203  1.00 13.98 ? 44   HIS A NE2 1 
ATOM   348  N  N   . ARG A 1 48  ? -3.864  -12.371 -9.324  1.00 16.98 ? 45   ARG A N   1 
ATOM   349  C  CA  . ARG A 1 48  ? -2.511  -12.925 -9.406  1.00 18.02 ? 45   ARG A CA  1 
ATOM   350  C  C   . ARG A 1 48  ? -1.930  -12.463 -10.745 1.00 17.71 ? 45   ARG A C   1 
ATOM   351  O  O   . ARG A 1 48  ? -2.516  -12.685 -11.806 1.00 17.03 ? 45   ARG A O   1 
ATOM   352  C  CB  . ARG A 1 48  ? -2.623  -14.452 -9.272  1.00 19.08 ? 45   ARG A CB  1 
ATOM   353  C  CG  . ARG A 1 48  ? -1.611  -15.287 -10.019 1.00 23.72 ? 45   ARG A CG  1 
ATOM   354  C  CD  . ARG A 1 48  ? -1.403  -16.656 -9.316  1.00 24.46 ? 45   ARG A CD  1 
ATOM   355  N  NE  . ARG A 1 48  ? -0.142  -16.613 -8.588  1.00 27.19 ? 45   ARG A NE  1 
ATOM   356  C  CZ  . ARG A 1 48  ? -0.012  -16.728 -7.272  1.00 25.64 ? 45   ARG A CZ  1 
ATOM   357  N  NH1 . ARG A 1 48  ? -1.078  -16.932 -6.502  1.00 24.66 ? 45   ARG A NH1 1 
ATOM   358  N  NH2 . ARG A 1 48  ? 1.181   -16.526 -6.727  1.00 23.29 ? 45   ARG A NH2 1 
ATOM   359  N  N   . GLY A 1 49  ? -0.796  -11.775 -10.668 1.00 17.48 ? 46   GLY A N   1 
ATOM   360  C  CA  . GLY A 1 49  ? -0.148  -11.276 -11.858 1.00 16.41 ? 46   GLY A CA  1 
ATOM   361  C  C   . GLY A 1 49  ? -0.843  -10.105 -12.520 1.00 17.07 ? 46   GLY A C   1 
ATOM   362  O  O   . GLY A 1 49  ? -0.447  -9.674  -13.595 1.00 17.31 ? 46   GLY A O   1 
ATOM   363  N  N   . SER A 1 50  ? -1.886  -9.568  -11.912 1.00 16.04 ? 47   SER A N   1 
ATOM   364  C  CA  . SER A 1 50  ? -2.554  -8.448  -12.574 1.00 15.57 ? 47   SER A CA  1 
ATOM   365  C  C   . SER A 1 50  ? -1.946  -7.065  -12.264 1.00 13.52 ? 47   SER A C   1 
ATOM   366  O  O   . SER A 1 50  ? -1.128  -6.898  -11.373 1.00 14.32 ? 47   SER A O   1 
ATOM   367  C  CB  . SER A 1 50  ? -4.057  -8.458  -12.223 1.00 13.47 ? 47   SER A CB  1 
ATOM   368  O  OG  . SER A 1 50  ? -4.646  -9.706  -12.559 1.00 15.01 ? 47   SER A OG  1 
ATOM   369  N  N   . ALA A 1 51  ? -2.399  -6.074  -12.993 1.00 13.28 ? 48   ALA A N   1 
ATOM   370  C  CA  . ALA A 1 51  ? -1.955  -4.718  -12.794 1.00 14.61 ? 48   ALA A CA  1 
ATOM   371  C  C   . ALA A 1 51  ? -3.168  -3.772  -12.718 1.00 15.37 ? 48   ALA A C   1 
ATOM   372  O  O   . ALA A 1 51  ? -4.145  -3.922  -13.437 1.00 15.34 ? 48   ALA A O   1 
ATOM   373  C  CB  . ALA A 1 51  ? -1.027  -4.290  -13.924 1.00 13.43 ? 48   ALA A CB  1 
ATOM   374  N  N   . PHE A 1 52  ? -3.093  -2.808  -11.814 1.00 16.36 ? 49   PHE A N   1 
ATOM   375  C  CA  . PHE A 1 52  ? -4.144  -1.811  -11.671 1.00 15.44 ? 49   PHE A CA  1 
ATOM   376  C  C   . PHE A 1 52  ? -3.326  -0.560  -11.631 1.00 14.41 ? 49   PHE A C   1 
ATOM   377  O  O   . PHE A 1 52  ? -2.900  -0.093  -10.597 1.00 13.86 ? 49   PHE A O   1 
ATOM   378  C  CB  . PHE A 1 52  ? -4.904  -2.010  -10.384 1.00 16.31 ? 49   PHE A CB  1 
ATOM   379  C  CG  . PHE A 1 52  ? -5.648  -3.307  -10.320 1.00 16.99 ? 49   PHE A CG  1 
ATOM   380  C  CD1 . PHE A 1 52  ? -7.001  -3.353  -10.620 1.00 17.44 ? 49   PHE A CD1 1 
ATOM   381  C  CD2 . PHE A 1 52  ? -5.001  -4.465  -9.897  1.00 16.35 ? 49   PHE A CD2 1 
ATOM   382  C  CE1 . PHE A 1 52  ? -7.715  -4.522  -10.485 1.00 18.07 ? 49   PHE A CE1 1 
ATOM   383  C  CE2 . PHE A 1 52  ? -5.691  -5.664  -9.758  1.00 17.83 ? 49   PHE A CE2 1 
ATOM   384  C  CZ  . PHE A 1 52  ? -7.053  -5.702  -10.047 1.00 17.66 ? 49   PHE A CZ  1 
ATOM   385  N  N   . ARG A 1 53  ? -3.091  -0.056  -12.818 1.00 17.44 ? 50   ARG A N   1 
ATOM   386  C  CA  . ARG A 1 53  ? -2.238  1.074   -13.058 1.00 19.04 ? 50   ARG A CA  1 
ATOM   387  C  C   . ARG A 1 53  ? -2.957  2.399   -13.187 1.00 17.72 ? 50   ARG A C   1 
ATOM   388  O  O   . ARG A 1 53  ? -3.838  2.563   -14.061 1.00 16.08 ? 50   ARG A O   1 
ATOM   389  C  CB  . ARG A 1 53  ? -1.474  0.745   -14.312 1.00 22.29 ? 50   ARG A CB  1 
ATOM   390  C  CG  . ARG A 1 53  ? -0.142  1.359   -14.477 1.00 28.72 ? 50   ARG A CG  1 
ATOM   391  C  CD  . ARG A 1 53  ? 0.678   0.240   -15.151 1.00 35.64 ? 50   ARG A CD  1 
ATOM   392  N  NE  . ARG A 1 53  ? 1.040   -0.863  -14.226 1.00 38.81 ? 50   ARG A NE  1 
ATOM   393  C  CZ  . ARG A 1 53  ? 1.520   -2.049  -14.619 1.00 41.73 ? 50   ARG A CZ  1 
ATOM   394  N  NH1 . ARG A 1 53  ? 1.684   -2.337  -15.927 1.00 42.49 ? 50   ARG A NH1 1 
ATOM   395  N  NH2 . ARG A 1 53  ? 1.918   -2.929  -13.708 1.00 41.48 ? 50   ARG A NH2 1 
ATOM   396  N  N   . ASN A 1 54  ? -2.555  3.352   -12.336 1.00 16.32 ? 51   ASN A N   1 
ATOM   397  C  CA  . ASN A 1 54  ? -3.186  4.679   -12.356 1.00 17.10 ? 51   ASN A CA  1 
ATOM   398  C  C   . ASN A 1 54  ? -4.710  4.597   -12.355 1.00 16.38 ? 51   ASN A C   1 
ATOM   399  O  O   . ASN A 1 54  ? -5.382  5.361   -13.062 1.00 15.98 ? 51   ASN A O   1 
ATOM   400  C  CB  . ASN A 1 54  ? -2.771  5.465   -13.598 1.00 17.49 ? 51   ASN A CB  1 
ATOM   401  C  CG  . ASN A 1 54  ? -1.285  5.645   -13.664 1.00 20.61 ? 51   ASN A CG  1 
ATOM   402  O  OD1 . ASN A 1 54  ? -0.635  5.869   -12.638 1.00 18.82 ? 51   ASN A OD1 1 
ATOM   403  N  ND2 . ASN A 1 54  ? -0.721  5.527   -14.864 1.00 20.15 ? 51   ASN A ND2 1 
ATOM   404  N  N   . CYS A 1 55  ? -5.243  3.648   -11.596 1.00 14.61 ? 52   CYS A N   1 
ATOM   405  C  CA  . CYS A 1 55  ? -6.682  3.467   -11.510 1.00 13.65 ? 52   CYS A CA  1 
ATOM   406  C  C   . CYS A 1 55  ? -7.156  4.271   -10.342 1.00 13.29 ? 52   CYS A C   1 
ATOM   407  O  O   . CYS A 1 55  ? -6.364  4.596   -9.494  1.00 15.92 ? 52   CYS A O   1 
ATOM   408  C  CB  . CYS A 1 55  ? -6.998  1.992   -11.271 1.00 13.43 ? 52   CYS A CB  1 
ATOM   409  S  SG  . CYS A 1 55  ? -6.740  0.964   -12.741 1.00 15.09 ? 52   CYS A SG  1 
ATOM   410  N  N   . THR A 1 56  ? -8.438  4.569   -10.281 1.00 12.16 ? 53   THR A N   1 
ATOM   411  C  CA  . THR A 1 56  ? -9.005  5.298   -9.173  1.00 13.73 ? 53   THR A CA  1 
ATOM   412  C  C   . THR A 1 56  ? -9.856  4.397   -8.253  1.00 14.97 ? 53   THR A C   1 
ATOM   413  O  O   . THR A 1 56  ? -10.848 3.741   -8.709  1.00 12.79 ? 53   THR A O   1 
ATOM   414  C  CB  . THR A 1 56  ? -9.934  6.342   -9.663  1.00 15.17 ? 53   THR A CB  1 
ATOM   415  O  OG1 . THR A 1 56  ? -9.210  7.260   -10.459 1.00 19.56 ? 53   THR A OG1 1 
ATOM   416  C  CG2 . THR A 1 56  ? -10.584 7.039   -8.497  1.00 18.03 ? 53   THR A CG2 1 
ATOM   417  N  N   . PHE A 1 57  ? -9.488  4.368   -6.971  1.00 15.21 ? 54   PHE A N   1 
ATOM   418  C  CA  . PHE A 1 57  ? -10.223 3.553   -6.016  1.00 16.40 ? 54   PHE A CA  1 
ATOM   419  C  C   . PHE A 1 57  ? -10.833 4.391   -4.935  1.00 17.56 ? 54   PHE A C   1 
ATOM   420  O  O   . PHE A 1 57  ? -10.283 4.490   -3.853  1.00 17.36 ? 54   PHE A O   1 
ATOM   421  C  CB  . PHE A 1 57  ? -9.315  2.541   -5.357  1.00 15.67 ? 54   PHE A CB  1 
ATOM   422  C  CG  . PHE A 1 57  ? -8.790  1.509   -6.289  1.00 13.87 ? 54   PHE A CG  1 
ATOM   423  C  CD1 . PHE A 1 57  ? -9.522  0.322   -6.524  1.00 12.82 ? 54   PHE A CD1 1 
ATOM   424  C  CD2 . PHE A 1 57  ? -7.541  1.692   -6.904  1.00 11.74 ? 54   PHE A CD2 1 
ATOM   425  C  CE1 . PHE A 1 57  ? -9.020  -0.695  -7.369  1.00 12.13 ? 54   PHE A CE1 1 
ATOM   426  C  CE2 . PHE A 1 57  ? -7.003  0.669   -7.771  1.00 13.73 ? 54   PHE A CE2 1 
ATOM   427  C  CZ  . PHE A 1 57  ? -7.740  -0.519  -8.001  1.00 13.12 ? 54   PHE A CZ  1 
ATOM   428  N  N   . GLU A 1 58  ? -11.978 4.991   -5.200  1.00 18.73 ? 55   GLU A N   1 
ATOM   429  C  CA  . GLU A 1 58  ? -12.565 5.804   -4.120  1.00 21.95 ? 55   GLU A CA  1 
ATOM   430  C  C   . GLU A 1 58  ? -13.666 5.048   -3.405  1.00 19.87 ? 55   GLU A C   1 
ATOM   431  O  O   . GLU A 1 58  ? -14.654 4.640   -4.033  1.00 18.82 ? 55   GLU A O   1 
ATOM   432  C  CB  . GLU A 1 58  ? -13.144 7.104   -4.663  1.00 24.13 ? 55   GLU A CB  1 
ATOM   433  C  CG  . GLU A 1 58  ? -12.183 7.822   -5.533  1.00 33.35 ? 55   GLU A CG  1 
ATOM   434  C  CD  . GLU A 1 58  ? -12.790 9.021   -6.236  1.00 36.10 ? 55   GLU A CD  1 
ATOM   435  O  OE1 . GLU A 1 58  ? -14.020 8.991   -6.521  1.00 39.17 ? 55   GLU A OE1 1 
ATOM   436  O  OE2 . GLU A 1 58  ? -12.024 9.970   -6.516  1.00 37.51 ? 55   GLU A OE2 1 
ATOM   437  N  N   . ARG A 1 59  ? -13.506 4.892   -2.102  1.00 18.46 ? 56   ARG A N   1 
ATOM   438  C  CA  . ARG A 1 59  ? -14.503 4.198   -1.320  1.00 18.96 ? 56   ARG A CA  1 
ATOM   439  C  C   . ARG A 1 59  ? -14.717 2.815   -1.883  1.00 18.08 ? 56   ARG A C   1 
ATOM   440  O  O   . ARG A 1 59  ? -15.821 2.262   -1.816  1.00 20.01 ? 56   ARG A O   1 
ATOM   441  C  CB  . ARG A 1 59  ? -15.852 4.928   -1.396  1.00 23.09 ? 56   ARG A CB  1 
ATOM   442  C  CG  . ARG A 1 59  ? -15.927 6.314   -0.800  1.00 27.38 ? 56   ARG A CG  1 
ATOM   443  C  CD  . ARG A 1 59  ? -17.314 6.826   -1.040  1.00 29.81 ? 56   ARG A CD  1 
ATOM   444  N  NE  . ARG A 1 59  ? -17.602 6.811   -2.467  1.00 31.71 ? 56   ARG A NE  1 
ATOM   445  C  CZ  . ARG A 1 59  ? -18.694 6.291   -3.014  1.00 32.66 ? 56   ARG A CZ  1 
ATOM   446  N  NH1 . ARG A 1 59  ? -19.613 5.723   -2.264  1.00 32.88 ? 56   ARG A NH1 1 
ATOM   447  N  NH2 . ARG A 1 59  ? -18.891 6.391   -4.326  1.00 33.40 ? 56   ARG A NH2 1 
ATOM   448  N  N   . THR A 1 60  ? -13.686 2.240   -2.461  1.00 17.89 ? 57   THR A N   1 
ATOM   449  C  CA  . THR A 1 60  ? -13.806 0.923   -3.036  1.00 15.90 ? 57   THR A CA  1 
ATOM   450  C  C   . THR A 1 60  ? -13.671 -0.013  -1.871  1.00 16.22 ? 57   THR A C   1 
ATOM   451  O  O   . THR A 1 60  ? -12.918 0.286   -0.945  1.00 16.17 ? 57   THR A O   1 
ATOM   452  C  CB  . THR A 1 60  ? -12.659 0.672   -4.050  1.00 16.40 ? 57   THR A CB  1 
ATOM   453  O  OG1 . THR A 1 60  ? -12.748 1.664   -5.109  1.00 13.07 ? 57   THR A OG1 1 
ATOM   454  C  CG2 . THR A 1 60  ? -12.718 -0.779  -4.609  1.00 12.22 ? 57   THR A CG2 1 
ATOM   455  N  N   . THR A 1 61  ? -14.437 -1.106  -1.885  1.00 14.79 ? 58   THR A N   1 
ATOM   456  C  CA  . THR A 1 61  ? -14.341 -2.125  -0.847  1.00 16.81 ? 58   THR A CA  1 
ATOM   457  C  C   . THR A 1 61  ? -13.486 -3.284  -1.384  1.00 16.78 ? 58   THR A C   1 
ATOM   458  O  O   . THR A 1 61  ? -13.941 -4.028  -2.245  1.00 15.85 ? 58   THR A O   1 
ATOM   459  C  CB  . THR A 1 61  ? -15.745 -2.722  -0.423  1.00 17.41 ? 58   THR A CB  1 
ATOM   460  O  OG1 . THR A 1 61  ? -16.506 -1.729  0.258   1.00 18.68 ? 58   THR A OG1 1 
ATOM   461  C  CG2 . THR A 1 61  ? -15.570 -3.899  0.573   1.00 13.66 ? 58   THR A CG2 1 
ATOM   462  N  N   . LEU A 1 62  ? -12.283 -3.444  -0.833  1.00 16.81 ? 59   LEU A N   1 
ATOM   463  C  CA  . LEU A 1 62  ? -11.339 -4.478  -1.239  1.00 18.28 ? 59   LEU A CA  1 
ATOM   464  C  C   . LEU A 1 62  ? -11.019 -5.531  -0.152  1.00 20.39 ? 59   LEU A C   1 
ATOM   465  O  O   . LEU A 1 62  ? -10.170 -6.398  -0.389  1.00 20.65 ? 59   LEU A O   1 
ATOM   466  C  CB  . LEU A 1 62  ? -10.014 -3.784  -1.633  1.00 18.81 ? 59   LEU A CB  1 
ATOM   467  C  CG  . LEU A 1 62  ? -10.090 -2.841  -2.859  1.00 19.58 ? 59   LEU A CG  1 
ATOM   468  C  CD1 . LEU A 1 62  ? -9.079  -1.750  -2.715  1.00 20.16 ? 59   LEU A CD1 1 
ATOM   469  C  CD2 . LEU A 1 62  ? -9.843  -3.592  -4.147  1.00 18.85 ? 59   LEU A CD2 1 
ATOM   470  N  N   . TRP A 1 63  ? -11.709 -5.485  1.007   1.00 20.04 ? 60   TRP A N   1 
ATOM   471  C  CA  . TRP A 1 63  ? -11.365 -6.369  2.099   1.00 19.32 ? 60   TRP A CA  1 
ATOM   472  C  C   . TRP A 1 63  ? -11.584 -7.825  1.783   1.00 18.40 ? 60   TRP A C   1 
ATOM   473  O  O   . TRP A 1 63  ? -12.363 -8.145  0.904   1.00 17.77 ? 60   TRP A O   1 
ATOM   474  C  CB  . TRP A 1 63  ? -12.081 -5.975  3.411   1.00 19.94 ? 60   TRP A CB  1 
ATOM   475  C  CG  . TRP A 1 63  ? -13.615 -6.178  3.432   1.00 22.71 ? 60   TRP A CG  1 
ATOM   476  C  CD1 . TRP A 1 63  ? -14.384 -6.795  2.483   1.00 23.26 ? 60   TRP A CD1 1 
ATOM   477  C  CD2 . TRP A 1 63  ? -14.519 -5.737  4.445   1.00 21.69 ? 60   TRP A CD2 1 
ATOM   478  N  NE1 . TRP A 1 63  ? -15.700 -6.768  2.840   1.00 23.23 ? 60   TRP A NE1 1 
ATOM   479  C  CE2 . TRP A 1 63  ? -15.817 -6.116  4.039   1.00 23.56 ? 60   TRP A CE2 1 
ATOM   480  C  CE3 . TRP A 1 63  ? -14.360 -5.053  5.658   1.00 23.50 ? 60   TRP A CE3 1 
ATOM   481  C  CZ2 . TRP A 1 63  ? -16.966 -5.829  4.803   1.00 23.55 ? 60   TRP A CZ2 1 
ATOM   482  C  CZ3 . TRP A 1 63  ? -15.499 -4.772  6.421   1.00 26.56 ? 60   TRP A CZ3 1 
ATOM   483  C  CH2 . TRP A 1 63  ? -16.789 -5.162  5.984   1.00 24.58 ? 60   TRP A CH2 1 
ATOM   484  N  N   . HIS A 1 64  ? -10.877 -8.680  2.524   1.00 16.44 ? 61   HIS A N   1 
ATOM   485  C  CA  . HIS A 1 64  ? -10.924 -10.119 2.365   1.00 16.12 ? 61   HIS A CA  1 
ATOM   486  C  C   . HIS A 1 64  ? -10.484 -10.531 0.949   1.00 16.63 ? 61   HIS A C   1 
ATOM   487  O  O   . HIS A 1 64  ? -10.971 -11.548 0.405   1.00 14.83 ? 61   HIS A O   1 
ATOM   488  C  CB  . HIS A 1 64  ? -12.337 -10.627 2.652   1.00 16.37 ? 61   HIS A CB  1 
ATOM   489  C  CG  . HIS A 1 64  ? -12.772 -10.437 4.071   1.00 16.34 ? 61   HIS A CG  1 
ATOM   490  N  ND1 . HIS A 1 64  ? -12.413 -11.302 5.080   1.00 16.80 ? 61   HIS A ND1 1 
ATOM   491  C  CD2 . HIS A 1 64  ? -13.529 -9.480  4.653   1.00 17.59 ? 61   HIS A CD2 1 
ATOM   492  C  CE1 . HIS A 1 64  ? -12.933 -10.891 6.219   1.00 16.61 ? 61   HIS A CE1 1 
ATOM   493  N  NE2 . HIS A 1 64  ? -13.618 -9.789  5.987   1.00 18.42 ? 61   HIS A NE2 1 
ATOM   494  N  N   . SER A 1 65  ? -9.573  -9.744  0.351   1.00 15.11 ? 62   SER A N   1 
ATOM   495  C  CA  . SER A 1 65  ? -9.121  -10.089 -0.990  1.00 14.21 ? 62   SER A CA  1 
ATOM   496  C  C   . SER A 1 65  ? -7.717  -10.598 -1.002  1.00 14.07 ? 62   SER A C   1 
ATOM   497  O  O   . SER A 1 65  ? -7.044  -10.569 0.032   1.00 14.50 ? 62   SER A O   1 
ATOM   498  C  CB  . SER A 1 65  ? -9.273  -8.908  -1.939  1.00 13.67 ? 62   SER A CB  1 
ATOM   499  O  OG  . SER A 1 65  ? -10.640 -8.712  -2.209  1.00 13.87 ? 62   SER A OG  1 
ATOM   500  N  N   . THR A 1 66  ? -7.275  -11.075 -2.168  1.00 14.00 ? 63   THR A N   1 
ATOM   501  C  CA  . THR A 1 66  ? -5.917  -11.590 -2.327  1.00 16.13 ? 63   THR A CA  1 
ATOM   502  C  C   . THR A 1 66  ? -5.237  -11.018 -3.552  1.00 15.77 ? 63   THR A C   1 
ATOM   503  O  O   . THR A 1 66  ? -5.779  -11.082 -4.650  1.00 17.81 ? 63   THR A O   1 
ATOM   504  C  CB  . THR A 1 66  ? -5.912  -13.154 -2.456  1.00 16.78 ? 63   THR A CB  1 
ATOM   505  O  OG1 . THR A 1 66  ? -6.495  -13.716 -1.288  1.00 21.39 ? 63   THR A OG1 1 
ATOM   506  C  CG2 . THR A 1 66  ? -4.487  -13.713 -2.538  1.00 19.23 ? 63   THR A CG2 1 
ATOM   507  N  N   . PHE A 1 67  ? -4.044  -10.488 -3.384  1.00 15.57 ? 64   PHE A N   1 
ATOM   508  C  CA  . PHE A 1 67  ? -3.282  -9.940  -4.514  1.00 15.83 ? 64   PHE A CA  1 
ATOM   509  C  C   . PHE A 1 67  ? -1.899  -10.574 -4.404  1.00 16.88 ? 64   PHE A C   1 
ATOM   510  O  O   . PHE A 1 67  ? -1.243  -10.487 -3.366  1.00 16.56 ? 64   PHE A O   1 
ATOM   511  C  CB  . PHE A 1 67  ? -3.143  -8.443  -4.424  1.00 15.67 ? 64   PHE A CB  1 
ATOM   512  C  CG  . PHE A 1 67  ? -4.430  -7.716  -4.605  1.00 16.72 ? 64   PHE A CG  1 
ATOM   513  C  CD1 . PHE A 1 67  ? -4.761  -7.176  -5.834  1.00 16.00 ? 64   PHE A CD1 1 
ATOM   514  C  CD2 . PHE A 1 67  ? -5.299  -7.529  -3.526  1.00 14.89 ? 64   PHE A CD2 1 
ATOM   515  C  CE1 . PHE A 1 67  ? -5.952  -6.438  -6.001  1.00 16.59 ? 64   PHE A CE1 1 
ATOM   516  C  CE2 . PHE A 1 67  ? -6.485  -6.791  -3.682  1.00 16.27 ? 64   PHE A CE2 1 
ATOM   517  C  CZ  . PHE A 1 67  ? -6.810  -6.240  -4.919  1.00 15.80 ? 64   PHE A CZ  1 
ATOM   518  N  N   . ALA A 1 68  ? -1.483  -11.228 -5.474  1.00 15.68 ? 65   ALA A N   1 
ATOM   519  C  CA  . ALA A 1 68  ? -0.235  -11.924 -5.487  1.00 16.53 ? 65   ALA A CA  1 
ATOM   520  C  C   . ALA A 1 68  ? 0.511   -11.500 -6.736  1.00 16.75 ? 65   ALA A C   1 
ATOM   521  O  O   . ALA A 1 68  ? 0.004   -11.632 -7.839  1.00 14.72 ? 65   ALA A O   1 
ATOM   522  C  CB  . ALA A 1 68  ? -0.519  -13.461 -5.491  1.00 16.69 ? 65   ALA A CB  1 
ATOM   523  N  N   . GLN A 1 69  ? 1.722   -10.985 -6.547  1.00 19.80 ? 66   GLN A N   1 
ATOM   524  C  CA  . GLN A 1 69  ? 2.525   -10.515 -7.671  1.00 20.96 ? 66   GLN A CA  1 
ATOM   525  C  C   . GLN A 1 69  ? 1.662   -9.548  -8.491  1.00 20.64 ? 66   GLN A C   1 
ATOM   526  O  O   . GLN A 1 69  ? 1.577   -9.660  -9.706  1.00 21.88 ? 66   GLN A O   1 
ATOM   527  C  CB  . GLN A 1 69  ? 2.958   -11.689 -8.579  1.00 23.22 ? 66   GLN A CB  1 
ATOM   528  C  CG  . GLN A 1 69  ? 4.020   -12.607 -8.004  1.00 28.49 ? 66   GLN A CG  1 
ATOM   529  C  CD  . GLN A 1 69  ? 3.544   -13.352 -6.740  1.00 30.92 ? 66   GLN A CD  1 
ATOM   530  O  OE1 . GLN A 1 69  ? 2.606   -14.138 -6.809  1.00 33.32 ? 66   GLN A OE1 1 
ATOM   531  N  NE2 . GLN A 1 69  ? 4.197   -13.093 -5.581  1.00 32.97 ? 66   GLN A NE2 1 
ATOM   532  N  N   . CYS A 1 70  ? 0.988   -8.615  -7.843  1.00 19.67 ? 67   CYS A N   1 
ATOM   533  C  CA  . CYS A 1 70  ? 0.206   -7.675  -8.623  1.00 18.22 ? 67   CYS A CA  1 
ATOM   534  C  C   . CYS A 1 70  ? 0.832   -6.317  -8.549  1.00 17.69 ? 67   CYS A C   1 
ATOM   535  O  O   . CYS A 1 70  ? 1.573   -6.013  -7.616  1.00 19.35 ? 67   CYS A O   1 
ATOM   536  C  CB  . CYS A 1 70  ? -1.207  -7.613  -8.092  1.00 17.32 ? 67   CYS A CB  1 
ATOM   537  S  SG  . CYS A 1 70  ? -2.107  -9.122  -8.448  1.00 16.81 ? 67   CYS A SG  1 
ATOM   538  N  N   . SER A 1 71  ? 0.539   -5.489  -9.525  1.00 15.90 ? 68   SER A N   1 
ATOM   539  C  CA  . SER A 1 71  ? 1.011   -4.111  -9.495  1.00 15.82 ? 68   SER A CA  1 
ATOM   540  C  C   . SER A 1 71  ? -0.164  -3.138  -9.268  1.00 15.42 ? 68   SER A C   1 
ATOM   541  O  O   . SER A 1 71  ? -1.270  -3.362  -9.752  1.00 15.10 ? 68   SER A O   1 
ATOM   542  C  CB  . SER A 1 71  ? 1.712   -3.775  -10.803 1.00 16.73 ? 68   SER A CB  1 
ATOM   543  O  OG  . SER A 1 71  ? 2.205   -2.465  -10.731 1.00 19.49 ? 68   SER A OG  1 
ATOM   544  N  N   . MET A 1 72  ? 0.082   -2.067  -8.532  1.00 13.92 ? 69   MET A N   1 
ATOM   545  C  CA  . MET A 1 72  ? -0.932  -1.066  -8.240  1.00 15.13 ? 69   MET A CA  1 
ATOM   546  C  C   . MET A 1 72  ? -0.292  0.288   -8.573  1.00 14.70 ? 69   MET A C   1 
ATOM   547  O  O   . MET A 1 72  ? -0.783  1.340   -8.129  1.00 13.93 ? 69   MET A O   1 
ATOM   548  C  CB  . MET A 1 72  ? -1.281  -1.015  -6.732  1.00 17.75 ? 69   MET A CB  1 
ATOM   549  C  CG  . MET A 1 72  ? -1.821  -2.282  -6.093  1.00 20.95 ? 69   MET A CG  1 
ATOM   550  S  SD  . MET A 1 72  ? -3.126  -3.152  -7.040  1.00 31.86 ? 69   MET A SD  1 
ATOM   551  C  CE  . MET A 1 72  ? -4.502  -2.292  -6.643  1.00 19.55 ? 69   MET A CE  1 
ATOM   552  N  N   . LEU A 1 73  ? 0.791   0.251   -9.352  1.00 12.13 ? 70   LEU A N   1 
ATOM   553  C  CA  . LEU A 1 73  ? 1.505   1.456   -9.657  1.00 11.52 ? 70   LEU A CA  1 
ATOM   554  C  C   . LEU A 1 73  ? 0.676   2.656   -10.060 1.00 11.02 ? 70   LEU A C   1 
ATOM   555  O  O   . LEU A 1 73  ? -0.131  2.625   -10.978 1.00 10.04 ? 70   LEU A O   1 
ATOM   556  C  CB  . LEU A 1 73  ? 2.617   1.169   -10.652 1.00 11.59 ? 70   LEU A CB  1 
ATOM   557  C  CG  . LEU A 1 73  ? 3.663   2.246   -10.985 1.00 9.58  ? 70   LEU A CG  1 
ATOM   558  C  CD1 . LEU A 1 73  ? 4.914   1.558   -11.424 1.00 8.30  ? 70   LEU A CD1 1 
ATOM   559  C  CD2 . LEU A 1 73  ? 3.117   3.180   -12.168 1.00 11.08 ? 70   LEU A CD2 1 
ATOM   560  N  N   . GLY A 1 74  ? 0.832   3.728   -9.285  1.00 13.30 ? 71   GLY A N   1 
ATOM   561  C  CA  . GLY A 1 74  ? 0.094   4.960   -9.595  1.00 12.53 ? 71   GLY A CA  1 
ATOM   562  C  C   . GLY A 1 74  ? -1.374  5.028   -9.208  1.00 14.07 ? 71   GLY A C   1 
ATOM   563  O  O   . GLY A 1 74  ? -2.018  6.077   -9.317  1.00 15.62 ? 71   GLY A O   1 
ATOM   564  N  N   . SER A 1 75  ? -1.938  3.931   -8.742  1.00 13.13 ? 72   SER A N   1 
ATOM   565  C  CA  . SER A 1 75  ? -3.335  4.018   -8.381  1.00 14.68 ? 72   SER A CA  1 
ATOM   566  C  C   . SER A 1 75  ? -3.643  4.917   -7.163  1.00 14.26 ? 72   SER A C   1 
ATOM   567  O  O   . SER A 1 75  ? -2.833  5.086   -6.291  1.00 14.47 ? 72   SER A O   1 
ATOM   568  C  CB  . SER A 1 75  ? -3.865  2.602   -8.199  1.00 12.97 ? 72   SER A CB  1 
ATOM   569  O  OG  . SER A 1 75  ? -3.895  2.013   -9.492  1.00 12.69 ? 72   SER A OG  1 
ATOM   570  N  N   . VAL A 1 76  ? -4.815  5.523   -7.140  1.00 15.06 ? 73   VAL A N   1 
ATOM   571  C  CA  . VAL A 1 76  ? -5.197  6.382   -6.037  1.00 14.90 ? 73   VAL A CA  1 
ATOM   572  C  C   . VAL A 1 76  ? -6.312  5.661   -5.264  1.00 13.67 ? 73   VAL A C   1 
ATOM   573  O  O   . VAL A 1 76  ? -7.284  5.203   -5.846  1.00 13.14 ? 73   VAL A O   1 
ATOM   574  C  CB  . VAL A 1 76  ? -5.704  7.773   -6.558  1.00 16.81 ? 73   VAL A CB  1 
ATOM   575  C  CG1 . VAL A 1 76  ? -6.229  8.604   -5.425  1.00 13.86 ? 73   VAL A CG1 1 
ATOM   576  C  CG2 . VAL A 1 76  ? -4.551  8.544   -7.214  1.00 19.08 ? 73   VAL A CG2 1 
ATOM   577  N  N   . PHE A 1 77  ? -6.127  5.561   -3.960  1.00 13.71 ? 74   PHE A N   1 
ATOM   578  C  CA  . PHE A 1 77  ? -7.057  4.898   -3.054  1.00 14.45 ? 74   PHE A CA  1 
ATOM   579  C  C   . PHE A 1 77  ? -7.519  5.948   -2.081  1.00 15.19 ? 74   PHE A C   1 
ATOM   580  O  O   . PHE A 1 77  ? -6.718  6.507   -1.368  1.00 16.50 ? 74   PHE A O   1 
ATOM   581  C  CB  . PHE A 1 77  ? -6.358  3.778   -2.261  1.00 14.60 ? 74   PHE A CB  1 
ATOM   582  C  CG  . PHE A 1 77  ? -5.731  2.698   -3.130  1.00 12.64 ? 74   PHE A CG  1 
ATOM   583  C  CD1 . PHE A 1 77  ? -6.386  1.482   -3.339  1.00 12.71 ? 74   PHE A CD1 1 
ATOM   584  C  CD2 . PHE A 1 77  ? -4.478  2.900   -3.733  1.00 10.92 ? 74   PHE A CD2 1 
ATOM   585  C  CE1 . PHE A 1 77  ? -5.798  0.444   -4.154  1.00 11.95 ? 74   PHE A CE1 1 
ATOM   586  C  CE2 . PHE A 1 77  ? -3.872  1.877   -4.538  1.00 12.41 ? 74   PHE A CE2 1 
ATOM   587  C  CZ  . PHE A 1 77  ? -4.537  0.643   -4.745  1.00 9.24  ? 74   PHE A CZ  1 
ATOM   588  N  N   . VAL A 1 78  ? -8.812  6.207   -2.060  1.00 15.53 ? 75   VAL A N   1 
ATOM   589  C  CA  . VAL A 1 78  ? -9.390  7.208   -1.175  1.00 17.00 ? 75   VAL A CA  1 
ATOM   590  C  C   . VAL A 1 78  ? -10.503 6.572   -0.338  1.00 16.28 ? 75   VAL A C   1 
ATOM   591  O  O   . VAL A 1 78  ? -11.509 6.181   -0.904  1.00 18.30 ? 75   VAL A O   1 
ATOM   592  C  CB  . VAL A 1 78  ? -10.055 8.330   -1.994  1.00 15.98 ? 75   VAL A CB  1 
ATOM   593  C  CG1 . VAL A 1 78  ? -10.848 9.208   -1.084  1.00 15.59 ? 75   VAL A CG1 1 
ATOM   594  C  CG2 . VAL A 1 78  ? -9.004  9.140   -2.724  1.00 17.95 ? 75   VAL A CG2 1 
ATOM   595  N  N   . ALA A 1 79  ? -10.343 6.526   0.982   1.00 15.93 ? 76   ALA A N   1 
ATOM   596  C  CA  . ALA A 1 79  ? -11.335 5.933   1.906   1.00 15.08 ? 76   ALA A CA  1 
ATOM   597  C  C   . ALA A 1 79  ? -11.750 4.556   1.483   1.00 16.09 ? 76   ALA A C   1 
ATOM   598  O  O   . ALA A 1 79  ? -12.919 4.275   1.339   1.00 17.19 ? 76   ALA A O   1 
ATOM   599  C  CB  . ALA A 1 79  ? -12.566 6.784   2.013   1.00 16.57 ? 76   ALA A CB  1 
ATOM   600  N  N   . CYS A 1 80  ? -10.790 3.691   1.282   1.00 15.78 ? 77   CYS A N   1 
ATOM   601  C  CA  . CYS A 1 80  ? -11.102 2.355   0.877   1.00 16.94 ? 77   CYS A CA  1 
ATOM   602  C  C   . CYS A 1 80  ? -11.068 1.400   2.077   1.00 16.63 ? 77   CYS A C   1 
ATOM   603  O  O   . CYS A 1 80  ? -10.452 1.673   3.084   1.00 18.51 ? 77   CYS A O   1 
ATOM   604  C  CB  . CYS A 1 80  ? -10.095 1.924   -0.171  1.00 17.03 ? 77   CYS A CB  1 
ATOM   605  S  SG  . CYS A 1 80  ? -10.213 2.717   -1.759  1.00 15.52 ? 77   CYS A SG  1 
ATOM   606  N  N   . ARG A 1 81  ? -11.760 0.284   1.997   1.00 17.52 ? 78   ARG A N   1 
ATOM   607  C  CA  . ARG A 1 81  ? -11.703 -0.671  3.101   1.00 17.69 ? 78   ARG A CA  1 
ATOM   608  C  C   . ARG A 1 81  ? -10.651 -1.634  2.614   1.00 17.65 ? 78   ARG A C   1 
ATOM   609  O  O   . ARG A 1 81  ? -10.811 -2.315  1.584   1.00 17.42 ? 78   ARG A O   1 
ATOM   610  C  CB  . ARG A 1 81  ? -13.035 -1.351  3.271   1.00 18.77 ? 78   ARG A CB  1 
ATOM   611  C  CG  . ARG A 1 81  ? -14.113 -0.406  3.742   1.00 20.72 ? 78   ARG A CG  1 
ATOM   612  C  CD  . ARG A 1 81  ? -15.409 -0.907  3.177   1.00 21.54 ? 78   ARG A CD  1 
ATOM   613  N  NE  . ARG A 1 81  ? -16.229 -1.323  4.263   1.00 20.30 ? 78   ARG A NE  1 
ATOM   614  C  CZ  . ARG A 1 81  ? -17.358 -2.003  4.157   1.00 19.92 ? 78   ARG A CZ  1 
ATOM   615  N  NH1 . ARG A 1 81  ? -17.833 -2.396  2.979   1.00 19.08 ? 78   ARG A NH1 1 
ATOM   616  N  NH2 . ARG A 1 81  ? -18.040 -2.214  5.261   1.00 20.42 ? 78   ARG A NH2 1 
ATOM   617  N  N   . LEU A 1 82  ? -9.561  -1.679  3.344   1.00 19.38 ? 79   LEU A N   1 
ATOM   618  C  CA  . LEU A 1 82  ? -8.433  -2.469  2.918   1.00 21.98 ? 79   LEU A CA  1 
ATOM   619  C  C   . LEU A 1 82  ? -8.057  -3.485  3.913   1.00 22.46 ? 79   LEU A C   1 
ATOM   620  O  O   . LEU A 1 82  ? -6.977  -4.017  3.839   1.00 24.33 ? 79   LEU A O   1 
ATOM   621  C  CB  . LEU A 1 82  ? -7.209  -1.568  2.712   1.00 23.22 ? 79   LEU A CB  1 
ATOM   622  C  CG  . LEU A 1 82  ? -7.032  -0.595  1.531   1.00 27.21 ? 79   LEU A CG  1 
ATOM   623  C  CD1 . LEU A 1 82  ? -7.760  -1.149  0.311   1.00 27.81 ? 79   LEU A CD1 1 
ATOM   624  C  CD2 . LEU A 1 82  ? -7.532  0.833   1.871   1.00 29.41 ? 79   LEU A CD2 1 
ATOM   625  N  N   . ARG A 1 83  ? -8.909  -3.753  4.884   1.00 23.12 ? 80   ARG A N   1 
ATOM   626  C  CA  . ARG A 1 83  ? -8.528  -4.720  5.885   1.00 22.47 ? 80   ARG A CA  1 
ATOM   627  C  C   . ARG A 1 83  ? -9.664  -5.595  6.240   1.00 21.16 ? 80   ARG A C   1 
ATOM   628  O  O   . ARG A 1 83  ? -10.795 -5.151  6.303   1.00 22.59 ? 80   ARG A O   1 
ATOM   629  C  CB  . ARG A 1 83  ? -7.981  -4.033  7.149   1.00 22.64 ? 80   ARG A CB  1 
ATOM   630  C  CG  . ARG A 1 83  ? -8.376  -2.597  7.282   1.00 25.60 ? 80   ARG A CG  1 
ATOM   631  C  CD  . ARG A 1 83  ? -7.474  -1.878  8.277   1.00 27.61 ? 80   ARG A CD  1 
ATOM   632  N  NE  . ARG A 1 83  ? -7.166  -2.702  9.446   1.00 27.27 ? 80   ARG A NE  1 
ATOM   633  C  CZ  . ARG A 1 83  ? -7.890  -2.762  10.557  1.00 24.89 ? 80   ARG A CZ  1 
ATOM   634  N  NH1 . ARG A 1 83  ? -8.973  -2.039  10.696  1.00 27.24 ? 80   ARG A NH1 1 
ATOM   635  N  NH2 . ARG A 1 83  ? -7.543  -3.599  11.520  1.00 26.08 ? 80   ARG A NH2 1 
ATOM   636  N  N   . PRO A 1 84  ? -9.388  -6.891  6.402   1.00 18.95 ? 81   PRO A N   1 
ATOM   637  C  CA  . PRO A 1 84  ? -8.032  -7.421  6.231   1.00 18.63 ? 81   PRO A CA  1 
ATOM   638  C  C   . PRO A 1 84  ? -7.748  -7.621  4.727   1.00 18.33 ? 81   PRO A C   1 
ATOM   639  O  O   . PRO A 1 84  ? -8.618  -7.414  3.885   1.00 19.03 ? 81   PRO A O   1 
ATOM   640  C  CB  . PRO A 1 84  ? -8.084  -8.731  6.987   1.00 18.06 ? 81   PRO A CB  1 
ATOM   641  C  CG  . PRO A 1 84  ? -9.561  -9.151  6.739   1.00 18.60 ? 81   PRO A CG  1 
ATOM   642  C  CD  . PRO A 1 84  ? -10.336 -7.917  6.866   1.00 16.62 ? 81   PRO A CD  1 
ATOM   643  N  N   . LEU A 1 85  ? -6.542  -8.059  4.407   1.00 16.49 ? 82   LEU A N   1 
ATOM   644  C  CA  . LEU A 1 85  ? -6.153  -8.183  3.019   1.00 18.07 ? 82   LEU A CA  1 
ATOM   645  C  C   . LEU A 1 85  ? -4.999  -9.135  2.930   1.00 17.88 ? 82   LEU A C   1 
ATOM   646  O  O   . LEU A 1 85  ? -4.169  -9.191  3.837   1.00 19.54 ? 82   LEU A O   1 
ATOM   647  C  CB  . LEU A 1 85  ? -5.710  -6.799  2.552   1.00 17.77 ? 82   LEU A CB  1 
ATOM   648  C  CG  . LEU A 1 85  ? -5.747  -6.417  1.101   1.00 16.09 ? 82   LEU A CG  1 
ATOM   649  C  CD1 . LEU A 1 85  ? -7.110  -6.617  0.618   1.00 16.57 ? 82   LEU A CD1 1 
ATOM   650  C  CD2 . LEU A 1 85  ? -5.311  -4.959  0.904   1.00 15.89 ? 82   LEU A CD2 1 
ATOM   651  N  N   . THR A 1 86  ? -4.927  -9.903  1.858   1.00 18.91 ? 83   THR A N   1 
ATOM   652  C  CA  . THR A 1 86  ? -3.799  -10.822 1.713   1.00 19.29 ? 83   THR A CA  1 
ATOM   653  C  C   . THR A 1 86  ? -2.965  -10.343 0.528   1.00 20.56 ? 83   THR A C   1 
ATOM   654  O  O   . THR A 1 86  ? -3.399  -10.393 -0.628  1.00 19.98 ? 83   THR A O   1 
ATOM   655  C  CB  . THR A 1 86  ? -4.238  -12.298 1.452   1.00 19.40 ? 83   THR A CB  1 
ATOM   656  O  OG1 . THR A 1 86  ? -5.123  -12.762 2.488   1.00 19.65 ? 83   THR A OG1 1 
ATOM   657  C  CG2 . THR A 1 86  ? -3.015  -13.201 1.400   1.00 18.27 ? 83   THR A CG2 1 
ATOM   658  N  N   . LEU A 1 87  ? -1.751  -9.890  0.819   1.00 22.68 ? 84   LEU A N   1 
ATOM   659  C  CA  . LEU A 1 87  ? -0.861  -9.396  -0.229  1.00 24.81 ? 84   LEU A CA  1 
ATOM   660  C  C   . LEU A 1 87  ? 0.412   -10.217 -0.318  1.00 24.54 ? 84   LEU A C   1 
ATOM   661  O  O   . LEU A 1 87  ? 0.871   -10.617 0.697   1.00 24.77 ? 84   LEU A O   1 
ATOM   662  C  CB  . LEU A 1 87  ? -0.485  -7.953  0.070   1.00 24.63 ? 84   LEU A CB  1 
ATOM   663  C  CG  . LEU A 1 87  ? -1.464  -6.803  -0.222  1.00 26.04 ? 84   LEU A CG  1 
ATOM   664  C  CD1 . LEU A 1 87  ? -2.860  -7.259  -0.680  1.00 24.49 ? 84   LEU A CD1 1 
ATOM   665  C  CD2 . LEU A 1 87  ? -1.559  -6.009  1.056   1.00 25.57 ? 84   LEU A CD2 1 
ATOM   666  N  N   . ASP A 1 88  ? 0.949   -10.505 -1.516  1.00 24.94 ? 85   ASP A N   1 
ATOM   667  C  CA  . ASP A 1 88  ? 2.259   -11.215 -1.662  1.00 23.38 ? 85   ASP A CA  1 
ATOM   668  C  C   . ASP A 1 88  ? 2.966   -10.530 -2.799  1.00 22.19 ? 85   ASP A C   1 
ATOM   669  O  O   . ASP A 1 88  ? 2.572   -10.699 -3.950  1.00 22.10 ? 85   ASP A O   1 
ATOM   670  C  CB  . ASP A 1 88  ? 2.142   -12.722 -1.994  1.00 25.37 ? 85   ASP A CB  1 
ATOM   671  C  CG  . ASP A 1 88  ? 3.582   -13.457 -2.103  1.00 30.92 ? 85   ASP A CG  1 
ATOM   672  O  OD1 . ASP A 1 88  ? 4.563   -13.088 -1.363  1.00 30.00 ? 85   ASP A OD1 1 
ATOM   673  O  OD2 . ASP A 1 88  ? 3.718   -14.429 -2.914  1.00 31.07 ? 85   ASP A OD2 1 
ATOM   674  N  N   . ASP A 1 89  ? 3.973   -9.716  -2.477  1.00 22.01 ? 86   ASP A N   1 
ATOM   675  C  CA  . ASP A 1 89  ? 4.758   -9.017  -3.500  1.00 22.51 ? 86   ASP A CA  1 
ATOM   676  C  C   . ASP A 1 89  ? 3.865   -8.151  -4.409  1.00 21.60 ? 86   ASP A C   1 
ATOM   677  O  O   . ASP A 1 89  ? 3.633   -8.456  -5.581  1.00 21.57 ? 86   ASP A O   1 
ATOM   678  C  CB  . ASP A 1 89  ? 5.535   -10.053 -4.334  1.00 23.83 ? 86   ASP A CB  1 
ATOM   679  C  CG  . ASP A 1 89  ? 6.375   -9.418  -5.430  1.00 26.04 ? 86   ASP A CG  1 
ATOM   680  O  OD1 . ASP A 1 89  ? 6.914   -8.345  -5.152  1.00 27.11 ? 86   ASP A OD1 1 
ATOM   681  O  OD2 . ASP A 1 89  ? 6.497   -9.979  -6.558  1.00 26.15 ? 86   ASP A OD2 1 
ATOM   682  N  N   . VAL A 1 90  ? 3.324   -7.095  -3.836  1.00 20.94 ? 87   VAL A N   1 
ATOM   683  C  CA  . VAL A 1 90  ? 2.465   -6.193  -4.594  1.00 18.86 ? 87   VAL A CA  1 
ATOM   684  C  C   . VAL A 1 90  ? 3.215   -4.906  -4.673  1.00 17.27 ? 87   VAL A C   1 
ATOM   685  O  O   . VAL A 1 90  ? 3.725   -4.384  -3.678  1.00 16.64 ? 87   VAL A O   1 
ATOM   686  C  CB  . VAL A 1 90  ? 1.145   -5.894  -3.889  1.00 20.09 ? 87   VAL A CB  1 
ATOM   687  C  CG1 . VAL A 1 90  ? 0.378   -4.846  -4.672  1.00 19.54 ? 87   VAL A CG1 1 
ATOM   688  C  CG2 . VAL A 1 90  ? 0.329   -7.166  -3.764  1.00 20.97 ? 87   VAL A CG2 1 
ATOM   689  N  N   . ASP A 1 91  ? 3.273   -4.383  -5.868  1.00 14.42 ? 88   ASP A N   1 
ATOM   690  C  CA  . ASP A 1 91  ? 3.973   -3.143  -6.079  1.00 14.20 ? 88   ASP A CA  1 
ATOM   691  C  C   . ASP A 1 91  ? 3.055   -1.905  -5.892  1.00 11.83 ? 88   ASP A C   1 
ATOM   692  O  O   . ASP A 1 91  ? 2.097   -1.697  -6.626  1.00 10.80 ? 88   ASP A O   1 
ATOM   693  C  CB  . ASP A 1 91  ? 4.598   -3.188  -7.492  1.00 15.29 ? 88   ASP A CB  1 
ATOM   694  C  CG  . ASP A 1 91  ? 5.478   -1.999  -7.772  1.00 15.16 ? 88   ASP A CG  1 
ATOM   695  O  OD1 . ASP A 1 91  ? 5.923   -1.355  -6.810  1.00 17.63 ? 88   ASP A OD1 1 
ATOM   696  O  OD2 . ASP A 1 91  ? 5.717   -1.718  -8.950  1.00 14.46 ? 88   ASP A OD2 1 
ATOM   697  N  N   . PHE A 1 92  ? 3.335   -1.099  -4.884  1.00 11.29 ? 89   PHE A N   1 
ATOM   698  C  CA  . PHE A 1 92  ? 2.554   0.134   -4.651  1.00 11.38 ? 89   PHE A CA  1 
ATOM   699  C  C   . PHE A 1 92  ? 3.327   1.352   -5.062  1.00 11.30 ? 89   PHE A C   1 
ATOM   700  O  O   . PHE A 1 92  ? 2.975   2.427   -4.677  1.00 14.27 ? 89   PHE A O   1 
ATOM   701  C  CB  . PHE A 1 92  ? 2.179   0.301   -3.179  1.00 9.76  ? 89   PHE A CB  1 
ATOM   702  C  CG  . PHE A 1 92  ? 1.083   -0.574  -2.765  1.00 9.18  ? 89   PHE A CG  1 
ATOM   703  C  CD1 . PHE A 1 92  ? -0.236  -0.247  -3.075  1.00 5.84  ? 89   PHE A CD1 1 
ATOM   704  C  CD2 . PHE A 1 92  ? 1.374   -1.810  -2.151  1.00 9.25  ? 89   PHE A CD2 1 
ATOM   705  C  CE1 . PHE A 1 92  ? -1.275  -1.148  -2.783  1.00 9.19  ? 89   PHE A CE1 1 
ATOM   706  C  CE2 . PHE A 1 92  ? 0.328   -2.755  -1.842  1.00 11.60 ? 89   PHE A CE2 1 
ATOM   707  C  CZ  . PHE A 1 92  ? -0.995  -2.426  -2.159  1.00 8.11  ? 89   PHE A CZ  1 
ATOM   708  N  N   . THR A 1 93  ? 4.404   1.177   -5.814  1.00 12.15 ? 90   THR A N   1 
ATOM   709  C  CA  . THR A 1 93  ? 5.184   2.314   -6.306  1.00 10.99 ? 90   THR A CA  1 
ATOM   710  C  C   . THR A 1 93  ? 4.249   3.401   -6.905  1.00 11.58 ? 90   THR A C   1 
ATOM   711  O  O   . THR A 1 93  ? 3.270   3.122   -7.628  1.00 9.84  ? 90   THR A O   1 
ATOM   712  C  CB  . THR A 1 93  ? 6.255   1.816   -7.367  1.00 11.28 ? 90   THR A CB  1 
ATOM   713  O  OG1 . THR A 1 93  ? 7.205   0.956   -6.701  1.00 9.85  ? 90   THR A OG1 1 
ATOM   714  C  CG2 . THR A 1 93  ? 6.995   2.996   -8.070  1.00 8.29  ? 90   THR A CG2 1 
ATOM   715  N  N   . LEU A 1 94  ? 4.528   4.644   -6.504  1.00 11.65 ? 91   LEU A N   1 
ATOM   716  C  CA  . LEU A 1 94  ? 3.805   5.831   -6.944  1.00 10.38 ? 91   LEU A CA  1 
ATOM   717  C  C   . LEU A 1 94  ? 2.339   5.934   -6.581  1.00 9.90  ? 91   LEU A C   1 
ATOM   718  O  O   . LEU A 1 94  ? 1.719   6.892   -6.920  1.00 5.63  ? 91   LEU A O   1 
ATOM   719  C  CB  . LEU A 1 94  ? 3.978   6.032   -8.462  1.00 10.41 ? 91   LEU A CB  1 
ATOM   720  C  CG  . LEU A 1 94  ? 5.359   6.546   -8.908  1.00 11.51 ? 91   LEU A CG  1 
ATOM   721  C  CD1 . LEU A 1 94  ? 5.689   6.099   -10.384 1.00 11.32 ? 91   LEU A CD1 1 
ATOM   722  C  CD2 . LEU A 1 94  ? 5.445   8.077   -8.754  1.00 11.26 ? 91   LEU A CD2 1 
ATOM   723  N  N   . ALA A 1 95  ? 1.813   4.952   -5.853  1.00 12.83 ? 92   ALA A N   1 
ATOM   724  C  CA  . ALA A 1 95  ? 0.420   4.900   -5.464  1.00 12.61 ? 92   ALA A CA  1 
ATOM   725  C  C   . ALA A 1 95  ? 0.068   5.933   -4.382  1.00 14.39 ? 92   ALA A C   1 
ATOM   726  O  O   . ALA A 1 95  ? 0.935   6.421   -3.652  1.00 14.69 ? 92   ALA A O   1 
ATOM   727  C  CB  . ALA A 1 95  ? 0.105   3.503   -4.974  1.00 13.23 ? 92   ALA A CB  1 
ATOM   728  N  N   . VAL A 1 96  ? -1.205  6.266   -4.279  1.00 14.52 ? 93   VAL A N   1 
ATOM   729  C  CA  . VAL A 1 96  ? -1.649  7.240   -3.269  1.00 15.43 ? 93   VAL A CA  1 
ATOM   730  C  C   . VAL A 1 96  ? -2.505  6.518   -2.248  1.00 14.59 ? 93   VAL A C   1 
ATOM   731  O  O   . VAL A 1 96  ? -3.651  6.161   -2.511  1.00 16.26 ? 93   VAL A O   1 
ATOM   732  C  CB  . VAL A 1 96  ? -2.475  8.432   -3.911  1.00 14.58 ? 93   VAL A CB  1 
ATOM   733  C  CG1 . VAL A 1 96  ? -3.318  9.156   -2.879  1.00 9.76  ? 93   VAL A CG1 1 
ATOM   734  C  CG2 . VAL A 1 96  ? -1.516  9.362   -4.568  1.00 14.70 ? 93   VAL A CG2 1 
ATOM   735  N  N   . LEU A 1 97  ? -1.939  6.331   -1.068  1.00 14.26 ? 94   LEU A N   1 
ATOM   736  C  CA  . LEU A 1 97  ? -2.641  5.639   -0.019  1.00 14.29 ? 94   LEU A CA  1 
ATOM   737  C  C   . LEU A 1 97  ? -2.974  6.574   1.132   1.00 14.00 ? 94   LEU A C   1 
ATOM   738  O  O   . LEU A 1 97  ? -3.415  6.133   2.171   1.00 15.48 ? 94   LEU A O   1 
ATOM   739  C  CB  . LEU A 1 97  ? -1.784  4.478   0.454   1.00 12.41 ? 94   LEU A CB  1 
ATOM   740  C  CG  . LEU A 1 97  ? -1.737  3.311   -0.539  1.00 12.06 ? 94   LEU A CG  1 
ATOM   741  C  CD1 . LEU A 1 97  ? -0.559  2.434   -0.182  1.00 11.83 ? 94   LEU A CD1 1 
ATOM   742  C  CD2 . LEU A 1 97  ? -3.019  2.482   -0.495  1.00 12.67 ? 94   LEU A CD2 1 
ATOM   743  N  N   . GLY A 1 98  ? -2.788  7.868   0.910   1.00 13.26 ? 95   GLY A N   1 
ATOM   744  C  CA  . GLY A 1 98  ? -3.052  8.864   1.932   1.00 12.96 ? 95   GLY A CA  1 
ATOM   745  C  C   . GLY A 1 98  ? -4.385  8.740   2.643   1.00 13.43 ? 95   GLY A C   1 
ATOM   746  O  O   . GLY A 1 98  ? -5.423  8.452   2.027   1.00 14.34 ? 95   GLY A O   1 
ATOM   747  N  N   . GLY A 1 99  ? -4.331  8.918   3.955   1.00 14.56 ? 96   GLY A N   1 
ATOM   748  C  CA  . GLY A 1 99  ? -5.528  8.841   4.773   1.00 16.42 ? 96   GLY A CA  1 
ATOM   749  C  C   . GLY A 1 99  ? -6.187  7.478   4.972   1.00 19.32 ? 96   GLY A C   1 
ATOM   750  O  O   . GLY A 1 99  ? -7.149  7.408   5.762   1.00 19.05 ? 96   GLY A O   1 
ATOM   751  N  N   . ASN A 1 100 ? -5.741  6.402   4.292   1.00 19.15 ? 97   ASN A N   1 
ATOM   752  C  CA  . ASN A 1 100 ? -6.427  5.102   4.512   1.00 19.27 ? 97   ASN A CA  1 
ATOM   753  C  C   . ASN A 1 100 ? -6.015  4.383   5.802   1.00 18.76 ? 97   ASN A C   1 
ATOM   754  O  O   . ASN A 1 100 ? -4.940  4.625   6.354   1.00 18.01 ? 97   ASN A O   1 
ATOM   755  C  CB  . ASN A 1 100 ? -6.220  4.143   3.330   1.00 19.80 ? 97   ASN A CB  1 
ATOM   756  C  CG  . ASN A 1 100 ? -6.973  4.574   2.084   1.00 21.27 ? 97   ASN A CG  1 
ATOM   757  O  OD1 . ASN A 1 100 ? -8.092  4.115   1.809   1.00 19.66 ? 97   ASN A OD1 1 
ATOM   758  N  ND2 . ASN A 1 100 ? -6.374  5.489   1.335   1.00 21.95 ? 97   ASN A ND2 1 
ATOM   759  N  N   . ASP A 1 101 ? -6.883  3.493   6.274   1.00 17.80 ? 98   ASP A N   1 
ATOM   760  C  CA  . ASP A 1 101 ? -6.572  2.720   7.453   1.00 16.64 ? 98   ASP A CA  1 
ATOM   761  C  C   . ASP A 1 101 ? -6.039  1.425   6.959   1.00 16.71 ? 98   ASP A C   1 
ATOM   762  O  O   . ASP A 1 101 ? -6.765  0.663   6.366   1.00 18.61 ? 98   ASP A O   1 
ATOM   763  C  CB  . ASP A 1 101 ? -7.842  2.490   8.281   1.00 18.92 ? 98   ASP A CB  1 
ATOM   764  C  CG  . ASP A 1 101 ? -7.648  1.475   9.433   1.00 18.47 ? 98   ASP A CG  1 
ATOM   765  O  OD1 . ASP A 1 101 ? -6.501  1.246   9.861   1.00 15.21 ? 98   ASP A OD1 1 
ATOM   766  O  OD2 . ASP A 1 101 ? -8.689  0.908   9.889   1.00 21.19 ? 98   ASP A OD2 1 
ATOM   767  N  N   . LEU A 1 102 ? -4.755  1.184   7.184   1.00 15.70 ? 99   LEU A N   1 
ATOM   768  C  CA  . LEU A 1 102 ? -4.096  -0.048  6.784   1.00 14.87 ? 99   LEU A CA  1 
ATOM   769  C  C   . LEU A 1 102 ? -3.642  -0.860  7.996   1.00 14.11 ? 99   LEU A C   1 
ATOM   770  O  O   . LEU A 1 102 ? -2.927  -1.811  7.855   1.00 13.91 ? 99   LEU A O   1 
ATOM   771  C  CB  . LEU A 1 102 ? -2.847  0.289   5.936   1.00 15.42 ? 99   LEU A CB  1 
ATOM   772  C  CG  . LEU A 1 102 ? -3.031  0.710   4.448   1.00 16.43 ? 99   LEU A CG  1 
ATOM   773  C  CD1 . LEU A 1 102 ? -4.306  1.410   4.233   1.00 16.35 ? 99   LEU A CD1 1 
ATOM   774  C  CD2 . LEU A 1 102 ? -1.886  1.578   4.015   1.00 16.76 ? 99   LEU A CD2 1 
ATOM   775  N  N   . ARG A 1 103 ? -4.054  -0.473  9.187   1.00 14.53 ? 100  ARG A N   1 
ATOM   776  C  CA  . ARG A 1 103 ? -3.570  -1.133  10.377  1.00 16.37 ? 100  ARG A CA  1 
ATOM   777  C  C   . ARG A 1 103 ? -3.441  -2.688  10.317  1.00 16.70 ? 100  ARG A C   1 
ATOM   778  O  O   . ARG A 1 103 ? -4.309  -3.388  9.802   1.00 16.90 ? 100  ARG A O   1 
ATOM   779  C  CB  . ARG A 1 103 ? -4.426  -0.701  11.583  1.00 15.74 ? 100  ARG A CB  1 
ATOM   780  C  CG  . ARG A 1 103 ? -4.168  0.766   12.081  1.00 17.80 ? 100  ARG A CG  1 
ATOM   781  C  CD  . ARG A 1 103 ? -5.175  1.225   13.163  1.00 16.31 ? 100  ARG A CD  1 
ATOM   782  N  NE  . ARG A 1 103 ? -6.555  1.190   12.664  1.00 20.19 ? 100  ARG A NE  1 
ATOM   783  C  CZ  . ARG A 1 103 ? -7.632  1.556   13.354  1.00 20.43 ? 100  ARG A CZ  1 
ATOM   784  N  NH1 . ARG A 1 103 ? -8.820  1.510   12.808  1.00 22.31 ? 100  ARG A NH1 1 
ATOM   785  N  NH2 . ARG A 1 103 ? -7.538  1.967   14.604  1.00 24.84 ? 100  ARG A NH2 1 
ATOM   786  N  N   . GLY A 1 104 ? -2.339  -3.204  10.849  1.00 14.80 ? 101  GLY A N   1 
ATOM   787  C  CA  . GLY A 1 104 ? -2.164  -4.636  10.883  1.00 16.64 ? 101  GLY A CA  1 
ATOM   788  C  C   . GLY A 1 104 ? -1.860  -5.388  9.599   1.00 18.32 ? 101  GLY A C   1 
ATOM   789  O  O   . GLY A 1 104 ? -1.550  -6.577  9.650   1.00 19.06 ? 101  GLY A O   1 
ATOM   790  N  N   . LEU A 1 105 ? -1.958  -4.731  8.450   1.00 17.02 ? 102  LEU A N   1 
ATOM   791  C  CA  . LEU A 1 105 ? -1.657  -5.420  7.238   1.00 15.97 ? 102  LEU A CA  1 
ATOM   792  C  C   . LEU A 1 105 ? -0.187  -5.868  7.172   1.00 16.28 ? 102  LEU A C   1 
ATOM   793  O  O   . LEU A 1 105 ? 0.715   -5.152  7.600   1.00 18.31 ? 102  LEU A O   1 
ATOM   794  C  CB  . LEU A 1 105 ? -1.989  -4.520  6.042   1.00 15.74 ? 102  LEU A CB  1 
ATOM   795  C  CG  . LEU A 1 105 ? -3.465  -4.080  5.888   1.00 17.83 ? 102  LEU A CG  1 
ATOM   796  C  CD1 . LEU A 1 105 ? -3.605  -3.225  4.691   1.00 18.84 ? 102  LEU A CD1 1 
ATOM   797  C  CD2 . LEU A 1 105 ? -4.368  -5.242  5.778   1.00 16.13 ? 102  LEU A CD2 1 
ATOM   798  N  N   . ASN A 1 106 ? 0.045   -7.066  6.647   1.00 16.37 ? 103  ASN A N   1 
ATOM   799  C  CA  . ASN A 1 106 ? 1.388   -7.613  6.457   1.00 16.10 ? 103  ASN A CA  1 
ATOM   800  C  C   . ASN A 1 106 ? 1.766   -7.116  5.046   1.00 16.40 ? 103  ASN A C   1 
ATOM   801  O  O   . ASN A 1 106 ? 1.090   -7.432  4.057   1.00 15.00 ? 103  ASN A O   1 
ATOM   802  C  CB  . ASN A 1 106 ? 1.353   -9.164  6.513   1.00 18.67 ? 103  ASN A CB  1 
ATOM   803  C  CG  . ASN A 1 106 ? 2.720   -9.792  6.327   1.00 20.83 ? 103  ASN A CG  1 
ATOM   804  O  OD1 . ASN A 1 106 ? 3.653   -9.163  5.806   1.00 23.68 ? 103  ASN A OD1 1 
ATOM   805  N  ND2 . ASN A 1 106 ? 2.842   -11.042 6.717   1.00 21.75 ? 103  ASN A ND2 1 
ATOM   806  N  N   . LEU A 1 107 ? 2.841   -6.326  4.994   1.00 15.51 ? 104  LEU A N   1 
ATOM   807  C  CA  . LEU A 1 107 ? 3.354   -5.708  3.784   1.00 15.36 ? 104  LEU A CA  1 
ATOM   808  C  C   . LEU A 1 107 ? 4.792   -6.041  3.575   1.00 14.93 ? 104  LEU A C   1 
ATOM   809  O  O   . LEU A 1 107 ? 5.510   -5.233  3.015   1.00 16.65 ? 104  LEU A O   1 
ATOM   810  C  CB  . LEU A 1 107 ? 3.256   -4.186  3.894   1.00 14.01 ? 104  LEU A CB  1 
ATOM   811  C  CG  . LEU A 1 107 ? 1.841   -3.601  3.847   1.00 17.26 ? 104  LEU A CG  1 
ATOM   812  C  CD1 . LEU A 1 107 ? 1.866   -2.103  4.266   1.00 17.99 ? 104  LEU A CD1 1 
ATOM   813  C  CD2 . LEU A 1 107 ? 1.278   -3.770  2.408   1.00 15.29 ? 104  LEU A CD2 1 
ATOM   814  N  N   . THR A 1 108 ? 5.209   -7.228  4.018   1.00 16.50 ? 105  THR A N   1 
ATOM   815  C  CA  . THR A 1 108 ? 6.605   -7.662  3.905   1.00 17.88 ? 105  THR A CA  1 
ATOM   816  C  C   . THR A 1 108 ? 7.200   -7.526  2.504   1.00 18.11 ? 105  THR A C   1 
ATOM   817  O  O   . THR A 1 108 ? 6.617   -7.957  1.528   1.00 17.18 ? 105  THR A O   1 
ATOM   818  C  CB  . THR A 1 108 ? 6.770   -9.124  4.346   1.00 18.50 ? 105  THR A CB  1 
ATOM   819  O  OG1 . THR A 1 108 ? 6.393   -9.257  5.713   1.00 18.48 ? 105  THR A OG1 1 
ATOM   820  C  CG2 . THR A 1 108 ? 8.223   -9.581  4.201   1.00 15.83 ? 105  THR A CG2 1 
ATOM   821  N  N   . GLY A 1 109 ? 8.359   -6.897  2.420   1.00 18.49 ? 106  GLY A N   1 
ATOM   822  C  CA  . GLY A 1 109 ? 8.993   -6.747  1.126   1.00 19.29 ? 106  GLY A CA  1 
ATOM   823  C  C   . GLY A 1 109 ? 8.154   -6.033  0.077   1.00 20.17 ? 106  GLY A C   1 
ATOM   824  O  O   . GLY A 1 109 ? 8.453   -6.118  -1.106  1.00 21.34 ? 106  GLY A O   1 
ATOM   825  N  N   . CYS A 1 110 ? 7.108   -5.328  0.466   1.00 19.35 ? 107  CYS A N   1 
ATOM   826  C  CA  . CYS A 1 110 ? 6.329   -4.643  -0.552  1.00 20.81 ? 107  CYS A CA  1 
ATOM   827  C  C   . CYS A 1 110 ? 7.006   -3.358  -0.922  1.00 18.81 ? 107  CYS A C   1 
ATOM   828  O  O   . CYS A 1 110 ? 7.627   -2.716  -0.081  1.00 19.60 ? 107  CYS A O   1 
ATOM   829  C  CB  . CYS A 1 110 ? 4.885   -4.366  -0.101  1.00 23.04 ? 107  CYS A CB  1 
ATOM   830  S  SG  . CYS A 1 110 ? 3.875   -5.872  -0.337  1.00 30.44 ? 107  CYS A SG  1 
ATOM   831  N  N   . ARG A 1 111 ? 6.909   -2.988  -2.196  1.00 17.05 ? 108  ARG A N   1 
ATOM   832  C  CA  . ARG A 1 111 ? 7.513   -1.745  -2.637  1.00 15.40 ? 108  ARG A CA  1 
ATOM   833  C  C   . ARG A 1 111 ? 6.514   -0.661  -2.393  1.00 13.61 ? 108  ARG A C   1 
ATOM   834  O  O   . ARG A 1 111 ? 5.349   -0.791  -2.762  1.00 8.88  ? 108  ARG A O   1 
ATOM   835  C  CB  . ARG A 1 111 ? 7.845   -1.770  -4.133  1.00 16.90 ? 108  ARG A CB  1 
ATOM   836  C  CG  . ARG A 1 111 ? 9.175   -2.441  -4.411  1.00 20.61 ? 108  ARG A CG  1 
ATOM   837  C  CD  . ARG A 1 111 ? 8.941   -3.788  -4.945  1.00 22.22 ? 108  ARG A CD  1 
ATOM   838  N  NE  . ARG A 1 111 ? 8.948   -3.798  -6.410  1.00 20.30 ? 108  ARG A NE  1 
ATOM   839  C  CZ  . ARG A 1 111 ? 8.097   -4.472  -7.157  1.00 23.20 ? 108  ARG A CZ  1 
ATOM   840  N  NH1 . ARG A 1 111 ? 8.235   -4.441  -8.488  1.00 22.51 ? 108  ARG A NH1 1 
ATOM   841  N  NH2 . ARG A 1 111 ? 7.065   -5.114  -6.591  1.00 23.02 ? 108  ARG A NH2 1 
ATOM   842  N  N   . LEU A 1 112 ? 6.976   0.403   -1.751  1.00 14.07 ? 109  LEU A N   1 
ATOM   843  C  CA  . LEU A 1 112 ? 6.129   1.582   -1.474  1.00 13.97 ? 109  LEU A CA  1 
ATOM   844  C  C   . LEU A 1 112 ? 6.996   2.745   -1.901  1.00 13.64 ? 109  LEU A C   1 
ATOM   845  O  O   . LEU A 1 112 ? 7.019   3.763   -1.243  1.00 14.73 ? 109  LEU A O   1 
ATOM   846  C  CB  . LEU A 1 112 ? 5.788   1.684   0.027   1.00 16.29 ? 109  LEU A CB  1 
ATOM   847  C  CG  . LEU A 1 112 ? 4.802   0.618   0.564   1.00 18.62 ? 109  LEU A CG  1 
ATOM   848  C  CD1 . LEU A 1 112 ? 5.178   0.123   1.941   1.00 20.09 ? 109  LEU A CD1 1 
ATOM   849  C  CD2 . LEU A 1 112 ? 3.439   1.202   0.582   1.00 19.69 ? 109  LEU A CD2 1 
ATOM   850  N  N   . ARG A 1 113 ? 7.741   2.590   -2.989  1.00 13.33 ? 110  ARG A N   1 
ATOM   851  C  CA  . ARG A 1 113 ? 8.584   3.703   -3.422  1.00 15.00 ? 110  ARG A CA  1 
ATOM   852  C  C   . ARG A 1 113 ? 7.728   4.838   -3.968  1.00 13.30 ? 110  ARG A C   1 
ATOM   853  O  O   . ARG A 1 113 ? 6.804   4.619   -4.731  1.00 11.60 ? 110  ARG A O   1 
ATOM   854  C  CB  . ARG A 1 113 ? 9.620   3.283   -4.455  1.00 13.23 ? 110  ARG A CB  1 
ATOM   855  C  CG  . ARG A 1 113 ? 10.634  2.201   -3.969  1.00 15.02 ? 110  ARG A CG  1 
ATOM   856  C  CD  . ARG A 1 113 ? 11.519  1.787   -5.209  1.00 15.53 ? 110  ARG A CD  1 
ATOM   857  N  NE  . ARG A 1 113 ? 12.276  2.934   -5.702  1.00 15.66 ? 110  ARG A NE  1 
ATOM   858  C  CZ  . ARG A 1 113 ? 13.515  3.223   -5.298  1.00 20.07 ? 110  ARG A CZ  1 
ATOM   859  N  NH1 . ARG A 1 113 ? 14.141  2.432   -4.424  1.00 21.14 ? 110  ARG A NH1 1 
ATOM   860  N  NH2 . ARG A 1 113 ? 14.114  4.334   -5.692  1.00 21.55 ? 110  ARG A NH2 1 
ATOM   861  N  N   . GLU A 1 114 ? 8.049   6.053   -3.523  1.00 14.52 ? 111  GLU A N   1 
ATOM   862  C  CA  . GLU A 1 114 ? 7.333   7.264   -3.924  1.00 15.69 ? 111  GLU A CA  1 
ATOM   863  C  C   . GLU A 1 114 ? 5.837   7.127   -3.652  1.00 14.91 ? 111  GLU A C   1 
ATOM   864  O  O   . GLU A 1 114 ? 5.044   7.770   -4.294  1.00 14.26 ? 111  GLU A O   1 
ATOM   865  C  CB  . GLU A 1 114 ? 7.498   7.584   -5.418  1.00 17.37 ? 111  GLU A CB  1 
ATOM   866  C  CG  . GLU A 1 114 ? 8.863   7.487   -5.959  1.00 22.71 ? 111  GLU A CG  1 
ATOM   867  C  CD  . GLU A 1 114 ? 9.901   8.279   -5.196  1.00 25.61 ? 111  GLU A CD  1 
ATOM   868  O  OE1 . GLU A 1 114 ? 9.670   9.457   -4.841  1.00 26.62 ? 111  GLU A OE1 1 
ATOM   869  O  OE2 . GLU A 1 114 ? 10.991  7.704   -4.978  1.00 30.31 ? 111  GLU A OE2 1 
ATOM   870  N  N   . THR A 1 115 ? 5.464   6.286   -2.705  1.00 14.36 ? 112  THR A N   1 
ATOM   871  C  CA  . THR A 1 115 ? 4.076   6.120   -2.358  1.00 15.99 ? 112  THR A CA  1 
ATOM   872  C  C   . THR A 1 115 ? 3.707   7.238   -1.448  1.00 16.74 ? 112  THR A C   1 
ATOM   873  O  O   . THR A 1 115 ? 4.560   7.702   -0.693  1.00 20.02 ? 112  THR A O   1 
ATOM   874  C  CB  . THR A 1 115 ? 3.891   4.809   -1.602  1.00 17.53 ? 112  THR A CB  1 
ATOM   875  O  OG1 . THR A 1 115 ? 4.298   3.720   -2.459  1.00 17.20 ? 112  THR A OG1 1 
ATOM   876  C  CG2 . THR A 1 115 ? 2.422   4.611   -1.209  1.00 18.04 ? 112  THR A CG2 1 
ATOM   877  N  N   . SER A 1 116 ? 2.482   7.728   -1.532  1.00 14.93 ? 113  SER A N   1 
ATOM   878  C  CA  . SER A 1 116 ? 2.053   8.765   -0.610  1.00 16.12 ? 113  SER A CA  1 
ATOM   879  C  C   . SER A 1 116 ? 1.343   8.070   0.547   1.00 17.17 ? 113  SER A C   1 
ATOM   880  O  O   . SER A 1 116 ? 0.353   7.396   0.342   1.00 17.61 ? 113  SER A O   1 
ATOM   881  C  CB  . SER A 1 116 ? 1.076   9.737   -1.259  1.00 18.21 ? 113  SER A CB  1 
ATOM   882  O  OG  . SER A 1 116 ? 0.530   10.647  -0.315  1.00 19.31 ? 113  SER A OG  1 
ATOM   883  N  N   . LEU A 1 117 ? 1.879   8.252   1.755   1.00 17.98 ? 114  LEU A N   1 
ATOM   884  C  CA  . LEU A 1 117 ? 1.377   7.673   2.997   1.00 16.22 ? 114  LEU A CA  1 
ATOM   885  C  C   . LEU A 1 117 ? 0.883   8.797   3.937   1.00 16.49 ? 114  LEU A C   1 
ATOM   886  O  O   . LEU A 1 117 ? 0.812   8.655   5.155   1.00 17.63 ? 114  LEU A O   1 
ATOM   887  C  CB  . LEU A 1 117 ? 2.540   6.871   3.641   1.00 13.74 ? 114  LEU A CB  1 
ATOM   888  C  CG  . LEU A 1 117 ? 2.926   5.688   2.737   1.00 15.56 ? 114  LEU A CG  1 
ATOM   889  C  CD1 . LEU A 1 117 ? 4.131   4.963   3.323   1.00 15.79 ? 114  LEU A CD1 1 
ATOM   890  C  CD2 . LEU A 1 117 ? 1.708   4.705   2.569   1.00 13.44 ? 114  LEU A CD2 1 
ATOM   891  N  N   . VAL A 1 118 ? 0.538   9.935   3.366   1.00 18.48 ? 115  VAL A N   1 
ATOM   892  C  CA  . VAL A 1 118 ? 0.104   11.059  4.209   1.00 19.08 ? 115  VAL A CA  1 
ATOM   893  C  C   . VAL A 1 118 ? -1.159  10.795  4.999   1.00 17.91 ? 115  VAL A C   1 
ATOM   894  O  O   . VAL A 1 118 ? -2.227  10.564  4.453   1.00 18.49 ? 115  VAL A O   1 
ATOM   895  C  CB  . VAL A 1 118 ? -0.028  12.349  3.390   1.00 19.11 ? 115  VAL A CB  1 
ATOM   896  C  CG1 . VAL A 1 118 ? 1.323   12.692  2.765   1.00 14.18 ? 115  VAL A CG1 1 
ATOM   897  C  CG2 . VAL A 1 118 ? -1.042  12.159  2.343   1.00 20.38 ? 115  VAL A CG2 1 
ATOM   898  N  N   . ASP A 1 119 ? -0.985  10.842  6.311   1.00 17.73 ? 116  ASP A N   1 
ATOM   899  C  CA  . ASP A 1 119 ? -2.033  10.576  7.306   1.00 17.58 ? 116  ASP A CA  1 
ATOM   900  C  C   . ASP A 1 119 ? -2.591  9.172   7.155   1.00 17.74 ? 116  ASP A C   1 
ATOM   901  O  O   . ASP A 1 119 ? -3.745  8.961   7.391   1.00 17.37 ? 116  ASP A O   1 
ATOM   902  C  CB  . ASP A 1 119 ? -3.174  11.578  7.238   1.00 17.02 ? 116  ASP A CB  1 
ATOM   903  C  CG  . ASP A 1 119 ? -2.709  13.020  7.466   1.00 17.59 ? 116  ASP A CG  1 
ATOM   904  O  OD1 . ASP A 1 119 ? -1.859  13.257  8.358   1.00 18.82 ? 116  ASP A OD1 1 
ATOM   905  O  OD2 . ASP A 1 119 ? -3.204  13.923  6.771   1.00 15.87 ? 116  ASP A OD2 1 
ATOM   906  N  N   . THR A 1 120 ? -1.750  8.224   6.746   1.00 17.50 ? 117  THR A N   1 
ATOM   907  C  CA  . THR A 1 120 ? -2.182  6.852   6.591   1.00 16.56 ? 117  THR A CA  1 
ATOM   908  C  C   . THR A 1 120 ? -1.878  6.130   7.902   1.00 16.92 ? 117  THR A C   1 
ATOM   909  O  O   . THR A 1 120 ? -0.783  6.309   8.471   1.00 16.55 ? 117  THR A O   1 
ATOM   910  C  CB  . THR A 1 120 ? -1.390  6.169   5.500   1.00 17.43 ? 117  THR A CB  1 
ATOM   911  O  OG1 . THR A 1 120 ? -1.478  6.965   4.300   1.00 17.31 ? 117  THR A OG1 1 
ATOM   912  C  CG2 . THR A 1 120 ? -1.926  4.730   5.267   1.00 14.35 ? 117  THR A CG2 1 
ATOM   913  N  N   . ASP A 1 121 ? -2.833  5.334   8.366   1.00 14.35 ? 118  ASP A N   1 
ATOM   914  C  CA  . ASP A 1 121 ? -2.665  4.590   9.598   1.00 15.15 ? 118  ASP A CA  1 
ATOM   915  C  C   . ASP A 1 121 ? -2.081  3.192   9.288   1.00 14.88 ? 118  ASP A C   1 
ATOM   916  O  O   . ASP A 1 121 ? -2.795  2.289   8.800   1.00 11.66 ? 118  ASP A O   1 
ATOM   917  C  CB  . ASP A 1 121 ? -4.028  4.446   10.282  1.00 17.63 ? 118  ASP A CB  1 
ATOM   918  C  CG  . ASP A 1 121 ? -3.919  4.027   11.709  1.00 19.21 ? 118  ASP A CG  1 
ATOM   919  O  OD1 . ASP A 1 121 ? -2.845  3.501   12.099  1.00 16.73 ? 118  ASP A OD1 1 
ATOM   920  O  OD2 . ASP A 1 121 ? -4.937  4.230   12.428  1.00 21.93 ? 118  ASP A OD2 1 
ATOM   921  N  N   . LEU A 1 122 ? -0.786  3.032   9.550   1.00 12.47 ? 119  LEU A N   1 
ATOM   922  C  CA  . LEU A 1 122 ? -0.100  1.751   9.333   1.00 13.13 ? 119  LEU A CA  1 
ATOM   923  C  C   . LEU A 1 122 ? 0.282   1.135   10.656  1.00 12.62 ? 119  LEU A C   1 
ATOM   924  O  O   . LEU A 1 122 ? 1.269   0.385   10.727  1.00 13.00 ? 119  LEU A O   1 
ATOM   925  C  CB  . LEU A 1 122 ? 1.206   1.953   8.555   1.00 11.43 ? 119  LEU A CB  1 
ATOM   926  C  CG  . LEU A 1 122 ? 0.894   2.462   7.149   1.00 13.41 ? 119  LEU A CG  1 
ATOM   927  C  CD1 . LEU A 1 122 ? 1.439   3.946   7.001   1.00 11.45 ? 119  LEU A CD1 1 
ATOM   928  C  CD2 . LEU A 1 122 ? 1.457   1.452   6.139   1.00 13.67 ? 119  LEU A CD2 1 
ATOM   929  N  N   . ARG A 1 123 ? -0.454  1.468   11.706  1.00 11.78 ? 120  ARG A N   1 
ATOM   930  C  CA  . ARG A 1 123 ? -0.086  0.937   13.022  1.00 15.11 ? 120  ARG A CA  1 
ATOM   931  C  C   . ARG A 1 123 ? -0.033  -0.598  13.067  1.00 15.60 ? 120  ARG A C   1 
ATOM   932  O  O   . ARG A 1 123 ? -0.901  -1.298  12.527  1.00 16.68 ? 120  ARG A O   1 
ATOM   933  C  CB  . ARG A 1 123 ? -1.014  1.518   14.117  1.00 13.20 ? 120  ARG A CB  1 
ATOM   934  C  CG  . ARG A 1 123 ? -0.647  2.969   14.409  1.00 12.84 ? 120  ARG A CG  1 
ATOM   935  C  CD  . ARG A 1 123 ? -1.514  3.596   15.486  1.00 12.46 ? 120  ARG A CD  1 
ATOM   936  N  NE  . ARG A 1 123 ? -2.804  3.893   14.951  1.00 15.56 ? 120  ARG A NE  1 
ATOM   937  C  CZ  . ARG A 1 123 ? -3.899  4.090   15.663  1.00 17.69 ? 120  ARG A CZ  1 
ATOM   938  N  NH1 . ARG A 1 123 ? -3.875  4.030   16.966  1.00 19.02 ? 120  ARG A NH1 1 
ATOM   939  N  NH2 . ARG A 1 123 ? -5.032  4.303   15.053  1.00 19.39 ? 120  ARG A NH2 1 
ATOM   940  N  N   . LYS A 1 124 ? 1.020   -1.099  13.695  1.00 15.62 ? 121  LYS A N   1 
ATOM   941  C  CA  . LYS A 1 124 ? 1.209   -2.533  13.823  1.00 17.01 ? 121  LYS A CA  1 
ATOM   942  C  C   . LYS A 1 124 ? 1.405   -3.273  12.487  1.00 17.61 ? 121  LYS A C   1 
ATOM   943  O  O   . LYS A 1 124 ? 1.414   -4.503  12.462  1.00 16.96 ? 121  LYS A O   1 
ATOM   944  C  CB  . LYS A 1 124 ? 0.031   -3.144  14.573  1.00 15.53 ? 121  LYS A CB  1 
ATOM   945  C  CG  . LYS A 1 124 ? -0.019  -2.780  16.031  1.00 14.26 ? 121  LYS A CG  1 
ATOM   946  C  CD  . LYS A 1 124 ? -1.203  -3.445  16.755  1.00 14.21 ? 121  LYS A CD  1 
ATOM   947  C  CE  . LYS A 1 124 ? -1.012  -3.441  18.275  1.00 14.44 ? 121  LYS A CE  1 
ATOM   948  N  NZ  . LYS A 1 124 ? -2.292  -3.687  19.051  1.00 15.63 ? 121  LYS A NZ  1 
ATOM   949  N  N   . CYS A 1 125 ? 1.547   -2.522  11.399  1.00 16.88 ? 122  CYS A N   1 
ATOM   950  C  CA  . CYS A 1 125 ? 1.751   -3.117  10.100  1.00 17.60 ? 122  CYS A CA  1 
ATOM   951  C  C   . CYS A 1 125 ? 3.080   -3.847  10.076  1.00 17.91 ? 122  CYS A C   1 
ATOM   952  O  O   . CYS A 1 125 ? 4.015   -3.481  10.786  1.00 17.74 ? 122  CYS A O   1 
ATOM   953  C  CB  . CYS A 1 125 ? 1.748   -2.040  9.002   1.00 15.62 ? 122  CYS A CB  1 
ATOM   954  S  SG  . CYS A 1 125 ? 0.116   -1.506  8.454   1.00 17.27 ? 122  CYS A SG  1 
ATOM   955  N  N   . VAL A 1 126 ? 3.173   -4.903  9.270   1.00 17.87 ? 123  VAL A N   1 
ATOM   956  C  CA  . VAL A 1 126 ? 4.454   -5.577  9.170   1.00 16.27 ? 123  VAL A CA  1 
ATOM   957  C  C   . VAL A 1 126 ? 5.089   -5.046  7.867   1.00 16.76 ? 123  VAL A C   1 
ATOM   958  O  O   . VAL A 1 126 ? 4.574   -5.292  6.777   1.00 13.66 ? 123  VAL A O   1 
ATOM   959  C  CB  . VAL A 1 126 ? 4.294   -7.133  9.140   1.00 16.08 ? 123  VAL A CB  1 
ATOM   960  C  CG1 . VAL A 1 126 ? 5.622   -7.807  8.834   1.00 13.57 ? 123  VAL A CG1 1 
ATOM   961  C  CG2 . VAL A 1 126 ? 3.755   -7.621  10.504  1.00 17.55 ? 123  VAL A CG2 1 
ATOM   962  N  N   . LEU A 1 127 ? 6.188   -4.292  8.005   1.00 16.30 ? 124  LEU A N   1 
ATOM   963  C  CA  . LEU A 1 127 ? 6.902   -3.733  6.829   1.00 16.32 ? 124  LEU A CA  1 
ATOM   964  C  C   . LEU A 1 127 ? 8.317   -4.215  6.664   1.00 14.13 ? 124  LEU A C   1 
ATOM   965  O  O   . LEU A 1 127 ? 9.093   -3.548  6.046   1.00 16.37 ? 124  LEU A O   1 
ATOM   966  C  CB  . LEU A 1 127 ? 6.890   -2.201  6.887   1.00 15.21 ? 124  LEU A CB  1 
ATOM   967  C  CG  . LEU A 1 127 ? 5.427   -1.781  6.662   1.00 16.04 ? 124  LEU A CG  1 
ATOM   968  C  CD1 . LEU A 1 127 ? 5.106   -0.538  7.385   1.00 16.93 ? 124  LEU A CD1 1 
ATOM   969  C  CD2 . LEU A 1 127 ? 5.201   -1.636  5.123   1.00 17.75 ? 124  LEU A CD2 1 
ATOM   970  N  N   . ARG A 1 128 ? 8.638   -5.380  7.206   1.00 14.69 ? 125  ARG A N   1 
ATOM   971  C  CA  . ARG A 1 128 ? 9.989   -5.964  7.105   1.00 16.91 ? 125  ARG A CA  1 
ATOM   972  C  C   . ARG A 1 128 ? 10.401  -6.063  5.682   1.00 15.66 ? 125  ARG A C   1 
ATOM   973  O  O   . ARG A 1 128 ? 9.618   -6.504  4.837   1.00 17.70 ? 125  ARG A O   1 
ATOM   974  C  CB  . ARG A 1 128 ? 10.074  -7.378  7.742   1.00 19.68 ? 125  ARG A CB  1 
ATOM   975  C  CG  . ARG A 1 128 ? 9.821   -7.449  9.271   1.00 21.13 ? 125  ARG A CG  1 
ATOM   976  C  CD  . ARG A 1 128 ? 9.939   -8.911  9.847   1.00 25.93 ? 125  ARG A CD  1 
ATOM   977  N  NE  . ARG A 1 128 ? 11.342  -9.341  9.886   1.00 29.88 ? 125  ARG A NE  1 
ATOM   978  C  CZ  . ARG A 1 128 ? 12.139  -9.367  10.967  1.00 32.21 ? 125  ARG A CZ  1 
ATOM   979  N  NH1 . ARG A 1 128 ? 11.706  -8.991  12.179  1.00 30.31 ? 125  ARG A NH1 1 
ATOM   980  N  NH2 . ARG A 1 128 ? 13.402  -9.780  10.824  1.00 32.70 ? 125  ARG A NH2 1 
ATOM   981  N  N   . GLY A 1 129 ? 11.635  -5.643  5.416   1.00 16.03 ? 126  GLY A N   1 
ATOM   982  C  CA  . GLY A 1 129 ? 12.171  -5.670  4.065   1.00 15.14 ? 126  GLY A CA  1 
ATOM   983  C  C   . GLY A 1 129 ? 11.439  -4.807  3.037   1.00 16.07 ? 126  GLY A C   1 
ATOM   984  O  O   . GLY A 1 129 ? 11.763  -4.882  1.861   1.00 16.14 ? 126  GLY A O   1 
ATOM   985  N  N   . ALA A 1 130 ? 10.464  -3.996  3.464   1.00 15.83 ? 127  ALA A N   1 
ATOM   986  C  CA  . ALA A 1 130 ? 9.741   -3.137  2.525   1.00 14.56 ? 127  ALA A CA  1 
ATOM   987  C  C   . ALA A 1 130 ? 10.659  -2.013  2.006   1.00 14.11 ? 127  ALA A C   1 
ATOM   988  O  O   . ALA A 1 130 ? 11.673  -1.678  2.573   1.00 14.88 ? 127  ALA A O   1 
ATOM   989  C  CB  . ALA A 1 130 ? 8.409   -2.510  3.188   1.00 11.50 ? 127  ALA A CB  1 
ATOM   990  N  N   . ASP A 1 131 ? 10.298  -1.444  0.880   1.00 16.15 ? 128  ASP A N   1 
ATOM   991  C  CA  . ASP A 1 131 ? 11.101  -0.362  0.333   1.00 15.25 ? 128  ASP A CA  1 
ATOM   992  C  C   . ASP A 1 131 ? 10.242  0.927   0.354   1.00 13.58 ? 128  ASP A C   1 
ATOM   993  O  O   . ASP A 1 131 ? 9.262   1.038   -0.367  1.00 10.31 ? 128  ASP A O   1 
ATOM   994  C  CB  . ASP A 1 131 ? 11.573  -0.671  -1.095  1.00 12.76 ? 128  ASP A CB  1 
ATOM   995  C  CG  . ASP A 1 131 ? 12.473  0.403   -1.612  1.00 14.32 ? 128  ASP A CG  1 
ATOM   996  O  OD1 . ASP A 1 131 ? 12.731  1.331   -0.841  1.00 17.92 ? 128  ASP A OD1 1 
ATOM   997  O  OD2 . ASP A 1 131 ? 12.912  0.369   -2.761  1.00 17.53 ? 128  ASP A OD2 1 
ATOM   998  N  N   . LEU A 1 132 ? 10.606  1.864   1.218   1.00 10.73 ? 129  LEU A N   1 
ATOM   999  C  CA  . LEU A 1 132 ? 9.834   3.101   1.281   1.00 13.28 ? 129  LEU A CA  1 
ATOM   1000 C  C   . LEU A 1 132 ? 10.606  4.308   0.781   1.00 12.73 ? 129  LEU A C   1 
ATOM   1001 O  O   . LEU A 1 132 ? 10.305  5.409   1.195   1.00 14.23 ? 129  LEU A O   1 
ATOM   1002 C  CB  . LEU A 1 132 ? 9.246   3.380   2.701   1.00 13.10 ? 129  LEU A CB  1 
ATOM   1003 C  CG  . LEU A 1 132 ? 7.965   2.542   2.970   1.00 14.65 ? 129  LEU A CG  1 
ATOM   1004 C  CD1 . LEU A 1 132 ? 8.314   1.115   3.144   1.00 14.55 ? 129  LEU A CD1 1 
ATOM   1005 C  CD2 . LEU A 1 132 ? 7.245   2.975   4.178   1.00 16.27 ? 129  LEU A CD2 1 
ATOM   1006 N  N   . SER A 1 133 ? 11.599  4.079   -0.087  1.00 11.59 ? 130  SER A N   1 
ATOM   1007 C  CA  . SER A 1 133 ? 12.369  5.158   -0.682  1.00 12.24 ? 130  SER A CA  1 
ATOM   1008 C  C   . SER A 1 133 ? 11.439  6.200   -1.326  1.00 12.89 ? 130  SER A C   1 
ATOM   1009 O  O   . SER A 1 133 ? 10.562  5.853   -2.140  1.00 14.74 ? 130  SER A O   1 
ATOM   1010 C  CB  . SER A 1 133 ? 13.292  4.617   -1.760  1.00 12.97 ? 130  SER A CB  1 
ATOM   1011 O  OG  . SER A 1 133 ? 14.265  3.779   -1.201  1.00 17.48 ? 130  SER A OG  1 
ATOM   1012 N  N   . GLY A 1 134 ? 11.615  7.465   -0.933  1.00 11.44 ? 131  GLY A N   1 
ATOM   1013 C  CA  . GLY A 1 134 ? 10.791  8.523   -1.454  1.00 10.46 ? 131  GLY A CA  1 
ATOM   1014 C  C   . GLY A 1 134 ? 9.317   8.581   -0.977  1.00 11.75 ? 131  GLY A C   1 
ATOM   1015 O  O   . GLY A 1 134 ? 8.617   9.440   -1.415  1.00 9.22  ? 131  GLY A O   1 
ATOM   1016 N  N   . ALA A 1 135 ? 8.835   7.692   -0.112  1.00 12.17 ? 132  ALA A N   1 
ATOM   1017 C  CA  . ALA A 1 135 ? 7.431   7.795   0.345   1.00 15.05 ? 132  ALA A CA  1 
ATOM   1018 C  C   . ALA A 1 135 ? 7.231   9.101   1.084   1.00 15.54 ? 132  ALA A C   1 
ATOM   1019 O  O   . ALA A 1 135 ? 8.167   9.604   1.693   1.00 16.68 ? 132  ALA A O   1 
ATOM   1020 C  CB  . ALA A 1 135 ? 7.044   6.661   1.289   1.00 11.56 ? 132  ALA A CB  1 
ATOM   1021 N  N   . ARG A 1 136 ? 6.004   9.618   1.046   1.00 16.29 ? 133  ARG A N   1 
ATOM   1022 C  CA  . ARG A 1 136 ? 5.653   10.832  1.750   1.00 17.20 ? 133  ARG A CA  1 
ATOM   1023 C  C   . ARG A 1 136 ? 4.920   10.380  3.014   1.00 17.51 ? 133  ARG A C   1 
ATOM   1024 O  O   . ARG A 1 136 ? 3.802   9.815   2.944   1.00 16.24 ? 133  ARG A O   1 
ATOM   1025 C  CB  . ARG A 1 136 ? 4.808   11.722  0.841   1.00 21.50 ? 133  ARG A CB  1 
ATOM   1026 C  CG  . ARG A 1 136 ? 5.682   12.438  -0.194  1.00 26.67 ? 133  ARG A CG  1 
ATOM   1027 C  CD  . ARG A 1 136 ? 4.928   13.314  -1.183  1.00 33.63 ? 133  ARG A CD  1 
ATOM   1028 N  NE  . ARG A 1 136 ? 4.613   12.552  -2.386  1.00 40.21 ? 133  ARG A NE  1 
ATOM   1029 C  CZ  . ARG A 1 136 ? 4.477   13.054  -3.619  1.00 42.70 ? 133  ARG A CZ  1 
ATOM   1030 N  NH1 . ARG A 1 136 ? 4.634   14.357  -3.856  1.00 43.83 ? 133  ARG A NH1 1 
ATOM   1031 N  NH2 . ARG A 1 136 ? 4.151   12.237  -4.622  1.00 43.69 ? 133  ARG A NH2 1 
ATOM   1032 N  N   . THR A 1 137 ? 5.575   10.612  4.159   1.00 16.54 ? 134  THR A N   1 
ATOM   1033 C  CA  . THR A 1 137 ? 5.065   10.144  5.454   1.00 17.38 ? 134  THR A CA  1 
ATOM   1034 C  C   . THR A 1 137 ? 4.470   11.152  6.445   1.00 16.76 ? 134  THR A C   1 
ATOM   1035 O  O   . THR A 1 137 ? 4.172   10.847  7.596   1.00 14.69 ? 134  THR A O   1 
ATOM   1036 C  CB  . THR A 1 137 ? 6.150   9.299   6.143   1.00 15.57 ? 134  THR A CB  1 
ATOM   1037 O  OG1 . THR A 1 137 ? 7.368   10.020  6.191   1.00 19.65 ? 134  THR A OG1 1 
ATOM   1038 C  CG2 . THR A 1 137 ? 6.413   8.058   5.337   1.00 18.50 ? 134  THR A CG2 1 
ATOM   1039 N  N   . THR A 1 138 ? 4.300   12.378  5.993   1.00 17.25 ? 135  THR A N   1 
ATOM   1040 C  CA  . THR A 1 138 ? 3.677   13.398  6.842   1.00 18.63 ? 135  THR A CA  1 
ATOM   1041 C  C   . THR A 1 138 ? 2.344   12.846  7.469   1.00 17.32 ? 135  THR A C   1 
ATOM   1042 O  O   . THR A 1 138 ? 1.473   12.372  6.748   1.00 18.63 ? 135  THR A O   1 
ATOM   1043 C  CB  . THR A 1 138 ? 3.462   14.698  5.979   1.00 16.86 ? 135  THR A CB  1 
ATOM   1044 O  OG1 . THR A 1 138 ? 4.609   15.543  6.128   1.00 22.19 ? 135  THR A OG1 1 
ATOM   1045 C  CG2 . THR A 1 138 ? 2.292   15.441  6.381   1.00 20.62 ? 135  THR A CG2 1 
ATOM   1046 N  N   . GLY A 1 139 ? 2.206   12.916  8.804   1.00 18.32 ? 136  GLY A N   1 
ATOM   1047 C  CA  . GLY A 1 139 ? 1.023   12.410  9.518   1.00 15.84 ? 136  GLY A CA  1 
ATOM   1048 C  C   . GLY A 1 139 ? 0.846   10.891  9.520   1.00 17.23 ? 136  GLY A C   1 
ATOM   1049 O  O   . GLY A 1 139 ? -0.174  10.382  9.971   1.00 19.92 ? 136  GLY A O   1 
ATOM   1050 N  N   . ALA A 1 140 ? 1.826   10.167  8.998   1.00 15.45 ? 137  ALA A N   1 
ATOM   1051 C  CA  . ALA A 1 140 ? 1.773   8.716   8.918   1.00 17.00 ? 137  ALA A CA  1 
ATOM   1052 C  C   . ALA A 1 140 ? 1.907   8.193   10.297  1.00 16.39 ? 137  ALA A C   1 
ATOM   1053 O  O   . ALA A 1 140 ? 2.670   8.695   11.099  1.00 16.00 ? 137  ALA A O   1 
ATOM   1054 C  CB  . ALA A 1 140 ? 2.961   8.127   8.013   1.00 16.58 ? 137  ALA A CB  1 
ATOM   1055 N  N   . ARG A 1 141 ? 1.175   7.147   10.566  1.00 17.60 ? 138  ARG A N   1 
ATOM   1056 C  CA  . ARG A 1 141 ? 1.265   6.538   11.877  1.00 19.11 ? 138  ARG A CA  1 
ATOM   1057 C  C   . ARG A 1 141 ? 1.876   5.130   11.772  1.00 18.51 ? 138  ARG A C   1 
ATOM   1058 O  O   . ARG A 1 141 ? 1.236   4.216   11.275  1.00 16.79 ? 138  ARG A O   1 
ATOM   1059 C  CB  . ARG A 1 141 ? -0.119  6.430   12.480  1.00 20.12 ? 138  ARG A CB  1 
ATOM   1060 C  CG  . ARG A 1 141 ? -0.810  7.724   12.749  1.00 23.18 ? 138  ARG A CG  1 
ATOM   1061 C  CD  . ARG A 1 141 ? -2.276  7.328   12.934  1.00 27.42 ? 138  ARG A CD  1 
ATOM   1062 N  NE  . ARG A 1 141 ? -2.812  7.447   14.295  1.00 30.82 ? 138  ARG A NE  1 
ATOM   1063 C  CZ  . ARG A 1 141 ? -2.117  7.408   15.434  1.00 29.76 ? 138  ARG A CZ  1 
ATOM   1064 N  NH1 . ARG A 1 141 ? -0.792  7.261   15.444  1.00 27.81 ? 138  ARG A NH1 1 
ATOM   1065 N  NH2 . ARG A 1 141 ? -2.783  7.491   16.576  1.00 27.35 ? 138  ARG A NH2 1 
ATOM   1066 N  N   . LEU A 1 142 ? 3.108   4.982   12.232  1.00 18.28 ? 139  LEU A N   1 
ATOM   1067 C  CA  . LEU A 1 142 ? 3.786   3.703   12.207  1.00 19.22 ? 139  LEU A CA  1 
ATOM   1068 C  C   . LEU A 1 142 ? 4.032   3.065   13.628  1.00 18.02 ? 139  LEU A C   1 
ATOM   1069 O  O   . LEU A 1 142 ? 4.937   2.261   13.824  1.00 15.88 ? 139  LEU A O   1 
ATOM   1070 C  CB  . LEU A 1 142 ? 5.097   3.861   11.421  1.00 19.31 ? 139  LEU A CB  1 
ATOM   1071 C  CG  . LEU A 1 142 ? 5.024   3.840   9.891   1.00 19.62 ? 139  LEU A CG  1 
ATOM   1072 C  CD1 . LEU A 1 142 ? 6.343   4.324   9.337   1.00 19.06 ? 139  LEU A CD1 1 
ATOM   1073 C  CD2 . LEU A 1 142 ? 4.772   2.424   9.392   1.00 17.10 ? 139  LEU A CD2 1 
ATOM   1074 N  N   . ASP A 1 143 ? 3.183   3.425   14.591  1.00 18.66 ? 140  ASP A N   1 
ATOM   1075 C  CA  . ASP A 1 143 ? 3.300   2.900   15.955  1.00 19.35 ? 140  ASP A CA  1 
ATOM   1076 C  C   . ASP A 1 143 ? 3.179   1.402   15.992  1.00 17.83 ? 140  ASP A C   1 
ATOM   1077 O  O   . ASP A 1 143 ? 2.329   0.823   15.346  1.00 16.09 ? 140  ASP A O   1 
ATOM   1078 C  CB  . ASP A 1 143 ? 2.211   3.498   16.806  1.00 18.23 ? 140  ASP A CB  1 
ATOM   1079 C  CG  . ASP A 1 143 ? 2.176   4.961   16.687  1.00 21.02 ? 140  ASP A CG  1 
ATOM   1080 O  OD1 . ASP A 1 143 ? 2.852   5.566   17.537  1.00 21.61 ? 140  ASP A OD1 1 
ATOM   1081 O  OD2 . ASP A 1 143 ? 1.517   5.500   15.732  1.00 22.27 ? 140  ASP A OD2 1 
ATOM   1082 N  N   . ASP A 1 144 ? 4.059   0.783   16.751  1.00 19.08 ? 141  ASP A N   1 
ATOM   1083 C  CA  . ASP A 1 144 ? 4.034   -0.652  16.900  1.00 19.17 ? 141  ASP A CA  1 
ATOM   1084 C  C   . ASP A 1 144 ? 4.122   -1.393  15.581  1.00 20.73 ? 141  ASP A C   1 
ATOM   1085 O  O   . ASP A 1 144 ? 3.712   -2.534  15.513  1.00 22.41 ? 141  ASP A O   1 
ATOM   1086 C  CB  . ASP A 1 144 ? 2.760   -1.056  17.623  1.00 21.70 ? 141  ASP A CB  1 
ATOM   1087 C  CG  . ASP A 1 144 ? 2.683   -0.470  19.019  1.00 23.13 ? 141  ASP A CG  1 
ATOM   1088 O  OD1 . ASP A 1 144 ? 1.704   0.237   19.346  1.00 25.79 ? 141  ASP A OD1 1 
ATOM   1089 O  OD2 . ASP A 1 144 ? 3.630   -0.703  19.785  1.00 26.37 ? 141  ASP A OD2 1 
ATOM   1090 N  N   . ALA A 1 145 ? 4.682   -0.772  14.543  1.00 19.86 ? 142  ALA A N   1 
ATOM   1091 C  CA  . ALA A 1 145 ? 4.835   -1.420  13.232  1.00 17.90 ? 142  ALA A CA  1 
ATOM   1092 C  C   . ALA A 1 145 ? 6.204   -2.079  13.204  1.00 18.04 ? 142  ALA A C   1 
ATOM   1093 O  O   . ALA A 1 145 ? 7.095   -1.677  13.972  1.00 19.15 ? 142  ALA A O   1 
ATOM   1094 C  CB  . ALA A 1 145 ? 4.757   -0.370  12.100  1.00 14.63 ? 142  ALA A CB  1 
ATOM   1095 N  N   . ASP A 1 146 ? 6.394   -3.077  12.338  1.00 17.33 ? 143  ASP A N   1 
ATOM   1096 C  CA  . ASP A 1 146 ? 7.705   -3.715  12.235  1.00 17.65 ? 143  ASP A CA  1 
ATOM   1097 C  C   . ASP A 1 146 ? 8.502   -3.261  10.976  1.00 18.15 ? 143  ASP A C   1 
ATOM   1098 O  O   . ASP A 1 146 ? 8.199   -3.696  9.849   1.00 19.53 ? 143  ASP A O   1 
ATOM   1099 C  CB  . ASP A 1 146 ? 7.542   -5.249  12.239  1.00 19.11 ? 143  ASP A CB  1 
ATOM   1100 C  CG  . ASP A 1 146 ? 8.862   -5.955  12.321  1.00 20.04 ? 143  ASP A CG  1 
ATOM   1101 O  OD1 . ASP A 1 146 ? 9.878   -5.257  12.433  1.00 22.38 ? 143  ASP A OD1 1 
ATOM   1102 O  OD2 . ASP A 1 146 ? 8.911   -7.193  12.271  1.00 22.96 ? 143  ASP A OD2 1 
ATOM   1103 N  N   . LEU A 1 147 ? 9.539   -2.432  11.154  1.00 18.30 ? 144  LEU A N   1 
ATOM   1104 C  CA  . LEU A 1 147 ? 10.324  -1.913  10.016  1.00 16.80 ? 144  LEU A CA  1 
ATOM   1105 C  C   . LEU A 1 147 ? 11.649  -2.548  9.702   1.00 18.19 ? 144  LEU A C   1 
ATOM   1106 O  O   . LEU A 1 147 ? 12.321  -2.124  8.752   1.00 15.97 ? 144  LEU A O   1 
ATOM   1107 C  CB  . LEU A 1 147 ? 10.578  -0.398  10.202  1.00 15.35 ? 144  LEU A CB  1 
ATOM   1108 C  CG  . LEU A 1 147 ? 9.369   0.405   10.676  1.00 17.60 ? 144  LEU A CG  1 
ATOM   1109 C  CD1 . LEU A 1 147 ? 9.731   1.912   10.954  1.00 17.87 ? 144  LEU A CD1 1 
ATOM   1110 C  CD2 . LEU A 1 147 ? 8.275   0.261   9.660   1.00 17.61 ? 144  LEU A CD2 1 
ATOM   1111 N  N   . ARG A 1 148 ? 12.069  -3.535  10.496  1.00 18.92 ? 145  ARG A N   1 
ATOM   1112 C  CA  . ARG A 1 148 ? 13.387  -4.110  10.263  1.00 21.74 ? 145  ARG A CA  1 
ATOM   1113 C  C   . ARG A 1 148 ? 13.708  -4.467  8.809   1.00 21.00 ? 145  ARG A C   1 
ATOM   1114 O  O   . ARG A 1 148 ? 12.884  -5.066  8.121   1.00 20.80 ? 145  ARG A O   1 
ATOM   1115 C  CB  . ARG A 1 148 ? 13.579  -5.306  11.180  1.00 25.00 ? 145  ARG A CB  1 
ATOM   1116 C  CG  . ARG A 1 148 ? 13.811  -4.846  12.620  1.00 30.77 ? 145  ARG A CG  1 
ATOM   1117 C  CD  . ARG A 1 148 ? 13.703  -5.981  13.597  1.00 32.05 ? 145  ARG A CD  1 
ATOM   1118 N  NE  . ARG A 1 148 ? 12.316  -6.396  13.801  1.00 36.04 ? 145  ARG A NE  1 
ATOM   1119 C  CZ  . ARG A 1 148 ? 11.997  -7.513  14.446  1.00 37.42 ? 145  ARG A CZ  1 
ATOM   1120 N  NH1 . ARG A 1 148 ? 12.975  -8.279  14.917  1.00 40.30 ? 145  ARG A NH1 1 
ATOM   1121 N  NH2 . ARG A 1 148 ? 10.737  -7.882  14.607  1.00 36.76 ? 145  ARG A NH2 1 
ATOM   1122 N  N   . GLY A 1 149 ? 14.881  -4.017  8.347   1.00 18.97 ? 146  GLY A N   1 
ATOM   1123 C  CA  . GLY A 1 149 ? 15.329  -4.286  6.989   1.00 17.48 ? 146  GLY A CA  1 
ATOM   1124 C  C   . GLY A 1 149 ? 14.651  -3.523  5.867   1.00 19.03 ? 146  GLY A C   1 
ATOM   1125 O  O   . GLY A 1 149 ? 15.037  -3.678  4.695   1.00 18.54 ? 146  GLY A O   1 
ATOM   1126 N  N   . ALA A 1 150 ? 13.586  -2.790  6.219   1.00 17.33 ? 147  ALA A N   1 
ATOM   1127 C  CA  . ALA A 1 150 ? 12.850  -1.913  5.300   1.00 16.43 ? 147  ALA A CA  1 
ATOM   1128 C  C   . ALA A 1 150 ? 13.847  -0.790  4.938   1.00 17.79 ? 147  ALA A C   1 
ATOM   1129 O  O   . ALA A 1 150 ? 14.689  -0.390  5.758   1.00 17.70 ? 147  ALA A O   1 
ATOM   1130 C  CB  . ALA A 1 150 ? 11.586  -1.264  6.016   1.00 11.05 ? 147  ALA A CB  1 
ATOM   1131 N  N   . THR A 1 151 ? 13.755  -0.293  3.704   1.00 17.39 ? 148  THR A N   1 
ATOM   1132 C  CA  . THR A 1 151 ? 14.631  0.768   3.269   1.00 17.23 ? 148  THR A CA  1 
ATOM   1133 C  C   . THR A 1 151 ? 13.810  2.022   3.447   1.00 18.11 ? 148  THR A C   1 
ATOM   1134 O  O   . THR A 1 151 ? 12.752  2.140   2.827   1.00 18.57 ? 148  THR A O   1 
ATOM   1135 C  CB  . THR A 1 151 ? 15.013  0.522   1.843   1.00 16.46 ? 148  THR A CB  1 
ATOM   1136 O  OG1 . THR A 1 151 ? 16.075  -0.439  1.862   1.00 16.90 ? 148  THR A OG1 1 
ATOM   1137 C  CG2 . THR A 1 151 ? 15.463  1.799   1.100   1.00 16.68 ? 148  THR A CG2 1 
ATOM   1138 N  N   . VAL A 1 152 ? 14.261  2.939   4.318   1.00 17.13 ? 149  VAL A N   1 
ATOM   1139 C  CA  . VAL A 1 152 ? 13.482  4.163   4.566   1.00 16.66 ? 149  VAL A CA  1 
ATOM   1140 C  C   . VAL A 1 152 ? 14.327  5.410   4.532   1.00 15.86 ? 149  VAL A C   1 
ATOM   1141 O  O   . VAL A 1 152 ? 15.514  5.393   4.877   1.00 16.58 ? 149  VAL A O   1 
ATOM   1142 C  CB  . VAL A 1 152 ? 12.686  4.085   5.928   1.00 17.51 ? 149  VAL A CB  1 
ATOM   1143 C  CG1 . VAL A 1 152 ? 12.582  2.624   6.371   1.00 17.12 ? 149  VAL A CG1 1 
ATOM   1144 C  CG2 . VAL A 1 152 ? 13.363  4.918   7.022   1.00 16.39 ? 149  VAL A CG2 1 
ATOM   1145 N  N   . ASP A 1 153 ? 13.730  6.506   4.102   1.00 15.81 ? 150  ASP A N   1 
ATOM   1146 C  CA  . ASP A 1 153 ? 14.497  7.766   4.031   1.00 15.65 ? 150  ASP A CA  1 
ATOM   1147 C  C   . ASP A 1 153 ? 14.647  8.439   5.393   1.00 15.14 ? 150  ASP A C   1 
ATOM   1148 O  O   . ASP A 1 153 ? 13.806  8.255   6.303   1.00 14.75 ? 150  ASP A O   1 
ATOM   1149 C  CB  . ASP A 1 153 ? 13.815  8.771   3.089   1.00 15.71 ? 150  ASP A CB  1 
ATOM   1150 C  CG  . ASP A 1 153 ? 13.707  8.272   1.624   1.00 17.77 ? 150  ASP A CG  1 
ATOM   1151 O  OD1 . ASP A 1 153 ? 14.517  7.481   1.113   1.00 17.11 ? 150  ASP A OD1 1 
ATOM   1152 O  OD2 . ASP A 1 153 ? 12.781  8.720   0.960   1.00 22.02 ? 150  ASP A OD2 1 
ATOM   1153 N  N   . PRO A 1 154 ? 15.711  9.235   5.570   1.00 14.02 ? 151  PRO A N   1 
ATOM   1154 C  CA  . PRO A 1 154 ? 15.794  9.873   6.898   1.00 14.96 ? 151  PRO A CA  1 
ATOM   1155 C  C   . PRO A 1 154 ? 14.537  10.721  7.243   1.00 14.79 ? 151  PRO A C   1 
ATOM   1156 O  O   . PRO A 1 154 ? 14.194  10.841  8.400   1.00 14.50 ? 151  PRO A O   1 
ATOM   1157 C  CB  . PRO A 1 154 ? 17.053  10.750  6.805   1.00 13.95 ? 151  PRO A CB  1 
ATOM   1158 C  CG  . PRO A 1 154 ? 17.954  9.992   5.739   1.00 14.12 ? 151  PRO A CG  1 
ATOM   1159 C  CD  . PRO A 1 154 ? 16.851  9.611   4.708   1.00 15.71 ? 151  PRO A CD  1 
ATOM   1160 N  N   . VAL A 1 155 ? 13.821  11.256  6.246   1.00 14.65 ? 152  VAL A N   1 
ATOM   1161 C  CA  . VAL A 1 155 ? 12.690  12.108  6.587   1.00 16.24 ? 152  VAL A CA  1 
ATOM   1162 C  C   . VAL A 1 155 ? 11.569  11.384  7.313   1.00 16.32 ? 152  VAL A C   1 
ATOM   1163 O  O   . VAL A 1 155 ? 10.762  12.016  8.019   1.00 16.36 ? 152  VAL A O   1 
ATOM   1164 C  CB  . VAL A 1 155 ? 12.078  12.808  5.371   1.00 16.63 ? 152  VAL A CB  1 
ATOM   1165 C  CG1 . VAL A 1 155 ? 11.540  11.791  4.382   1.00 17.25 ? 152  VAL A CG1 1 
ATOM   1166 C  CG2 . VAL A 1 155 ? 10.953  13.723  5.834   1.00 17.64 ? 152  VAL A CG2 1 
ATOM   1167 N  N   . LEU A 1 156 ? 11.516  10.064  7.123   1.00 14.63 ? 153  LEU A N   1 
ATOM   1168 C  CA  . LEU A 1 156 ? 10.470  9.304   7.767   1.00 12.64 ? 153  LEU A CA  1 
ATOM   1169 C  C   . LEU A 1 156 ? 10.625  9.408   9.320   1.00 12.76 ? 153  LEU A C   1 
ATOM   1170 O  O   . LEU A 1 156 ? 9.642   9.586   10.055  1.00 11.10 ? 153  LEU A O   1 
ATOM   1171 C  CB  . LEU A 1 156 ? 10.527  7.843   7.298   1.00 9.97  ? 153  LEU A CB  1 
ATOM   1172 C  CG  . LEU A 1 156 ? 9.314   6.968   7.749   1.00 9.65  ? 153  LEU A CG  1 
ATOM   1173 C  CD1 . LEU A 1 156 ? 8.992   5.875   6.715   1.00 7.11  ? 153  LEU A CD1 1 
ATOM   1174 C  CD2 . LEU A 1 156 ? 9.646   6.323   9.124   1.00 9.28  ? 153  LEU A CD2 1 
ATOM   1175 N  N   . TRP A 1 157 ? 11.878  9.364   9.773   1.00 14.49 ? 154  TRP A N   1 
ATOM   1176 C  CA  . TRP A 1 157 ? 12.215  9.407   11.201  1.00 16.30 ? 154  TRP A CA  1 
ATOM   1177 C  C   . TRP A 1 157 ? 11.719  10.663  11.915  1.00 17.03 ? 154  TRP A C   1 
ATOM   1178 O  O   . TRP A 1 157 ? 11.623  10.663  13.140  1.00 19.01 ? 154  TRP A O   1 
ATOM   1179 C  CB  . TRP A 1 157 ? 13.733  9.180   11.382  1.00 14.31 ? 154  TRP A CB  1 
ATOM   1180 C  CG  . TRP A 1 157 ? 14.264  7.872   10.708  1.00 12.86 ? 154  TRP A CG  1 
ATOM   1181 C  CD1 . TRP A 1 157 ? 15.257  7.777   9.774   1.00 16.05 ? 154  TRP A CD1 1 
ATOM   1182 C  CD2 . TRP A 1 157 ? 13.807  6.538   10.925  1.00 11.62 ? 154  TRP A CD2 1 
ATOM   1183 N  NE1 . TRP A 1 157 ? 15.447  6.447   9.381   1.00 15.28 ? 154  TRP A NE1 1 
ATOM   1184 C  CE2 . TRP A 1 157 ? 14.564  5.675   10.076  1.00 12.32 ? 154  TRP A CE2 1 
ATOM   1185 C  CE3 . TRP A 1 157 ? 12.819  5.976   11.751  1.00 12.47 ? 154  TRP A CE3 1 
ATOM   1186 C  CZ2 . TRP A 1 157 ? 14.363  4.302   10.032  1.00 12.09 ? 154  TRP A CZ2 1 
ATOM   1187 C  CZ3 . TRP A 1 157 ? 12.608  4.597   11.692  1.00 9.58  ? 154  TRP A CZ3 1 
ATOM   1188 C  CH2 . TRP A 1 157 ? 13.386  3.777   10.839  1.00 12.11 ? 154  TRP A CH2 1 
ATOM   1189 N  N   . ARG A 1 158 ? 11.426  11.743  11.183  1.00 17.50 ? 155  ARG A N   1 
ATOM   1190 C  CA  . ARG A 1 158 ? 10.881  12.928  11.843  1.00 18.99 ? 155  ARG A CA  1 
ATOM   1191 C  C   . ARG A 1 158 ? 9.468   13.284  11.383  1.00 18.08 ? 155  ARG A C   1 
ATOM   1192 O  O   . ARG A 1 158 ? 8.991   14.397  11.652  1.00 17.04 ? 155  ARG A O   1 
ATOM   1193 C  CB  . ARG A 1 158 ? 11.764  14.166  11.681  1.00 20.79 ? 155  ARG A CB  1 
ATOM   1194 C  CG  . ARG A 1 158 ? 13.084  13.942  11.016  1.00 28.09 ? 155  ARG A CG  1 
ATOM   1195 C  CD  . ARG A 1 158 ? 13.919  15.218  10.915  1.00 27.73 ? 155  ARG A CD  1 
ATOM   1196 N  NE  . ARG A 1 158 ? 13.769  15.834  9.600   1.00 33.75 ? 155  ARG A NE  1 
ATOM   1197 C  CZ  . ARG A 1 158 ? 14.528  15.557  8.539   1.00 36.50 ? 155  ARG A CZ  1 
ATOM   1198 N  NH1 . ARG A 1 158 ? 15.530  14.657  8.658   1.00 37.70 ? 155  ARG A NH1 1 
ATOM   1199 N  NH2 . ARG A 1 158 ? 14.266  16.143  7.357   1.00 34.51 ? 155  ARG A NH2 1 
ATOM   1200 N  N   . THR A 1 159 ? 8.785   12.354  10.711  1.00 16.55 ? 156  THR A N   1 
ATOM   1201 C  CA  . THR A 1 159 ? 7.447   12.640  10.242  1.00 16.92 ? 156  THR A CA  1 
ATOM   1202 C  C   . THR A 1 159 ? 6.393   11.665  10.753  1.00 17.00 ? 156  THR A C   1 
ATOM   1203 O  O   . THR A 1 159 ? 5.307   12.066  11.163  1.00 16.12 ? 156  THR A O   1 
ATOM   1204 C  CB  . THR A 1 159 ? 7.409   12.726  8.694   1.00 15.15 ? 156  THR A CB  1 
ATOM   1205 O  OG1 . THR A 1 159 ? 8.137   11.630  8.120   1.00 15.00 ? 156  THR A OG1 1 
ATOM   1206 C  CG2 . THR A 1 159 ? 8.094   13.997  8.238   1.00 19.79 ? 156  THR A CG2 1 
ATOM   1207 N  N   . ALA A 1 160 ? 6.716   10.373  10.762  1.00 17.93 ? 157  ALA A N   1 
ATOM   1208 C  CA  . ALA A 1 160 ? 5.742   9.405   11.234  1.00 17.10 ? 157  ALA A CA  1 
ATOM   1209 C  C   . ALA A 1 160 ? 5.810   9.177   12.750  1.00 16.82 ? 157  ALA A C   1 
ATOM   1210 O  O   . ALA A 1 160 ? 6.869   9.284   13.333  1.00 16.66 ? 157  ALA A O   1 
ATOM   1211 C  CB  . ALA A 1 160 ? 5.952   8.087   10.525  1.00 17.21 ? 157  ALA A CB  1 
ATOM   1212 N  N   . SER A 1 161 ? 4.691   8.851   13.387  1.00 15.78 ? 158  SER A N   1 
ATOM   1213 C  CA  . SER A 1 161 ? 4.774   8.519   14.798  1.00 18.47 ? 158  SER A CA  1 
ATOM   1214 C  C   . SER A 1 161 ? 5.303   7.073   14.868  1.00 18.66 ? 158  SER A C   1 
ATOM   1215 O  O   . SER A 1 161 ? 4.827   6.171   14.150  1.00 20.51 ? 158  SER A O   1 
ATOM   1216 C  CB  . SER A 1 161 ? 3.420   8.645   15.500  1.00 18.78 ? 158  SER A CB  1 
ATOM   1217 O  OG  . SER A 1 161 ? 2.385   8.167   14.688  1.00 21.06 ? 158  SER A OG  1 
ATOM   1218 N  N   . LEU A 1 162 ? 6.271   6.857   15.747  1.00 18.68 ? 159  LEU A N   1 
ATOM   1219 C  CA  . LEU A 1 162 ? 6.917   5.566   15.863  1.00 19.95 ? 159  LEU A CA  1 
ATOM   1220 C  C   . LEU A 1 162 ? 6.937   4.865   17.233  1.00 19.21 ? 159  LEU A C   1 
ATOM   1221 O  O   . LEU A 1 162 ? 7.802   4.037   17.447  1.00 19.05 ? 159  LEU A O   1 
ATOM   1222 C  CB  . LEU A 1 162 ? 8.353   5.719   15.371  1.00 18.47 ? 159  LEU A CB  1 
ATOM   1223 C  CG  . LEU A 1 162 ? 8.450   6.244   13.942  1.00 21.01 ? 159  LEU A CG  1 
ATOM   1224 C  CD1 . LEU A 1 162 ? 9.819   6.820   13.690  1.00 19.90 ? 159  LEU A CD1 1 
ATOM   1225 C  CD2 . LEU A 1 162 ? 8.155   5.112   12.976  1.00 21.60 ? 159  LEU A CD2 1 
ATOM   1226 N  N   . VAL A 1 163 ? 5.996   5.157   18.126  1.00 18.63 ? 160  VAL A N   1 
ATOM   1227 C  CA  . VAL A 1 163 ? 6.036   4.535   19.438  1.00 19.15 ? 160  VAL A CA  1 
ATOM   1228 C  C   . VAL A 1 163 ? 6.042   3.029   19.379  1.00 18.21 ? 160  VAL A C   1 
ATOM   1229 O  O   . VAL A 1 163 ? 5.095   2.411   18.929  1.00 18.28 ? 160  VAL A O   1 
ATOM   1230 C  CB  . VAL A 1 163 ? 4.860   4.960   20.337  1.00 21.51 ? 160  VAL A CB  1 
ATOM   1231 C  CG1 . VAL A 1 163 ? 5.087   4.401   21.798  1.00 22.22 ? 160  VAL A CG1 1 
ATOM   1232 C  CG2 . VAL A 1 163 ? 4.767   6.472   20.412  1.00 22.84 ? 160  VAL A CG2 1 
ATOM   1233 N  N   . GLY A 1 164 ? 7.113   2.426   19.856  1.00 17.44 ? 161  GLY A N   1 
ATOM   1234 C  CA  . GLY A 1 164 ? 7.148   0.983   19.843  1.00 18.68 ? 161  GLY A CA  1 
ATOM   1235 C  C   . GLY A 1 164 ? 7.490   0.361   18.502  1.00 19.46 ? 161  GLY A C   1 
ATOM   1236 O  O   . GLY A 1 164 ? 7.612   -0.847  18.437  1.00 19.49 ? 161  GLY A O   1 
ATOM   1237 N  N   . ALA A 1 165 ? 7.647   1.147   17.442  1.00 18.91 ? 162  ALA A N   1 
ATOM   1238 C  CA  . ALA A 1 165 ? 8.011   0.562   16.149  1.00 21.39 ? 162  ALA A CA  1 
ATOM   1239 C  C   . ALA A 1 165 ? 9.267   -0.304  16.314  1.00 21.53 ? 162  ALA A C   1 
ATOM   1240 O  O   . ALA A 1 165 ? 10.109  0.013   17.104  1.00 22.30 ? 162  ALA A O   1 
ATOM   1241 C  CB  . ALA A 1 165 ? 8.293   1.649   15.172  1.00 22.69 ? 162  ALA A CB  1 
ATOM   1242 N  N   . ARG A 1 166 ? 9.381   -1.407  15.589  1.00 22.78 ? 163  ARG A N   1 
ATOM   1243 C  CA  . ARG A 1 166 ? 10.553  -2.304  15.688  1.00 22.55 ? 163  ARG A CA  1 
ATOM   1244 C  C   . ARG A 1 166 ? 11.524  -1.977  14.588  1.00 20.75 ? 163  ARG A C   1 
ATOM   1245 O  O   . ARG A 1 166 ? 11.129  -1.982  13.413  1.00 20.40 ? 163  ARG A O   1 
ATOM   1246 C  CB  . ARG A 1 166 ? 10.135  -3.746  15.477  1.00 26.36 ? 163  ARG A CB  1 
ATOM   1247 C  CG  . ARG A 1 166 ? 8.872   -4.121  16.202  1.00 32.44 ? 163  ARG A CG  1 
ATOM   1248 C  CD  . ARG A 1 166 ? 9.196   -4.856  17.469  1.00 38.44 ? 163  ARG A CD  1 
ATOM   1249 N  NE  . ARG A 1 166 ? 9.667   -6.227  17.230  1.00 41.42 ? 163  ARG A NE  1 
ATOM   1250 C  CZ  . ARG A 1 166 ? 8.915   -7.217  16.739  1.00 44.47 ? 163  ARG A CZ  1 
ATOM   1251 N  NH1 . ARG A 1 166 ? 7.635   -6.998  16.407  1.00 44.73 ? 163  ARG A NH1 1 
ATOM   1252 N  NH2 . ARG A 1 166 ? 9.426   -8.448  16.628  1.00 43.89 ? 163  ARG A NH2 1 
ATOM   1253 N  N   . VAL A 1 167 ? 12.784  -1.752  14.934  1.00 18.24 ? 164  VAL A N   1 
ATOM   1254 C  CA  . VAL A 1 167 ? 13.799  -1.399  13.944  1.00 18.41 ? 164  VAL A CA  1 
ATOM   1255 C  C   . VAL A 1 167 ? 15.123  -2.129  14.086  1.00 18.90 ? 164  VAL A C   1 
ATOM   1256 O  O   . VAL A 1 167 ? 15.365  -2.767  15.085  1.00 18.19 ? 164  VAL A O   1 
ATOM   1257 C  CB  . VAL A 1 167 ? 14.084  0.165   13.948  1.00 18.57 ? 164  VAL A CB  1 
ATOM   1258 C  CG1 . VAL A 1 167 ? 12.813  0.888   13.784  1.00 16.08 ? 164  VAL A CG1 1 
ATOM   1259 C  CG2 . VAL A 1 167 ? 14.729  0.660   15.300  1.00 19.45 ? 164  VAL A CG2 1 
ATOM   1260 N  N   . ASP A 1 168 ? 15.983  -2.052  13.068  1.00 19.82 ? 165  ASP A N   1 
ATOM   1261 C  CA  . ASP A 1 168 ? 17.287  -2.662  13.196  1.00 19.48 ? 165  ASP A CA  1 
ATOM   1262 C  C   . ASP A 1 168 ? 18.231  -1.535  13.617  1.00 19.51 ? 165  ASP A C   1 
ATOM   1263 O  O   . ASP A 1 168 ? 17.795  -0.389  13.746  1.00 18.23 ? 165  ASP A O   1 
ATOM   1264 C  CB  . ASP A 1 168 ? 17.745  -3.296  11.890  1.00 21.01 ? 165  ASP A CB  1 
ATOM   1265 C  CG  . ASP A 1 168 ? 17.501  -2.417  10.684  1.00 23.83 ? 165  ASP A CG  1 
ATOM   1266 O  OD1 . ASP A 1 168 ? 17.835  -1.196  10.729  1.00 27.08 ? 165  ASP A OD1 1 
ATOM   1267 O  OD2 . ASP A 1 168 ? 16.999  -2.972  9.668   1.00 23.05 ? 165  ASP A OD2 1 
ATOM   1268 N  N   . VAL A 1 169 ? 19.510  -1.865  13.818  1.00 19.03 ? 166  VAL A N   1 
ATOM   1269 C  CA  . VAL A 1 169 ? 20.556  -0.918  14.256  1.00 20.22 ? 166  VAL A CA  1 
ATOM   1270 C  C   . VAL A 1 169 ? 20.734  0.303   13.344  1.00 22.12 ? 166  VAL A C   1 
ATOM   1271 O  O   . VAL A 1 169 ? 20.944  1.444   13.816  1.00 23.76 ? 166  VAL A O   1 
ATOM   1272 C  CB  . VAL A 1 169 ? 21.889  -1.669  14.367  1.00 21.29 ? 166  VAL A CB  1 
ATOM   1273 C  CG1 . VAL A 1 169 ? 23.092  -0.698  14.502  1.00 18.55 ? 166  VAL A CG1 1 
ATOM   1274 C  CG2 . VAL A 1 169 ? 21.779  -2.639  15.520  1.00 20.87 ? 166  VAL A CG2 1 
ATOM   1275 N  N   . ASP A 1 170 ? 20.657  0.054   12.041  1.00 23.09 ? 167  ASP A N   1 
ATOM   1276 C  CA  . ASP A 1 170 ? 20.804  1.103   11.042  1.00 22.18 ? 167  ASP A CA  1 
ATOM   1277 C  C   . ASP A 1 170 ? 19.751  2.175   11.139  1.00 20.96 ? 167  ASP A C   1 
ATOM   1278 O  O   . ASP A 1 170 ? 20.033  3.368   11.031  1.00 19.18 ? 167  ASP A O   1 
ATOM   1279 C  CB  . ASP A 1 170 ? 20.663  0.518   9.660   1.00 26.75 ? 167  ASP A CB  1 
ATOM   1280 C  CG  . ASP A 1 170 ? 21.927  -0.018  9.138   1.00 30.15 ? 167  ASP A CG  1 
ATOM   1281 O  OD1 . ASP A 1 170 ? 23.031  0.411   9.642   1.00 31.78 ? 167  ASP A OD1 1 
ATOM   1282 O  OD2 . ASP A 1 170 ? 21.774  -0.854  8.208   1.00 31.49 ? 167  ASP A OD2 1 
ATOM   1283 N  N   . GLN A 1 171 ? 18.514  1.723   11.284  1.00 19.63 ? 168  GLN A N   1 
ATOM   1284 C  CA  . GLN A 1 171 ? 17.403  2.647   11.368  1.00 19.95 ? 168  GLN A CA  1 
ATOM   1285 C  C   . GLN A 1 171 ? 17.493  3.508   12.661  1.00 18.05 ? 168  GLN A C   1 
ATOM   1286 O  O   . GLN A 1 171 ? 17.304  4.722   12.628  1.00 18.97 ? 168  GLN A O   1 
ATOM   1287 C  CB  . GLN A 1 171 ? 16.123  1.825   11.253  1.00 20.51 ? 168  GLN A CB  1 
ATOM   1288 C  CG  . GLN A 1 171 ? 16.138  0.913   9.980   1.00 19.80 ? 168  GLN A CG  1 
ATOM   1289 C  CD  . GLN A 1 171 ? 14.864  0.142   9.819   1.00 19.03 ? 168  GLN A CD  1 
ATOM   1290 O  OE1 . GLN A 1 171 ? 14.455  -0.569  10.721  1.00 20.40 ? 168  GLN A OE1 1 
ATOM   1291 N  NE2 . GLN A 1 171 ? 14.204  0.302   8.687   1.00 20.36 ? 168  GLN A NE2 1 
ATOM   1292 N  N   . ALA A 1 172 ? 17.812  2.859   13.778  1.00 16.59 ? 169  ALA A N   1 
ATOM   1293 C  CA  . ALA A 1 172 ? 18.006  3.498   15.075  1.00 15.50 ? 169  ALA A CA  1 
ATOM   1294 C  C   . ALA A 1 172 ? 19.039  4.610   14.884  1.00 15.98 ? 169  ALA A C   1 
ATOM   1295 O  O   . ALA A 1 172 ? 18.802  5.760   15.293  1.00 14.00 ? 169  ALA A O   1 
ATOM   1296 C  CB  . ALA A 1 172 ? 18.520  2.492   16.086  1.00 14.68 ? 169  ALA A CB  1 
ATOM   1297 N  N   . VAL A 1 173 ? 20.163  4.267   14.242  1.00 15.95 ? 170  VAL A N   1 
ATOM   1298 C  CA  . VAL A 1 173 ? 21.216  5.256   13.972  1.00 17.50 ? 170  VAL A CA  1 
ATOM   1299 C  C   . VAL A 1 173 ? 20.662  6.418   13.117  1.00 17.98 ? 170  VAL A C   1 
ATOM   1300 O  O   . VAL A 1 173 ? 20.855  7.615   13.458  1.00 16.98 ? 170  VAL A O   1 
ATOM   1301 C  CB  . VAL A 1 173 ? 22.455  4.614   13.247  1.00 18.82 ? 170  VAL A CB  1 
ATOM   1302 C  CG1 . VAL A 1 173 ? 23.326  5.703   12.512  1.00 15.25 ? 170  VAL A CG1 1 
ATOM   1303 C  CG2 . VAL A 1 173 ? 23.329  3.836   14.272  1.00 18.89 ? 170  VAL A CG2 1 
ATOM   1304 N  N   . ALA A 1 174 ? 19.962  6.072   12.032  1.00 17.52 ? 171  ALA A N   1 
ATOM   1305 C  CA  . ALA A 1 174 ? 19.388  7.111   11.151  1.00 18.62 ? 171  ALA A CA  1 
ATOM   1306 C  C   . ALA A 1 174 ? 18.333  7.966   11.906  1.00 18.45 ? 171  ALA A C   1 
ATOM   1307 O  O   . ALA A 1 174 ? 18.177  9.142   11.606  1.00 19.73 ? 171  ALA A O   1 
ATOM   1308 C  CB  . ALA A 1 174 ? 18.766  6.467   9.894   1.00 20.01 ? 171  ALA A CB  1 
ATOM   1309 N  N   . PHE A 1 175 ? 17.610  7.364   12.860  1.00 17.19 ? 172  PHE A N   1 
ATOM   1310 C  CA  . PHE A 1 175 ? 16.622  8.067   13.682  1.00 16.74 ? 172  PHE A CA  1 
ATOM   1311 C  C   . PHE A 1 175 ? 17.396  9.123   14.474  1.00 16.72 ? 172  PHE A C   1 
ATOM   1312 O  O   . PHE A 1 175 ? 17.029  10.322  14.530  1.00 16.54 ? 172  PHE A O   1 
ATOM   1313 C  CB  . PHE A 1 175 ? 15.965  7.066   14.696  1.00 17.33 ? 172  PHE A CB  1 
ATOM   1314 C  CG  . PHE A 1 175 ? 14.966  7.690   15.633  1.00 15.99 ? 172  PHE A CG  1 
ATOM   1315 C  CD1 . PHE A 1 175 ? 13.577  7.702   15.317  1.00 14.74 ? 172  PHE A CD1 1 
ATOM   1316 C  CD2 . PHE A 1 175 ? 15.396  8.313   16.805  1.00 15.01 ? 172  PHE A CD2 1 
ATOM   1317 C  CE1 . PHE A 1 175 ? 12.631  8.340   16.154  1.00 15.10 ? 172  PHE A CE1 1 
ATOM   1318 C  CE2 . PHE A 1 175 ? 14.465  8.963   17.675  1.00 15.23 ? 172  PHE A CE2 1 
ATOM   1319 C  CZ  . PHE A 1 175 ? 13.072  8.985   17.352  1.00 14.76 ? 172  PHE A CZ  1 
ATOM   1320 N  N   . ALA A 1 176 ? 18.490  8.654   15.074  1.00 16.63 ? 173  ALA A N   1 
ATOM   1321 C  CA  . ALA A 1 176 ? 19.333  9.473   15.908  1.00 17.41 ? 173  ALA A CA  1 
ATOM   1322 C  C   . ALA A 1 176 ? 19.869  10.668  15.114  1.00 18.92 ? 173  ALA A C   1 
ATOM   1323 O  O   . ALA A 1 176 ? 19.826  11.811  15.601  1.00 19.98 ? 173  ALA A O   1 
ATOM   1324 C  CB  . ALA A 1 176 ? 20.481  8.641   16.465  1.00 17.13 ? 173  ALA A CB  1 
ATOM   1325 N  N   . ALA A 1 177 ? 20.335  10.426  13.884  1.00 18.52 ? 174  ALA A N   1 
ATOM   1326 C  CA  . ALA A 1 177 ? 20.886  11.523  13.084  1.00 17.50 ? 174  ALA A CA  1 
ATOM   1327 C  C   . ALA A 1 177 ? 19.797  12.469  12.596  1.00 17.50 ? 174  ALA A C   1 
ATOM   1328 O  O   . ALA A 1 177 ? 20.054  13.661  12.412  1.00 18.52 ? 174  ALA A O   1 
ATOM   1329 C  CB  . ALA A 1 177 ? 21.729  10.989  11.889  1.00 16.86 ? 174  ALA A CB  1 
ATOM   1330 N  N   . ALA A 1 178 ? 18.579  11.938  12.419  1.00 17.05 ? 175  ALA A N   1 
ATOM   1331 C  CA  . ALA A 1 178 ? 17.427  12.718  11.977  1.00 15.37 ? 175  ALA A CA  1 
ATOM   1332 C  C   . ALA A 1 178 ? 16.937  13.703  13.046  1.00 16.43 ? 175  ALA A C   1 
ATOM   1333 O  O   . ALA A 1 178 ? 16.220  14.622  12.711  1.00 15.75 ? 175  ALA A O   1 
ATOM   1334 C  CB  . ALA A 1 178 ? 16.306  11.809  11.624  1.00 16.68 ? 175  ALA A CB  1 
ATOM   1335 N  N   . HIS A 1 179 ? 17.280  13.447  14.320  1.00 15.19 ? 176  HIS A N   1 
ATOM   1336 C  CA  . HIS A 1 179 ? 16.949  14.290  15.458  1.00 15.82 ? 176  HIS A CA  1 
ATOM   1337 C  C   . HIS A 1 179 ? 18.100  15.194  15.922  1.00 16.93 ? 176  HIS A C   1 
ATOM   1338 O  O   . HIS A 1 179 ? 18.126  15.633  17.039  1.00 15.43 ? 176  HIS A O   1 
ATOM   1339 C  CB  . HIS A 1 179 ? 16.454  13.445  16.622  1.00 15.97 ? 176  HIS A CB  1 
ATOM   1340 C  CG  . HIS A 1 179 ? 15.124  12.828  16.353  1.00 18.19 ? 176  HIS A CG  1 
ATOM   1341 N  ND1 . HIS A 1 179 ? 14.978  11.706  15.565  1.00 18.08 ? 176  HIS A ND1 1 
ATOM   1342 C  CD2 . HIS A 1 179 ? 13.882  13.319  16.522  1.00 20.59 ? 176  HIS A CD2 1 
ATOM   1343 C  CE1 . HIS A 1 179 ? 13.718  11.547  15.243  1.00 17.95 ? 176  HIS A CE1 1 
ATOM   1344 N  NE2 . HIS A 1 179 ? 13.028  12.516  15.809  1.00 21.01 ? 176  HIS A NE2 1 
ATOM   1345 N  N   . GLY A 1 180 ? 19.076  15.411  15.050  1.00 19.07 ? 177  GLY A N   1 
ATOM   1346 C  CA  . GLY A 1 180 ? 20.169  16.319  15.340  1.00 20.88 ? 177  GLY A CA  1 
ATOM   1347 C  C   . GLY A 1 180 ? 21.470  15.808  15.894  1.00 21.56 ? 177  GLY A C   1 
ATOM   1348 O  O   . GLY A 1 180 ? 22.355  16.620  16.184  1.00 22.96 ? 177  GLY A O   1 
ATOM   1349 N  N   . LEU A 1 181 ? 21.596  14.500  16.072  1.00 21.82 ? 178  LEU A N   1 
ATOM   1350 C  CA  . LEU A 1 181 ? 22.841  13.958  16.623  1.00 22.45 ? 178  LEU A CA  1 
ATOM   1351 C  C   . LEU A 1 181 ? 23.781  13.761  15.481  1.00 23.25 ? 178  LEU A C   1 
ATOM   1352 O  O   . LEU A 1 181 ? 23.360  13.397  14.363  1.00 21.47 ? 178  LEU A O   1 
ATOM   1353 C  CB  . LEU A 1 181 ? 22.635  12.613  17.295  1.00 23.17 ? 178  LEU A CB  1 
ATOM   1354 C  CG  . LEU A 1 181 ? 22.338  12.650  18.801  1.00 25.65 ? 178  LEU A CG  1 
ATOM   1355 C  CD1 . LEU A 1 181 ? 21.155  13.574  19.059  1.00 24.26 ? 178  LEU A CD1 1 
ATOM   1356 C  CD2 . LEU A 1 181 ? 22.070  11.238  19.321  1.00 24.95 ? 178  LEU A CD2 1 
ATOM   1357 N  N   . CYS A 1 182 ? 25.059  13.965  15.774  1.00 23.04 ? 179  CYS A N   1 
ATOM   1358 C  CA  . CYS A 1 182 ? 26.086  13.862  14.766  1.00 24.87 ? 179  CYS A CA  1 
ATOM   1359 C  C   . CYS A 1 182 ? 26.950  12.645  14.900  1.00 25.68 ? 179  CYS A C   1 
ATOM   1360 O  O   . CYS A 1 182 ? 27.738  12.533  15.857  1.00 23.77 ? 179  CYS A O   1 
ATOM   1361 C  CB  . CYS A 1 182 ? 26.964  15.094  14.780  1.00 25.10 ? 179  CYS A CB  1 
ATOM   1362 S  SG  . CYS A 1 182 ? 26.122  16.504  14.130  1.00 29.40 ? 179  CYS A SG  1 
ATOM   1363 N  N   . LEU A 1 183 ? 26.802  11.753  13.930  1.00 25.30 ? 180  LEU A N   1 
ATOM   1364 C  CA  . LEU A 1 183 ? 27.584  10.546  13.914  1.00 29.99 ? 180  LEU A CA  1 
ATOM   1365 C  C   . LEU A 1 183 ? 28.814  10.781  13.089  1.00 31.42 ? 180  LEU A C   1 
ATOM   1366 O  O   . LEU A 1 183 ? 28.791  11.781  12.334  1.00 34.15 ? 180  LEU A O   1 
ATOM   1367 C  CB  . LEU A 1 183 ? 26.774  9.384   13.349  1.00 30.38 ? 180  LEU A CB  1 
ATOM   1368 C  CG  . LEU A 1 183 ? 25.919  8.896   14.526  1.00 31.66 ? 180  LEU A CG  1 
ATOM   1369 C  CD1 . LEU A 1 183 ? 24.471  9.215   14.256  1.00 30.75 ? 180  LEU A CD1 1 
ATOM   1370 C  CD2 . LEU A 1 183 ? 26.164  7.398   14.790  1.00 31.09 ? 180  LEU A CD2 1 
ATOM   1371 N  N   . ALA A 1 184 ? 29.776  9.995   13.231  1.00 33.36 ? 181  ALA A N   1 
HETATM 1372 CS CS  . CS  B 2 .   ? 2.864   -9.744  2.645   0.30 19.26 ? 1181 CS  A CS  1 
HETATM 1373 CS CS  . CS  C 2 .   ? 12.773  9.084   -7.582  0.30 32.28 ? 1182 CS  A CS  1 
HETATM 1374 CS CS  . CS  D 2 .   ? -20.352 -10.688 -8.114  0.30 35.64 ? 1183 CS  A CS  1 
HETATM 1375 CS CS  . CS  E 2 .   ? 17.397  4.426   -1.208  0.30 48.91 ? 1184 CS  A CS  1 
HETATM 1376 CS CS  . CS  F 2 .   ? 1.811   -5.078  -19.319 0.30 57.60 ? 1185 CS  A CS  1 
HETATM 1377 CS CS  . CS  G 2 .   ? 0.975   -13.810 1.994   0.30 61.62 ? 1186 CS  A CS  1 
HETATM 1378 O  O   . HOH H 3 .   ? -3.507  -9.401  -22.871 1.00 39.82 ? 2001 HOH A O   1 
HETATM 1379 O  O   . HOH H 3 .   ? -10.770 7.379   -18.673 1.00 34.23 ? 2002 HOH A O   1 
HETATM 1380 O  O   . HOH H 3 .   ? -16.326 2.491   -19.563 1.00 23.77 ? 2003 HOH A O   1 
HETATM 1381 O  O   . HOH H 3 .   ? -20.550 1.642   -14.450 1.00 30.11 ? 2004 HOH A O   1 
HETATM 1382 O  O   . HOH H 3 .   ? -19.537 -18.089 -7.175  1.00 34.60 ? 2005 HOH A O   1 
HETATM 1383 O  O   . HOH H 3 .   ? -3.326  -19.838 -16.698 1.00 26.24 ? 2006 HOH A O   1 
HETATM 1384 O  O   . HOH H 3 .   ? -10.345 -4.783  13.572  1.00 54.41 ? 2007 HOH A O   1 
HETATM 1385 O  O   . HOH H 3 .   ? -2.192  -2.280  -17.247 1.00 33.33 ? 2008 HOH A O   1 
HETATM 1386 O  O   . HOH H 3 .   ? -1.116  16.600  5.224   1.00 36.22 ? 2009 HOH A O   1 
HETATM 1387 O  O   . HOH H 3 .   ? -12.375 -15.761 -1.599  1.00 36.97 ? 2010 HOH A O   1 
HETATM 1388 O  O   . HOH H 3 .   ? -3.342  -0.121  16.917  1.00 21.37 ? 2011 HOH A O   1 
HETATM 1389 O  O   . HOH H 3 .   ? -8.032  -17.736 -0.812  1.00 31.88 ? 2012 HOH A O   1 
HETATM 1390 O  O   . HOH H 3 .   ? -4.612  -13.496 -5.264  1.00 32.24 ? 2013 HOH A O   1 
HETATM 1391 O  O   . HOH H 3 .   ? 1.531   -10.565 -15.358 1.00 22.05 ? 2014 HOH A O   1 
HETATM 1392 O  O   . HOH H 3 .   ? 1.408   1.558   23.884  0.50 22.07 ? 2015 HOH A O   1 
HETATM 1393 O  O   . HOH H 3 .   ? 18.038  3.297   7.766   1.00 29.72 ? 2016 HOH A O   1 
HETATM 1394 O  O   . HOH H 3 .   ? -5.921  8.404   -13.687 1.00 38.59 ? 2017 HOH A O   1 
HETATM 1395 O  O   . HOH H 3 .   ? 19.295  6.635   6.256   1.00 18.98 ? 2018 HOH A O   1 
HETATM 1396 O  O   . HOH H 3 .   ? 20.760  8.825   7.741   1.00 17.63 ? 2019 HOH A O   1 
HETATM 1397 O  O   . HOH H 3 .   ? -13.928 -8.731  8.598   1.00 21.51 ? 2020 HOH A O   1 
HETATM 1398 O  O   . HOH H 3 .   ? -9.903  -12.357 4.192   1.00 25.52 ? 2021 HOH A O   1 
HETATM 1399 O  O   . HOH H 3 .   ? 6.410   -12.960 -6.368  1.00 24.17 ? 2022 HOH A O   1 
HETATM 1400 O  O   . HOH H 3 .   ? -6.078  8.956   -0.700  1.00 19.23 ? 2023 HOH A O   1 
HETATM 1401 O  O   . HOH H 3 .   ? -8.459  8.075   2.249   1.00 20.89 ? 2024 HOH A O   1 
HETATM 1402 O  O   . HOH H 3 .   ? -15.112 3.899   2.882   1.00 22.18 ? 2025 HOH A O   1 
HETATM 1403 O  O   . HOH H 3 .   ? -7.520  -2.934  14.969  1.00 33.17 ? 2026 HOH A O   1 
HETATM 1404 O  O   . HOH H 3 .   ? -10.050 -8.536  10.503  1.00 22.57 ? 2027 HOH A O   1 
HETATM 1405 O  O   . HOH H 3 .   ? -4.816  -8.397  6.929   1.00 21.20 ? 2028 HOH A O   1 
HETATM 1406 O  O   . HOH H 3 .   ? -2.240  -8.661  5.893   1.00 14.75 ? 2029 HOH A O   1 
HETATM 1407 O  O   . HOH H 3 .   ? -0.694  -11.502 4.057   1.00 31.79 ? 2030 HOH A O   1 
HETATM 1408 O  O   . HOH H 3 .   ? -4.463  -12.061 5.852   1.00 21.20 ? 2031 HOH A O   1 
HETATM 1409 O  O   . HOH H 3 .   ? 2.595   -17.217 -1.843  1.00 19.72 ? 2032 HOH A O   1 
HETATM 1410 O  O   . HOH H 3 .   ? 5.146   -9.835  -0.230  1.00 29.65 ? 2033 HOH A O   1 
HETATM 1411 O  O   . HOH H 3 .   ? 4.647   -2.549  -10.933 1.00 19.27 ? 2034 HOH A O   1 
HETATM 1412 O  O   . HOH H 3 .   ? 9.728   0.721   -7.559  1.00 22.77 ? 2035 HOH A O   1 
HETATM 1413 O  O   . HOH H 3 .   ? -9.718  -1.158  14.295  1.00 31.17 ? 2036 HOH A O   1 
HETATM 1414 O  O   . HOH H 3 .   ? -5.352  -5.713  8.821   1.00 31.29 ? 2037 HOH A O   1 
HETATM 1415 O  O   . HOH H 3 .   ? -3.359  -8.576  9.947   1.00 25.06 ? 2038 HOH A O   1 
HETATM 1416 O  O   . HOH H 3 .   ? 0.815   -13.650 8.176   1.00 27.81 ? 2039 HOH A O   1 
HETATM 1417 O  O   . HOH H 3 .   ? 6.607   -5.748  -3.816  1.00 32.89 ? 2040 HOH A O   1 
HETATM 1418 O  O   . HOH H 3 .   ? 12.215  5.915   -6.927  1.00 37.37 ? 2041 HOH A O   1 
HETATM 1419 O  O   . HOH H 3 .   ? 17.118  4.533   -4.440  1.00 24.50 ? 2042 HOH A O   1 
HETATM 1420 O  O   . HOH H 3 .   ? 11.018  3.322   -8.232  1.00 44.69 ? 2043 HOH A O   1 
HETATM 1421 O  O   . HOH H 3 .   ? 13.826  7.499   -3.873  1.00 28.52 ? 2044 HOH A O   1 
HETATM 1422 O  O   . HOH H 3 .   ? -1.080  15.660  7.610   1.00 26.42 ? 2045 HOH A O   1 
HETATM 1423 O  O   . HOH H 3 .   ? -7.344  4.060   11.586  1.00 32.37 ? 2046 HOH A O   1 
HETATM 1424 O  O   . HOH H 3 .   ? -4.317  -1.147  19.803  1.00 31.58 ? 2047 HOH A O   1 
HETATM 1425 O  O   . HOH H 3 .   ? 0.131   -5.032  21.449  1.00 24.62 ? 2048 HOH A O   1 
HETATM 1426 O  O   . HOH H 3 .   ? 12.140  -2.058  -4.455  1.00 16.34 ? 2049 HOH A O   1 
HETATM 1427 O  O   . HOH H 3 .   ? 9.385   8.845   3.782   1.00 18.41 ? 2050 HOH A O   1 
HETATM 1428 O  O   . HOH H 3 .   ? 9.945   11.517  1.037   1.00 20.46 ? 2051 HOH A O   1 
HETATM 1429 O  O   . HOH H 3 .   ? 1.365   11.956  -4.675  1.00 27.85 ? 2052 HOH A O   1 
HETATM 1430 O  O   . HOH H 3 .   ? 7.436   13.203  3.849   1.00 23.30 ? 2053 HOH A O   1 
HETATM 1431 O  O   . HOH H 3 .   ? 2.328   11.031  11.971  1.00 21.97 ? 2054 HOH A O   1 
HETATM 1432 O  O   . HOH H 3 .   ? -0.520  0.863   17.758  1.00 23.61 ? 2055 HOH A O   1 
HETATM 1433 O  O   . HOH H 3 .   ? 4.043   0.379   22.104  1.00 27.64 ? 2056 HOH A O   1 
HETATM 1434 O  O   . HOH H 3 .   ? 17.795  4.167   3.411   1.00 26.49 ? 2057 HOH A O   1 
HETATM 1435 O  O   . HOH H 3 .   ? 16.624  2.300   5.928   1.00 19.57 ? 2058 HOH A O   1 
HETATM 1436 O  O   . HOH H 3 .   ? 12.506  11.032  0.404   1.00 19.05 ? 2059 HOH A O   1 
HETATM 1437 O  O   . HOH H 3 .   ? 11.024  6.646   3.675   1.00 17.49 ? 2060 HOH A O   1 
HETATM 1438 O  O   . HOH H 3 .   ? 15.406  12.049  3.475   1.00 20.73 ? 2061 HOH A O   1 
HETATM 1439 O  O   . HOH H 3 .   ? 17.055  6.173   7.100   1.00 22.38 ? 2062 HOH A O   1 
HETATM 1440 O  O   . HOH H 3 .   ? 9.159   10.751  14.454  1.00 27.12 ? 2063 HOH A O   1 
HETATM 1441 O  O   . HOH H 3 .   ? 15.839  14.450  5.445   1.00 31.61 ? 2064 HOH A O   1 
HETATM 1442 O  O   . HOH H 3 .   ? 4.294   14.307  10.743  1.00 16.87 ? 2065 HOH A O   1 
HETATM 1443 O  O   . HOH H 3 .   ? 7.206   8.539   17.812  1.00 23.89 ? 2066 HOH A O   1 
HETATM 1444 O  O   . HOH H 3 .   ? 6.679   -2.760  19.636  1.00 27.24 ? 2067 HOH A O   1 
HETATM 1445 O  O   . HOH H 3 .   ? 12.089  -4.987  16.929  1.00 26.95 ? 2068 HOH A O   1 
HETATM 1446 O  O   . HOH H 3 .   ? 20.355  -4.550  13.482  1.00 23.96 ? 2069 HOH A O   1 
HETATM 1447 O  O   . HOH H 3 .   ? 20.901  -3.008  10.942  1.00 29.53 ? 2070 HOH A O   1 
HETATM 1448 O  O   . HOH H 3 .   ? 22.165  5.092   9.589   1.00 27.59 ? 2071 HOH A O   1 
HETATM 1449 O  O   . HOH H 3 .   ? 19.232  9.842   9.160   1.00 20.48 ? 2072 HOH A O   1 
HETATM 1450 O  O   . HOH H 3 .   ? 19.547  16.510  10.830  1.00 36.64 ? 2073 HOH A O   1 
HETATM 1451 O  O   . HOH H 3 .   ? 24.609  12.893  11.623  1.00 31.54 ? 2074 HOH A O   1 
HETATM 1452 O  O   . HOH H 3 .   ? 22.777  14.917  12.064  1.00 23.93 ? 2075 HOH A O   1 
# 
